data_8FZ7
#
_entry.id   8FZ7
#
_cell.length_a   1.00
_cell.length_b   1.00
_cell.length_c   1.00
_cell.angle_alpha   90.00
_cell.angle_beta   90.00
_cell.angle_gamma   90.00
#
_symmetry.space_group_name_H-M   'P 1'
#
loop_
_entity.id
_entity.type
_entity.pdbx_description
1 polymer 'Calcium-gated potassium channel MthK'
2 non-polymer '(1R)-2-{[(S)-{[(2S)-2,3-dihydroxypropyl]oxy}(hydroxy)phosphoryl]oxy}-1-[(hexadecanoyloxy)methyl]ethyl (9Z)-octadec-9-enoate'
3 non-polymer 1-(tripentyl-$l^{4}-azanyl)pentane
4 non-polymer 'POTASSIUM ION'
#
_entity_poly.entity_id   1
_entity_poly.type   'polypeptide(L)'
_entity_poly.pdbx_seq_one_letter_code
;MVLVIEIIRKHLPRVLKVPATRILLLVLAVIIYGTAGFHFIEGESWTVSLYWTFVTIATVGYGDYSPSTPLGMYFTVTLI
VLGIGTFFVAVERLLEFLINREQMKLMGLIDVAKSRHVVICGWSESTLECLRELRGSEVFVLAEDENVRKKVLRSGANFV
HGDPTRVSDLEKANVRGARAVIVDLESDSETIHCILGIRKIDESVRIIAEAERYENIEQLRMAGADQVISPFVISGRLMS
RSIDDGYEAMFVQDVLAEESTRRMVEVPIPEGSKLEGVSVLDADIHDVTGVIIIGVGRGDELIIDPPRDYSFRAGDIILG
IGKPEEIERLKNYISA
;
_entity_poly.pdbx_strand_id   A,C,E,G,B,D,F,H
#
# COMPACT_ATOMS: atom_id res chain seq x y z
N ALA A 20 -0.92 -34.90 -7.76
CA ALA A 20 -0.01 -35.54 -6.82
C ALA A 20 0.42 -36.92 -7.33
N THR A 21 -0.03 -37.96 -6.64
CA THR A 21 0.31 -39.33 -7.01
C THR A 21 -0.67 -39.97 -7.99
N ARG A 22 -1.78 -39.30 -8.32
CA ARG A 22 -2.75 -39.84 -9.27
C ARG A 22 -2.19 -39.92 -10.68
N ILE A 23 -1.16 -39.14 -10.99
CA ILE A 23 -0.55 -39.19 -12.32
C ILE A 23 0.12 -40.55 -12.54
N LEU A 24 0.84 -41.05 -11.53
CA LEU A 24 1.53 -42.33 -11.68
C LEU A 24 0.55 -43.48 -11.91
N LEU A 25 -0.58 -43.45 -11.19
CA LEU A 25 -1.60 -44.46 -11.38
C LEU A 25 -2.18 -44.39 -12.79
N LEU A 26 -2.38 -43.16 -13.32
CA LEU A 26 -2.92 -43.06 -14.67
C LEU A 26 -1.93 -43.57 -15.73
N VAL A 27 -0.63 -43.32 -15.52
CA VAL A 27 0.39 -43.78 -16.45
C VAL A 27 0.41 -45.30 -16.51
N LEU A 28 0.36 -45.96 -15.35
CA LEU A 28 0.33 -47.42 -15.38
C LEU A 28 -0.99 -47.97 -15.91
N ALA A 29 -2.10 -47.20 -15.79
CA ALA A 29 -3.39 -47.68 -16.27
C ALA A 29 -3.36 -47.81 -17.79
N VAL A 30 -2.78 -46.82 -18.46
CA VAL A 30 -2.79 -46.89 -19.91
C VAL A 30 -1.78 -47.90 -20.40
N ILE A 31 -0.74 -48.20 -19.60
CA ILE A 31 0.22 -49.21 -20.01
C ILE A 31 -0.44 -50.59 -20.05
N ILE A 32 -1.24 -50.90 -19.02
CA ILE A 32 -1.94 -52.19 -18.97
C ILE A 32 -2.92 -52.32 -20.14
N TYR A 33 -3.67 -51.25 -20.44
CA TYR A 33 -4.62 -51.33 -21.55
C TYR A 33 -3.91 -51.56 -22.90
N GLY A 34 -2.81 -50.86 -23.16
CA GLY A 34 -2.09 -51.06 -24.41
C GLY A 34 -1.44 -52.42 -24.54
N THR A 35 -0.83 -52.92 -23.47
CA THR A 35 -0.13 -54.20 -23.52
C THR A 35 -1.14 -55.34 -23.67
N ALA A 36 -2.22 -55.34 -22.90
CA ALA A 36 -3.18 -56.44 -22.98
C ALA A 36 -3.87 -56.49 -24.36
N GLY A 37 -4.27 -55.32 -24.88
CA GLY A 37 -4.97 -55.32 -26.15
C GLY A 37 -4.09 -55.80 -27.29
N PHE A 38 -2.83 -55.34 -27.32
CA PHE A 38 -1.97 -55.78 -28.42
C PHE A 38 -1.62 -57.25 -28.32
N HIS A 39 -1.52 -57.77 -27.09
CA HIS A 39 -1.13 -59.17 -26.88
C HIS A 39 -2.22 -60.10 -27.39
N PHE A 40 -3.48 -59.80 -27.09
CA PHE A 40 -4.56 -60.73 -27.40
C PHE A 40 -5.22 -60.47 -28.76
N ILE A 41 -4.75 -59.47 -29.50
CA ILE A 41 -5.28 -59.16 -30.82
C ILE A 41 -4.28 -59.53 -31.92
N GLU A 42 -3.02 -59.11 -31.78
CA GLU A 42 -2.01 -59.44 -32.77
C GLU A 42 -1.27 -60.75 -32.49
N GLY A 43 -1.51 -61.37 -31.34
CA GLY A 43 -0.90 -62.65 -31.05
C GLY A 43 0.56 -62.61 -30.70
N GLU A 44 1.09 -61.44 -30.40
CA GLU A 44 2.49 -61.29 -30.05
C GLU A 44 2.70 -61.69 -28.59
N SER A 45 3.96 -61.90 -28.23
CA SER A 45 4.31 -62.30 -26.88
C SER A 45 4.18 -61.12 -25.91
N TRP A 46 4.18 -61.44 -24.62
CA TRP A 46 4.09 -60.39 -23.60
C TRP A 46 5.30 -59.47 -23.64
N THR A 47 6.50 -60.02 -23.83
CA THR A 47 7.70 -59.17 -23.90
C THR A 47 7.71 -58.28 -25.14
N VAL A 48 6.95 -58.66 -26.15
CA VAL A 48 6.82 -57.83 -27.33
C VAL A 48 5.72 -56.81 -27.15
N SER A 49 4.61 -57.18 -26.54
CA SER A 49 3.53 -56.22 -26.31
C SER A 49 3.98 -55.10 -25.37
N LEU A 50 4.72 -55.43 -24.32
CA LEU A 50 5.30 -54.42 -23.44
C LEU A 50 6.30 -53.53 -24.20
N TYR A 51 7.13 -54.14 -25.06
CA TYR A 51 8.03 -53.33 -25.86
C TYR A 51 7.28 -52.42 -26.84
N TRP A 52 6.22 -52.92 -27.47
CA TRP A 52 5.45 -52.11 -28.42
C TRP A 52 4.68 -50.99 -27.72
N THR A 53 4.22 -51.23 -26.50
CA THR A 53 3.49 -50.20 -25.79
C THR A 53 4.42 -49.04 -25.46
N PHE A 54 5.66 -49.36 -25.05
CA PHE A 54 6.57 -48.28 -24.68
C PHE A 54 7.08 -47.53 -25.90
N VAL A 55 7.15 -48.18 -27.07
CA VAL A 55 7.60 -47.47 -28.27
C VAL A 55 6.46 -46.76 -28.99
N THR A 56 5.23 -46.90 -28.51
CA THR A 56 4.09 -46.18 -29.07
C THR A 56 3.69 -44.97 -28.23
N ILE A 57 3.68 -45.11 -26.90
CA ILE A 57 3.38 -43.96 -26.05
C ILE A 57 4.46 -42.89 -26.17
N ALA A 58 5.73 -43.30 -26.19
CA ALA A 58 6.84 -42.38 -26.35
C ALA A 58 6.97 -41.84 -27.78
N THR A 59 6.17 -42.35 -28.71
CA THR A 59 6.16 -41.91 -30.10
C THR A 59 7.52 -42.07 -30.77
N VAL A 60 8.25 -43.10 -30.35
CA VAL A 60 9.50 -43.45 -31.04
C VAL A 60 9.18 -44.03 -32.41
N GLY A 61 8.24 -44.97 -32.46
CA GLY A 61 7.75 -45.50 -33.72
C GLY A 61 8.77 -46.20 -34.59
N TYR A 62 9.29 -47.34 -34.12
CA TYR A 62 10.17 -48.14 -34.97
C TYR A 62 9.44 -48.68 -36.19
N GLY A 63 8.18 -49.10 -36.00
CA GLY A 63 7.38 -49.58 -37.11
C GLY A 63 7.63 -51.01 -37.54
N ASP A 64 8.37 -51.78 -36.75
CA ASP A 64 8.65 -53.17 -37.11
C ASP A 64 7.58 -54.14 -36.65
N TYR A 65 6.59 -53.68 -35.89
CA TYR A 65 5.49 -54.52 -35.41
C TYR A 65 4.16 -53.80 -35.59
N SER A 66 3.97 -53.22 -36.78
CA SER A 66 2.74 -52.49 -37.05
C SER A 66 1.56 -53.46 -37.12
N PRO A 67 0.39 -53.09 -36.58
CA PRO A 67 -0.78 -53.96 -36.62
C PRO A 67 -1.47 -53.91 -37.98
N SER A 68 -1.39 -55.04 -38.72
CA SER A 68 -2.04 -55.11 -40.02
C SER A 68 -3.55 -55.27 -39.90
N THR A 69 -4.03 -55.87 -38.81
CA THR A 69 -5.45 -56.09 -38.63
C THR A 69 -6.18 -54.75 -38.50
N PRO A 70 -7.27 -54.53 -39.24
CA PRO A 70 -8.01 -53.26 -39.09
C PRO A 70 -8.55 -53.02 -37.67
N LEU A 71 -8.93 -54.08 -36.97
CA LEU A 71 -9.34 -53.93 -35.58
C LEU A 71 -8.17 -53.43 -34.73
N GLY A 72 -6.96 -53.95 -35.00
CA GLY A 72 -5.81 -53.43 -34.29
C GLY A 72 -5.51 -51.98 -34.59
N MET A 73 -5.80 -51.53 -35.81
CA MET A 73 -5.60 -50.14 -36.16
C MET A 73 -6.50 -49.24 -35.32
N TYR A 74 -7.75 -49.63 -35.13
CA TYR A 74 -8.60 -48.84 -34.23
C TYR A 74 -8.12 -48.93 -32.78
N PHE A 75 -7.51 -50.04 -32.40
CA PHE A 75 -6.93 -50.14 -31.06
C PHE A 75 -5.77 -49.18 -30.88
N THR A 76 -5.01 -48.96 -31.95
CA THR A 76 -3.94 -47.97 -31.88
C THR A 76 -4.50 -46.56 -31.80
N VAL A 77 -5.62 -46.29 -32.46
CA VAL A 77 -6.18 -44.94 -32.46
C VAL A 77 -6.58 -44.54 -31.04
N THR A 78 -7.29 -45.43 -30.35
CA THR A 78 -7.67 -45.13 -28.96
C THR A 78 -6.46 -45.14 -28.03
N LEU A 79 -5.45 -45.95 -28.32
CA LEU A 79 -4.22 -45.92 -27.52
C LEU A 79 -3.47 -44.59 -27.71
N ILE A 80 -3.44 -44.07 -28.93
CA ILE A 80 -2.80 -42.79 -29.21
C ILE A 80 -3.54 -41.66 -28.50
N VAL A 81 -4.86 -41.70 -28.51
CA VAL A 81 -5.65 -40.66 -27.84
C VAL A 81 -5.35 -40.65 -26.35
N LEU A 82 -5.27 -41.82 -25.74
CA LEU A 82 -4.88 -41.89 -24.32
C LEU A 82 -3.43 -41.44 -24.10
N GLY A 83 -2.53 -41.74 -25.03
CA GLY A 83 -1.15 -41.27 -24.91
C GLY A 83 -1.04 -39.76 -24.94
N ILE A 84 -1.80 -39.11 -25.81
CA ILE A 84 -1.81 -37.65 -25.85
C ILE A 84 -2.45 -37.10 -24.57
N GLY A 85 -3.52 -37.73 -24.09
CA GLY A 85 -4.14 -37.24 -22.87
C GLY A 85 -3.22 -37.32 -21.66
N THR A 86 -2.48 -38.44 -21.53
CA THR A 86 -1.57 -38.57 -20.41
C THR A 86 -0.41 -37.59 -20.53
N PHE A 87 -0.08 -37.15 -21.74
CA PHE A 87 1.01 -36.19 -21.85
C PHE A 87 0.55 -34.80 -21.42
N PHE A 88 -0.70 -34.47 -21.72
CA PHE A 88 -1.21 -33.15 -21.36
C PHE A 88 -1.47 -33.04 -19.86
N VAL A 89 -1.91 -34.11 -19.21
CA VAL A 89 -2.09 -34.05 -17.76
C VAL A 89 -0.74 -33.96 -17.04
N ALA A 90 0.30 -34.60 -17.59
CA ALA A 90 1.64 -34.46 -17.02
C ALA A 90 2.15 -33.03 -17.12
N VAL A 91 1.92 -32.37 -18.25
CA VAL A 91 2.28 -30.96 -18.36
C VAL A 91 1.38 -30.07 -17.49
N GLU A 92 0.09 -30.40 -17.36
CA GLU A 92 -0.81 -29.64 -16.50
C GLU A 92 -0.37 -29.68 -15.04
N ARG A 93 0.06 -30.84 -14.56
CA ARG A 93 0.51 -30.94 -13.17
C ARG A 93 1.88 -30.29 -13.00
N LEU A 94 2.78 -30.45 -13.97
CA LEU A 94 4.10 -29.84 -13.84
C LEU A 94 4.01 -28.32 -13.82
N LEU A 95 3.19 -27.75 -14.70
CA LEU A 95 3.04 -26.29 -14.75
C LEU A 95 2.43 -25.78 -13.45
N GLU A 96 1.41 -26.48 -12.93
CA GLU A 96 0.79 -25.99 -11.69
C GLU A 96 1.77 -26.03 -10.52
N PHE A 97 2.60 -27.08 -10.44
CA PHE A 97 3.58 -27.18 -9.37
C PHE A 97 4.62 -26.08 -9.46
N LEU A 98 5.09 -25.76 -10.66
CA LEU A 98 6.15 -24.76 -10.78
C LEU A 98 5.61 -23.35 -10.55
N ILE A 99 4.44 -23.03 -11.09
CA ILE A 99 3.89 -21.70 -10.91
C ILE A 99 3.57 -21.44 -9.44
N ASN A 100 2.98 -22.42 -8.75
CA ASN A 100 2.67 -22.24 -7.34
C ASN A 100 3.95 -22.09 -6.51
N ARG A 101 4.97 -22.89 -6.79
CA ARG A 101 6.19 -22.82 -6.00
C ARG A 101 6.89 -21.49 -6.18
N GLU A 102 6.96 -20.98 -7.41
CA GLU A 102 7.64 -19.71 -7.65
C GLU A 102 6.89 -18.54 -7.03
N GLN A 103 5.56 -18.57 -7.04
CA GLN A 103 4.80 -17.50 -6.39
C GLN A 103 5.02 -17.50 -4.89
N MET A 104 5.07 -18.69 -4.27
CA MET A 104 5.33 -18.75 -2.83
C MET A 104 6.74 -18.25 -2.50
N LYS A 105 7.75 -18.76 -3.22
CA LYS A 105 9.13 -18.41 -2.92
C LYS A 105 9.41 -16.92 -3.16
N LEU A 106 8.70 -16.29 -4.08
CA LEU A 106 8.95 -14.89 -4.38
C LEU A 106 8.69 -14.00 -3.17
N MET A 107 7.62 -14.26 -2.44
CA MET A 107 7.24 -13.46 -1.28
C MET A 107 7.55 -14.16 0.04
N GLY A 108 8.66 -14.89 0.11
CA GLY A 108 9.05 -15.59 1.31
C GLY A 108 8.27 -16.88 1.49
N LEU A 109 7.55 -17.02 2.60
CA LEU A 109 6.65 -18.14 2.82
C LEU A 109 7.35 -19.48 2.64
N ILE A 110 8.60 -19.55 3.05
CA ILE A 110 9.43 -20.74 2.90
C ILE A 110 10.15 -21.02 4.20
N ASP A 111 10.61 -22.25 4.35
CA ASP A 111 11.32 -22.70 5.55
C ASP A 111 12.79 -22.88 5.23
N VAL A 112 13.66 -22.33 6.07
CA VAL A 112 15.09 -22.42 5.86
C VAL A 112 15.57 -23.82 6.22
N ALA A 113 16.34 -24.43 5.33
CA ALA A 113 16.87 -25.76 5.55
C ALA A 113 18.36 -25.77 5.88
N LYS A 114 19.01 -24.62 5.91
CA LYS A 114 20.43 -24.55 6.22
C LYS A 114 20.67 -24.83 7.70
N SER A 115 21.93 -25.13 8.03
CA SER A 115 22.30 -25.46 9.40
C SER A 115 23.54 -24.73 9.89
N ARG A 116 24.09 -23.80 9.11
CA ARG A 116 25.21 -22.98 9.57
C ARG A 116 25.06 -21.55 9.09
N HIS A 117 23.83 -21.08 8.93
CA HIS A 117 23.53 -19.77 8.41
C HIS A 117 23.54 -18.73 9.53
N VAL A 118 23.36 -17.47 9.16
CA VAL A 118 23.25 -16.35 10.09
C VAL A 118 21.90 -15.70 9.89
N VAL A 119 21.15 -15.56 10.97
CA VAL A 119 19.81 -15.00 10.94
C VAL A 119 19.85 -13.56 11.43
N ILE A 120 19.27 -12.65 10.67
CA ILE A 120 19.20 -11.24 11.02
C ILE A 120 17.74 -10.86 11.19
N CYS A 121 17.40 -10.35 12.37
CA CYS A 121 16.05 -9.90 12.66
C CYS A 121 15.98 -8.39 12.50
N GLY A 122 15.12 -7.93 11.60
CA GLY A 122 15.03 -6.51 11.30
C GLY A 122 16.00 -6.09 10.21
N TRP A 123 15.83 -4.86 9.75
CA TRP A 123 16.65 -4.32 8.68
C TRP A 123 16.86 -2.83 8.90
N SER A 124 18.12 -2.40 8.86
CA SER A 124 18.48 -1.00 9.02
C SER A 124 19.81 -0.78 8.31
N GLU A 125 20.41 0.41 8.53
CA GLU A 125 21.70 0.70 7.91
C GLU A 125 22.83 -0.11 8.55
N SER A 126 22.77 -0.35 9.86
CA SER A 126 23.81 -1.13 10.52
C SER A 126 23.82 -2.57 10.02
N THR A 127 22.64 -3.14 9.81
CA THR A 127 22.59 -4.49 9.29
C THR A 127 23.07 -4.54 7.85
N LEU A 128 22.96 -3.43 7.12
CA LEU A 128 23.53 -3.40 5.77
C LEU A 128 25.04 -3.37 5.80
N GLU A 129 25.61 -2.70 6.82
CA GLU A 129 27.06 -2.62 6.94
C GLU A 129 27.67 -3.99 7.21
N CYS A 130 27.02 -4.78 8.05
CA CYS A 130 27.59 -6.11 8.36
C CYS A 130 27.45 -7.12 7.24
N LEU A 131 26.59 -6.90 6.26
CA LEU A 131 26.48 -7.76 5.09
C LEU A 131 27.66 -7.61 4.14
N ARG A 132 28.31 -6.47 4.13
CA ARG A 132 29.47 -6.26 3.26
C ARG A 132 30.68 -7.06 3.70
N GLU A 133 30.66 -7.64 4.90
CA GLU A 133 31.75 -8.46 5.39
C GLU A 133 31.35 -9.91 5.59
N LEU A 134 30.20 -10.33 5.05
CA LEU A 134 29.71 -11.68 5.15
C LEU A 134 29.22 -12.16 3.79
N ARG A 135 28.98 -13.47 3.69
CA ARG A 135 28.47 -14.04 2.47
C ARG A 135 27.00 -13.69 2.28
N GLY A 136 26.54 -13.80 1.04
CA GLY A 136 25.17 -13.46 0.72
C GLY A 136 24.20 -14.60 0.89
N SER A 137 24.54 -15.77 0.35
CA SER A 137 23.68 -16.94 0.47
C SER A 137 23.67 -17.53 1.86
N GLU A 138 24.58 -17.11 2.74
CA GLU A 138 24.66 -17.62 4.10
C GLU A 138 23.81 -16.84 5.08
N VAL A 139 23.26 -15.70 4.68
CA VAL A 139 22.52 -14.81 5.58
C VAL A 139 21.06 -14.81 5.18
N PHE A 140 20.18 -15.02 6.16
CA PHE A 140 18.74 -14.97 5.98
C PHE A 140 18.18 -13.82 6.82
N VAL A 141 17.34 -12.99 6.21
CA VAL A 141 16.76 -11.83 6.87
C VAL A 141 15.29 -12.13 7.15
N LEU A 142 14.90 -12.00 8.41
CA LEU A 142 13.53 -12.26 8.86
C LEU A 142 12.85 -10.92 9.11
N ALA A 143 11.92 -10.54 8.23
CA ALA A 143 11.20 -9.28 8.35
C ALA A 143 9.78 -9.49 7.86
N GLU A 144 8.99 -8.43 7.90
CA GLU A 144 7.59 -8.48 7.49
C GLU A 144 7.17 -7.36 6.55
N ASP A 145 7.92 -6.27 6.46
CA ASP A 145 7.56 -5.18 5.58
C ASP A 145 7.79 -5.57 4.12
N GLU A 146 6.99 -4.98 3.23
CA GLU A 146 7.09 -5.26 1.81
C GLU A 146 8.29 -4.58 1.17
N ASN A 147 8.63 -3.37 1.62
CA ASN A 147 9.75 -2.64 1.03
C ASN A 147 11.10 -3.24 1.44
N VAL A 148 11.16 -3.90 2.59
CA VAL A 148 12.41 -4.51 3.03
C VAL A 148 12.83 -5.64 2.09
N ARG A 149 11.87 -6.37 1.53
CA ARG A 149 12.20 -7.52 0.69
C ARG A 149 13.03 -7.10 -0.54
N LYS A 150 12.67 -5.99 -1.17
CA LYS A 150 13.45 -5.54 -2.33
C LYS A 150 14.86 -5.11 -1.94
N LYS A 151 15.04 -4.46 -0.78
CA LYS A 151 16.36 -4.05 -0.34
C LYS A 151 17.24 -5.26 -0.05
N VAL A 152 16.64 -6.30 0.55
CA VAL A 152 17.42 -7.47 0.88
C VAL A 152 17.88 -8.15 -0.39
N LEU A 153 16.98 -8.23 -1.39
CA LEU A 153 17.33 -8.95 -2.61
C LEU A 153 18.49 -8.25 -3.34
N ARG A 154 18.47 -6.92 -3.36
CA ARG A 154 19.56 -6.18 -4.02
C ARG A 154 20.88 -6.36 -3.31
N SER A 155 20.86 -6.71 -2.02
CA SER A 155 22.11 -6.93 -1.29
C SER A 155 22.68 -8.34 -1.45
N GLY A 156 21.94 -9.26 -2.06
CA GLY A 156 22.40 -10.61 -2.28
C GLY A 156 22.09 -11.59 -1.16
N ALA A 157 21.29 -11.19 -0.18
CA ALA A 157 20.91 -12.04 0.93
C ALA A 157 19.58 -12.72 0.62
N ASN A 158 19.10 -13.52 1.58
CA ASN A 158 17.84 -14.24 1.46
C ASN A 158 16.81 -13.64 2.39
N PHE A 159 15.56 -13.59 1.94
CA PHE A 159 14.47 -12.96 2.69
C PHE A 159 13.47 -14.02 3.13
N VAL A 160 13.11 -13.99 4.42
CA VAL A 160 12.10 -14.86 4.99
C VAL A 160 11.01 -13.99 5.59
N HIS A 161 9.77 -14.24 5.22
CA HIS A 161 8.65 -13.45 5.67
C HIS A 161 8.11 -14.00 6.98
N GLY A 162 8.11 -13.18 8.02
CA GLY A 162 7.63 -13.62 9.32
C GLY A 162 7.79 -12.51 10.33
N ASP A 163 7.24 -12.76 11.52
CA ASP A 163 7.32 -11.82 12.63
C ASP A 163 8.44 -12.25 13.56
N PRO A 164 9.50 -11.46 13.71
CA PRO A 164 10.59 -11.87 14.60
C PRO A 164 10.19 -12.03 16.05
N THR A 165 9.14 -11.34 16.51
CA THR A 165 8.69 -11.50 17.88
C THR A 165 7.84 -12.75 18.09
N ARG A 166 7.39 -13.40 17.02
CA ARG A 166 6.59 -14.61 17.11
C ARG A 166 7.52 -15.82 17.20
N VAL A 167 7.32 -16.68 18.19
CA VAL A 167 8.15 -17.88 18.35
C VAL A 167 7.95 -18.85 17.18
N SER A 168 6.72 -18.92 16.68
CA SER A 168 6.43 -19.79 15.55
C SER A 168 7.21 -19.35 14.32
N ASP A 169 7.31 -18.03 14.08
CA ASP A 169 8.09 -17.57 12.93
C ASP A 169 9.59 -17.63 13.16
N LEU A 170 10.03 -17.71 14.41
CA LEU A 170 11.45 -17.86 14.71
C LEU A 170 11.92 -19.26 14.39
N GLU A 171 11.00 -20.23 14.40
CA GLU A 171 11.38 -21.60 13.99
C GLU A 171 11.39 -21.78 12.48
N LYS A 172 10.68 -20.94 11.73
CA LYS A 172 10.72 -20.97 10.28
C LYS A 172 12.11 -20.62 9.76
N ALA A 173 12.75 -19.63 10.38
CA ALA A 173 14.10 -19.26 10.02
C ALA A 173 15.14 -20.25 10.52
N ASN A 174 14.74 -21.23 11.33
CA ASN A 174 15.62 -22.26 11.84
C ASN A 174 16.76 -21.66 12.67
N VAL A 175 16.38 -20.97 13.73
CA VAL A 175 17.36 -20.40 14.66
C VAL A 175 17.93 -21.44 15.61
N ARG A 176 17.34 -22.63 15.66
CA ARG A 176 17.86 -23.68 16.53
C ARG A 176 19.24 -24.13 16.08
N GLY A 177 19.44 -24.25 14.78
CA GLY A 177 20.73 -24.64 14.24
C GLY A 177 21.43 -23.52 13.49
N ALA A 178 21.37 -22.32 14.03
CA ALA A 178 21.97 -21.15 13.42
C ALA A 178 23.34 -20.87 14.02
N ARG A 179 24.25 -20.38 13.18
CA ARG A 179 25.58 -20.03 13.64
C ARG A 179 25.54 -18.85 14.60
N ALA A 180 24.77 -17.82 14.26
CA ALA A 180 24.61 -16.65 15.11
C ALA A 180 23.33 -15.94 14.72
N VAL A 181 22.81 -15.14 15.65
CA VAL A 181 21.59 -14.37 15.44
C VAL A 181 21.88 -12.91 15.78
N ILE A 182 21.49 -12.01 14.89
CA ILE A 182 21.66 -10.58 15.08
C ILE A 182 20.27 -9.95 15.15
N VAL A 183 20.01 -9.22 16.23
CA VAL A 183 18.71 -8.61 16.48
C VAL A 183 18.84 -7.10 16.41
N ASP A 184 18.08 -6.48 15.51
CA ASP A 184 18.04 -5.03 15.39
C ASP A 184 16.65 -4.66 14.86
N LEU A 185 15.76 -4.29 15.77
CA LEU A 185 14.38 -4.00 15.44
C LEU A 185 14.09 -2.51 15.63
N GLU A 186 12.84 -2.14 15.38
CA GLU A 186 12.46 -0.73 15.41
C GLU A 186 12.52 -0.13 16.81
N SER A 187 12.09 -0.89 17.81
CA SER A 187 12.03 -0.40 19.18
C SER A 187 12.74 -1.37 20.10
N ASP A 188 13.14 -0.87 21.27
CA ASP A 188 13.75 -1.72 22.29
C ASP A 188 12.76 -2.71 22.88
N SER A 189 11.46 -2.39 22.85
CA SER A 189 10.45 -3.34 23.32
C SER A 189 10.43 -4.59 22.45
N GLU A 190 10.54 -4.40 21.14
CA GLU A 190 10.58 -5.54 20.24
C GLU A 190 11.91 -6.27 20.32
N THR A 191 13.01 -5.56 20.57
CA THR A 191 14.31 -6.21 20.69
C THR A 191 14.35 -7.14 21.92
N ILE A 192 13.82 -6.66 23.04
CA ILE A 192 13.77 -7.47 24.24
C ILE A 192 12.85 -8.67 24.02
N HIS A 193 11.69 -8.46 23.39
CA HIS A 193 10.77 -9.57 23.17
C HIS A 193 11.36 -10.63 22.24
N CYS A 194 12.12 -10.20 21.23
CA CYS A 194 12.73 -11.16 20.31
C CYS A 194 13.79 -11.99 21.02
N ILE A 195 14.58 -11.38 21.90
CA ILE A 195 15.60 -12.16 22.59
C ILE A 195 14.97 -13.20 23.51
N LEU A 196 13.86 -12.84 24.19
CA LEU A 196 13.18 -13.78 25.06
C LEU A 196 12.63 -14.98 24.28
N GLY A 197 12.23 -14.73 23.05
CA GLY A 197 11.73 -15.84 22.25
C GLY A 197 12.83 -16.72 21.74
N ILE A 198 14.00 -16.17 21.47
CA ILE A 198 15.11 -17.00 20.98
C ILE A 198 15.61 -17.92 22.09
N ARG A 199 15.75 -17.38 23.29
CA ARG A 199 16.21 -18.19 24.43
C ARG A 199 15.20 -19.28 24.80
N LYS A 200 13.94 -19.13 24.41
CA LYS A 200 12.99 -20.22 24.64
C LYS A 200 13.19 -21.40 23.70
N ILE A 201 13.72 -21.17 22.50
CA ILE A 201 13.96 -22.20 21.50
C ILE A 201 15.34 -22.83 21.73
N ASP A 202 16.39 -22.04 21.64
CA ASP A 202 17.75 -22.52 21.81
C ASP A 202 18.42 -21.69 22.89
N GLU A 203 19.02 -22.37 23.87
CA GLU A 203 19.66 -21.71 25.00
C GLU A 203 21.17 -21.54 24.82
N SER A 204 21.72 -21.96 23.69
CA SER A 204 23.16 -21.90 23.47
C SER A 204 23.57 -21.07 22.26
N VAL A 205 22.63 -20.65 21.42
CA VAL A 205 22.97 -19.87 20.25
C VAL A 205 23.48 -18.50 20.68
N ARG A 206 24.37 -17.93 19.86
CA ARG A 206 24.95 -16.62 20.16
C ARG A 206 24.06 -15.52 19.63
N ILE A 207 23.75 -14.54 20.47
CA ILE A 207 22.84 -13.45 20.14
C ILE A 207 23.60 -12.14 20.24
N ILE A 208 23.51 -11.33 19.19
CA ILE A 208 24.07 -9.98 19.18
C ILE A 208 22.93 -9.01 18.97
N ALA A 209 22.79 -8.05 19.89
CA ALA A 209 21.66 -7.14 19.88
C ALA A 209 22.15 -5.70 19.96
N GLU A 210 21.36 -4.79 19.39
CA GLU A 210 21.65 -3.37 19.38
C GLU A 210 20.64 -2.64 20.25
N ALA A 211 21.14 -1.80 21.17
CA ALA A 211 20.31 -1.01 22.05
C ALA A 211 20.25 0.44 21.61
N GLU A 212 19.16 1.10 21.94
CA GLU A 212 18.96 2.52 21.63
C GLU A 212 19.03 3.41 22.86
N ARG A 213 18.28 3.07 23.89
CA ARG A 213 18.28 3.83 25.14
C ARG A 213 19.31 3.25 26.11
N TYR A 214 19.91 4.14 26.90
CA TYR A 214 20.91 3.71 27.87
C TYR A 214 20.30 2.87 28.98
N GLU A 215 19.04 3.14 29.33
CA GLU A 215 18.40 2.40 30.41
C GLU A 215 18.11 0.95 30.04
N ASN A 216 18.08 0.59 28.76
CA ASN A 216 17.74 -0.75 28.31
C ASN A 216 18.95 -1.63 28.05
N ILE A 217 20.14 -1.12 28.34
CA ILE A 217 21.35 -1.92 28.14
C ILE A 217 21.35 -3.11 29.07
N GLU A 218 20.99 -2.92 30.35
CA GLU A 218 20.95 -4.04 31.28
C GLU A 218 19.76 -4.97 31.02
N GLN A 219 18.68 -4.46 30.41
CA GLN A 219 17.52 -5.29 30.14
C GLN A 219 17.84 -6.28 29.03
N LEU A 220 18.71 -5.91 28.10
CA LEU A 220 19.08 -6.87 27.06
C LEU A 220 19.95 -7.98 27.62
N ARG A 221 20.82 -7.68 28.57
CA ARG A 221 21.68 -8.71 29.16
C ARG A 221 20.87 -9.68 30.00
N MET A 222 19.87 -9.17 30.73
CA MET A 222 19.00 -10.07 31.49
C MET A 222 18.17 -10.94 30.57
N ALA A 223 17.81 -10.46 29.39
CA ALA A 223 17.06 -11.28 28.45
C ALA A 223 17.88 -12.45 27.91
N GLY A 224 19.20 -12.27 27.80
CA GLY A 224 20.06 -13.35 27.35
C GLY A 224 20.96 -13.00 26.18
N ALA A 225 21.12 -11.70 25.94
CA ALA A 225 21.99 -11.25 24.86
C ALA A 225 23.45 -11.40 25.25
N ASP A 226 24.23 -12.03 24.37
CA ASP A 226 25.65 -12.24 24.64
C ASP A 226 26.46 -10.98 24.48
N GLN A 227 26.15 -10.17 23.46
CA GLN A 227 26.85 -8.92 23.23
C GLN A 227 25.83 -7.83 22.93
N VAL A 228 26.00 -6.68 23.57
CA VAL A 228 25.10 -5.54 23.41
C VAL A 228 25.89 -4.37 22.88
N ILE A 229 25.38 -3.74 21.82
CA ILE A 229 26.00 -2.58 21.19
C ILE A 229 25.01 -1.42 21.27
N SER A 230 25.50 -0.26 21.71
CA SER A 230 24.68 0.94 21.87
C SER A 230 25.30 2.08 21.08
N PRO A 231 24.94 2.23 19.80
CA PRO A 231 25.53 3.31 19.00
C PRO A 231 25.00 4.70 19.33
N PHE A 232 23.77 4.82 19.80
CA PHE A 232 23.21 6.11 20.13
C PHE A 232 23.86 6.71 21.38
N VAL A 233 24.21 5.86 22.36
CA VAL A 233 24.87 6.37 23.56
C VAL A 233 26.28 6.85 23.27
N ILE A 234 27.01 6.12 22.43
CA ILE A 234 28.37 6.51 22.06
C ILE A 234 28.33 7.83 21.28
N SER A 235 27.39 7.95 20.33
CA SER A 235 27.33 9.17 19.56
C SER A 235 26.94 10.38 20.42
N GLY A 236 26.05 10.20 21.40
CA GLY A 236 25.63 11.32 22.21
C GLY A 236 26.75 11.87 23.08
N ARG A 237 27.56 10.97 23.64
CA ARG A 237 28.65 11.45 24.50
C ARG A 237 29.71 12.14 23.67
N LEU A 238 29.96 11.65 22.45
CA LEU A 238 30.97 12.31 21.63
C LEU A 238 30.52 13.70 21.19
N MET A 239 29.22 13.88 20.93
CA MET A 239 28.73 15.19 20.52
C MET A 239 28.93 16.23 21.62
N SER A 240 28.65 15.85 22.86
CA SER A 240 28.74 16.80 23.96
C SER A 240 30.18 17.10 24.38
N ARG A 241 31.14 16.25 24.02
CA ARG A 241 32.54 16.46 24.37
C ARG A 241 33.39 16.99 23.21
N SER A 242 32.80 17.15 22.03
CA SER A 242 33.49 17.70 20.87
C SER A 242 33.18 19.17 20.61
N ILE A 243 32.47 19.83 21.52
CA ILE A 243 32.13 21.23 21.35
C ILE A 243 33.39 22.10 21.39
N ASP A 244 34.31 21.81 22.32
CA ASP A 244 35.49 22.64 22.48
C ASP A 244 36.68 22.11 21.68
N ASP A 245 37.16 20.91 21.99
CA ASP A 245 38.33 20.33 21.35
C ASP A 245 38.01 19.11 20.51
N GLY A 246 37.37 18.11 21.10
CA GLY A 246 36.99 16.91 20.35
C GLY A 246 38.13 16.11 19.75
N TYR A 247 39.21 15.89 20.50
CA TYR A 247 40.32 15.07 20.04
C TYR A 247 40.01 13.56 20.12
N GLU A 248 39.21 13.15 21.10
CA GLU A 248 38.87 11.74 21.19
C GLU A 248 37.88 11.33 20.12
N ALA A 249 37.12 12.28 19.57
CA ALA A 249 36.24 11.91 18.47
C ALA A 249 37.04 11.62 17.20
N MET A 250 38.18 12.31 17.03
CA MET A 250 39.07 12.01 15.91
C MET A 250 39.64 10.62 16.03
N PHE A 251 40.00 10.23 17.25
CA PHE A 251 40.55 8.88 17.42
C PHE A 251 39.51 7.80 17.09
N VAL A 252 38.28 8.00 17.57
CA VAL A 252 37.22 7.01 17.32
C VAL A 252 36.90 6.93 15.83
N GLN A 253 36.79 8.07 15.16
CA GLN A 253 36.40 8.08 13.76
C GLN A 253 37.48 7.48 12.87
N ASP A 254 38.75 7.74 13.19
CA ASP A 254 39.87 7.32 12.34
C ASP A 254 40.34 5.91 12.62
N VAL A 255 39.86 5.26 13.68
CA VAL A 255 40.31 3.92 14.05
C VAL A 255 39.16 2.91 14.00
N LEU A 256 38.01 3.25 14.59
CA LEU A 256 36.90 2.32 14.66
C LEU A 256 35.97 2.40 13.45
N ALA A 257 35.86 3.56 12.81
CA ALA A 257 34.94 3.77 11.70
C ALA A 257 35.63 3.69 10.35
N GLU A 258 36.66 4.50 10.12
CA GLU A 258 37.28 4.62 8.81
C GLU A 258 38.54 3.78 8.65
N GLU A 259 39.29 3.57 9.72
CA GLU A 259 40.55 2.83 9.67
C GLU A 259 41.51 3.43 8.63
N SER A 260 41.64 4.75 8.68
CA SER A 260 42.45 5.46 7.70
C SER A 260 43.91 5.06 7.82
N THR A 261 44.45 5.04 9.04
CA THR A 261 45.85 4.68 9.24
C THR A 261 46.07 3.62 10.33
N ARG A 262 45.16 3.53 11.29
CA ARG A 262 45.26 2.55 12.36
C ARG A 262 44.11 1.56 12.27
N ARG A 263 44.21 0.49 13.06
CA ARG A 263 43.19 -0.54 13.11
C ARG A 263 43.35 -1.33 14.39
N MET A 264 42.23 -1.63 15.04
CA MET A 264 42.23 -2.42 16.26
C MET A 264 41.97 -3.88 15.90
N VAL A 265 42.92 -4.75 16.23
CA VAL A 265 42.88 -6.15 15.83
C VAL A 265 43.09 -7.04 17.05
N GLU A 266 42.62 -8.28 16.92
CA GLU A 266 42.78 -9.30 17.94
C GLU A 266 43.31 -10.56 17.28
N VAL A 267 44.46 -11.03 17.74
CA VAL A 267 45.14 -12.18 17.17
C VAL A 267 45.27 -13.25 18.25
N PRO A 268 44.88 -14.49 17.99
CA PRO A 268 45.03 -15.55 18.99
C PRO A 268 46.45 -16.05 19.07
N ILE A 269 46.76 -16.70 20.20
CA ILE A 269 48.06 -17.33 20.43
C ILE A 269 47.92 -18.81 20.10
N PRO A 270 48.60 -19.32 19.08
CA PRO A 270 48.45 -20.72 18.69
C PRO A 270 49.27 -21.63 19.61
N GLU A 271 49.18 -22.93 19.34
CA GLU A 271 49.95 -23.91 20.11
C GLU A 271 51.44 -23.71 19.84
N GLY A 272 52.23 -23.69 20.91
CA GLY A 272 53.64 -23.37 20.77
C GLY A 272 53.86 -21.87 20.84
N SER A 273 53.89 -21.24 19.67
CA SER A 273 53.91 -19.78 19.49
C SER A 273 55.18 -19.13 20.03
N LYS A 274 56.16 -19.91 20.46
CA LYS A 274 57.50 -19.48 20.88
C LYS A 274 57.47 -18.55 22.10
N LEU A 275 56.29 -18.28 22.66
CA LEU A 275 56.21 -17.37 23.80
C LEU A 275 55.23 -17.83 24.87
N GLU A 276 54.79 -19.09 24.85
CA GLU A 276 53.90 -19.60 25.88
C GLU A 276 54.63 -19.70 27.20
N GLY A 277 54.22 -18.89 28.18
CA GLY A 277 54.78 -18.89 29.50
C GLY A 277 55.57 -17.64 29.86
N VAL A 278 56.04 -16.89 28.88
CA VAL A 278 56.80 -15.69 29.16
C VAL A 278 55.86 -14.58 29.64
N SER A 279 56.39 -13.66 30.43
CA SER A 279 55.62 -12.56 30.96
C SER A 279 55.46 -11.47 29.90
N VAL A 280 54.52 -10.56 30.16
CA VAL A 280 54.31 -9.44 29.25
C VAL A 280 55.51 -8.50 29.26
N LEU A 281 56.15 -8.33 30.41
CA LEU A 281 57.34 -7.49 30.47
C LEU A 281 58.48 -8.08 29.66
N ASP A 282 58.66 -9.40 29.73
CA ASP A 282 59.74 -10.04 28.99
C ASP A 282 59.49 -10.00 27.48
N ALA A 283 58.22 -10.11 27.08
CA ALA A 283 57.91 -10.10 25.65
C ALA A 283 58.26 -8.77 25.01
N ASP A 284 57.91 -7.66 25.67
CA ASP A 284 58.15 -6.31 25.16
C ASP A 284 57.58 -6.15 23.75
N ILE A 285 56.27 -6.33 23.65
CA ILE A 285 55.60 -6.33 22.35
C ILE A 285 55.67 -4.95 21.70
N HIS A 286 55.48 -3.90 22.49
CA HIS A 286 55.39 -2.55 21.91
C HIS A 286 56.69 -2.13 21.25
N ASP A 287 57.83 -2.41 21.89
CA ASP A 287 59.11 -2.00 21.32
C ASP A 287 59.51 -2.88 20.15
N VAL A 288 59.29 -4.19 20.27
CA VAL A 288 59.71 -5.12 19.22
C VAL A 288 58.86 -4.95 17.98
N THR A 289 57.53 -4.86 18.16
CA THR A 289 56.60 -4.82 17.04
C THR A 289 56.16 -3.39 16.70
N GLY A 290 55.60 -2.68 17.67
CA GLY A 290 55.08 -1.36 17.44
C GLY A 290 53.58 -1.28 17.58
N VAL A 291 52.98 -2.22 18.29
CA VAL A 291 51.54 -2.29 18.50
C VAL A 291 51.25 -2.05 19.97
N ILE A 292 50.37 -1.09 20.25
CA ILE A 292 50.00 -0.79 21.62
C ILE A 292 49.07 -1.89 22.12
N ILE A 293 49.40 -2.47 23.26
CA ILE A 293 48.62 -3.57 23.82
C ILE A 293 47.56 -3.01 24.74
N ILE A 294 46.31 -3.37 24.49
CA ILE A 294 45.17 -2.90 25.26
C ILE A 294 44.76 -3.90 26.32
N GLY A 295 44.59 -5.16 25.95
CA GLY A 295 44.16 -6.17 26.90
C GLY A 295 44.34 -7.56 26.35
N VAL A 296 44.03 -8.55 27.19
CA VAL A 296 44.15 -9.96 26.85
C VAL A 296 42.81 -10.63 27.09
N GLY A 297 42.36 -11.41 26.12
CA GLY A 297 41.09 -12.11 26.20
C GLY A 297 41.15 -13.49 26.80
N ARG A 298 41.38 -13.59 28.10
CA ARG A 298 41.52 -14.88 28.77
C ARG A 298 40.16 -15.43 29.14
N GLY A 299 39.59 -16.25 28.24
CA GLY A 299 38.37 -16.97 28.54
C GLY A 299 37.13 -16.12 28.75
N ASP A 300 36.67 -15.47 27.69
CA ASP A 300 35.42 -14.71 27.70
C ASP A 300 35.47 -13.59 28.74
N GLU A 301 36.63 -12.97 28.91
CA GLU A 301 36.76 -11.79 29.74
C GLU A 301 37.92 -10.96 29.21
N LEU A 302 37.91 -9.68 29.54
CA LEU A 302 38.91 -8.74 29.05
C LEU A 302 39.65 -8.14 30.24
N ILE A 303 40.98 -8.23 30.21
CA ILE A 303 41.82 -7.66 31.24
C ILE A 303 42.52 -6.46 30.61
N ILE A 304 41.91 -5.29 30.75
CA ILE A 304 42.48 -4.07 30.17
C ILE A 304 43.70 -3.65 30.97
N ASP A 305 44.80 -3.38 30.26
CA ASP A 305 46.09 -3.06 30.84
C ASP A 305 46.50 -4.15 31.81
N PRO A 306 46.92 -5.32 31.32
CA PRO A 306 47.29 -6.40 32.23
C PRO A 306 48.52 -6.04 33.03
N PRO A 307 48.67 -6.58 34.24
CA PRO A 307 49.84 -6.29 35.05
C PRO A 307 51.09 -6.94 34.49
N ARG A 308 52.23 -6.55 35.05
CA ARG A 308 53.52 -7.04 34.54
C ARG A 308 53.70 -8.53 34.83
N ASP A 309 53.04 -9.06 35.86
CA ASP A 309 53.18 -10.46 36.24
C ASP A 309 52.24 -11.38 35.47
N TYR A 310 51.72 -10.92 34.33
CA TYR A 310 50.82 -11.73 33.52
C TYR A 310 51.61 -12.59 32.55
N SER A 311 51.34 -13.88 32.56
CA SER A 311 52.03 -14.84 31.69
C SER A 311 51.07 -15.34 30.62
N PHE A 312 51.53 -15.32 29.37
CA PHE A 312 50.70 -15.74 28.25
C PHE A 312 50.46 -17.25 28.30
N ARG A 313 49.32 -17.66 27.76
CA ARG A 313 48.97 -19.08 27.69
C ARG A 313 48.59 -19.45 26.27
N ALA A 314 48.08 -20.67 26.07
CA ALA A 314 47.64 -21.11 24.76
C ALA A 314 46.17 -20.74 24.56
N GLY A 315 45.87 -20.21 23.37
CA GLY A 315 44.53 -19.79 23.05
C GLY A 315 44.16 -18.39 23.52
N ASP A 316 45.09 -17.66 24.14
CA ASP A 316 44.81 -16.29 24.55
C ASP A 316 44.70 -15.38 23.33
N ILE A 317 43.97 -14.29 23.50
CA ILE A 317 43.72 -13.32 22.44
C ILE A 317 44.23 -11.96 22.90
N ILE A 318 45.07 -11.34 22.08
CA ILE A 318 45.68 -10.05 22.38
C ILE A 318 44.99 -8.98 21.55
N LEU A 319 44.48 -7.95 22.23
CA LEU A 319 43.82 -6.83 21.59
C LEU A 319 44.78 -5.66 21.52
N GLY A 320 44.99 -5.12 20.31
CA GLY A 320 45.94 -4.06 20.13
C GLY A 320 45.60 -3.17 18.95
N ILE A 321 46.32 -2.05 18.88
CA ILE A 321 46.15 -1.06 17.82
C ILE A 321 47.48 -0.89 17.12
N GLY A 322 47.47 -0.95 15.79
CA GLY A 322 48.71 -0.81 15.03
C GLY A 322 48.43 -0.64 13.56
N LYS A 323 49.46 -0.21 12.84
CA LYS A 323 49.40 -0.03 11.41
C LYS A 323 49.30 -1.39 10.72
N PRO A 324 48.74 -1.44 9.51
CA PRO A 324 48.63 -2.73 8.80
C PRO A 324 49.98 -3.39 8.55
N GLU A 325 51.04 -2.60 8.35
CA GLU A 325 52.36 -3.18 8.18
C GLU A 325 53.01 -3.57 9.52
N GLU A 326 52.44 -3.19 10.67
CA GLU A 326 52.93 -3.60 11.98
C GLU A 326 52.15 -4.78 12.56
N ILE A 327 50.90 -4.97 12.13
CA ILE A 327 50.16 -6.15 12.57
C ILE A 327 50.78 -7.40 11.98
N GLU A 328 51.26 -7.33 10.73
CA GLU A 328 51.96 -8.47 10.16
C GLU A 328 53.23 -8.77 10.93
N ARG A 329 53.92 -7.73 11.43
CA ARG A 329 55.12 -7.92 12.23
C ARG A 329 54.79 -8.62 13.54
N LEU A 330 53.54 -8.53 13.99
CA LEU A 330 53.13 -9.18 15.24
C LEU A 330 52.66 -10.62 15.03
N LYS A 331 51.92 -10.89 13.96
CA LYS A 331 51.45 -12.25 13.70
C LYS A 331 52.59 -13.23 13.44
N ASN A 332 53.61 -12.80 12.69
CA ASN A 332 54.79 -13.63 12.50
C ASN A 332 55.62 -13.74 13.77
N TYR A 333 55.56 -12.73 14.63
CA TYR A 333 56.30 -12.77 15.89
C TYR A 333 55.71 -13.77 16.87
N ILE A 334 54.41 -14.02 16.79
CA ILE A 334 53.74 -14.98 17.68
C ILE A 334 53.49 -16.32 17.00
N SER A 335 54.03 -16.53 15.81
CA SER A 335 53.85 -17.77 15.08
C SER A 335 55.07 -18.66 15.26
N ALA A 336 54.83 -19.92 15.64
CA ALA A 336 55.91 -20.88 15.85
C ALA A 336 56.41 -21.43 14.50
N ALA B 20 21.30 -25.32 -13.59
CA ALA B 20 22.43 -24.63 -14.18
C ALA B 20 23.14 -25.50 -15.19
N THR B 21 24.37 -25.90 -14.87
CA THR B 21 25.19 -26.72 -15.75
C THR B 21 25.00 -28.23 -15.51
N ARG B 22 24.25 -28.63 -14.48
CA ARG B 22 24.02 -30.05 -14.22
C ARG B 22 23.16 -30.71 -15.30
N ILE B 23 22.39 -29.92 -16.04
CA ILE B 23 21.59 -30.49 -17.12
C ILE B 23 22.48 -31.05 -18.23
N LEU B 24 23.54 -30.33 -18.59
CA LEU B 24 24.43 -30.79 -19.65
C LEU B 24 25.13 -32.10 -19.27
N LEU B 25 25.56 -32.21 -18.01
CA LEU B 25 26.16 -33.44 -17.53
C LEU B 25 25.17 -34.59 -17.58
N LEU B 26 23.89 -34.34 -17.23
CA LEU B 26 22.91 -35.42 -17.30
C LEU B 26 22.63 -35.87 -18.73
N VAL B 27 22.62 -34.93 -19.68
CA VAL B 27 22.38 -35.26 -21.08
C VAL B 27 23.50 -36.15 -21.61
N LEU B 28 24.76 -35.81 -21.30
CA LEU B 28 25.84 -36.67 -21.76
C LEU B 28 25.87 -38.01 -21.03
N ALA B 29 25.34 -38.07 -19.79
CA ALA B 29 25.35 -39.31 -19.02
C ALA B 29 24.47 -40.35 -19.71
N VAL B 30 23.30 -39.91 -20.16
CA VAL B 30 22.40 -40.89 -20.76
C VAL B 30 22.86 -41.24 -22.16
N ILE B 31 23.64 -40.37 -22.81
CA ILE B 31 24.17 -40.71 -24.12
C ILE B 31 25.17 -41.85 -24.01
N ILE B 32 26.05 -41.80 -23.02
CA ILE B 32 27.04 -42.85 -22.81
C ILE B 32 26.35 -44.18 -22.48
N TYR B 33 25.34 -44.16 -21.63
CA TYR B 33 24.64 -45.40 -21.30
C TYR B 33 23.95 -46.04 -22.52
N GLY B 34 23.29 -45.23 -23.34
CA GLY B 34 22.63 -45.77 -24.53
C GLY B 34 23.60 -46.29 -25.57
N THR B 35 24.70 -45.57 -25.83
CA THR B 35 25.64 -45.98 -26.85
C THR B 35 26.38 -47.24 -26.43
N ALA B 36 26.86 -47.32 -25.18
CA ALA B 36 27.62 -48.48 -24.75
C ALA B 36 26.74 -49.74 -24.73
N GLY B 37 25.50 -49.63 -24.22
CA GLY B 37 24.64 -50.79 -24.14
C GLY B 37 24.29 -51.34 -25.51
N PHE B 38 23.96 -50.45 -26.46
CA PHE B 38 23.59 -50.95 -27.78
C PHE B 38 24.79 -51.54 -28.50
N HIS B 39 25.98 -51.00 -28.27
CA HIS B 39 27.18 -51.47 -28.96
C HIS B 39 27.54 -52.89 -28.54
N PHE B 40 27.47 -53.18 -27.23
CA PHE B 40 27.94 -54.47 -26.74
C PHE B 40 26.84 -55.52 -26.63
N ILE B 41 25.61 -55.18 -27.02
CA ILE B 41 24.50 -56.13 -27.01
C ILE B 41 24.10 -56.52 -28.43
N GLU B 42 23.90 -55.55 -29.30
CA GLU B 42 23.52 -55.85 -30.69
C GLU B 42 24.71 -56.03 -31.63
N GLY B 43 25.92 -55.77 -31.15
CA GLY B 43 27.10 -56.00 -31.96
C GLY B 43 27.34 -54.99 -33.06
N GLU B 44 26.66 -53.86 -33.02
CA GLU B 44 26.82 -52.83 -34.03
C GLU B 44 28.07 -52.01 -33.73
N SER B 45 28.51 -51.26 -34.74
CA SER B 45 29.70 -50.43 -34.61
C SER B 45 29.43 -49.21 -33.74
N TRP B 46 30.52 -48.57 -33.31
CA TRP B 46 30.39 -47.37 -32.48
C TRP B 46 29.69 -46.24 -33.24
N THR B 47 30.01 -46.05 -34.52
CA THR B 47 29.36 -45.01 -35.30
C THR B 47 27.88 -45.28 -35.52
N VAL B 48 27.48 -46.54 -35.40
CA VAL B 48 26.07 -46.88 -35.52
C VAL B 48 25.39 -46.75 -34.18
N SER B 49 26.04 -47.15 -33.08
CA SER B 49 25.44 -47.02 -31.76
C SER B 49 25.22 -45.54 -31.40
N LEU B 50 26.18 -44.68 -31.72
CA LEU B 50 26.00 -43.24 -31.52
C LEU B 50 24.86 -42.71 -32.41
N TYR B 51 24.78 -43.16 -33.67
CA TYR B 51 23.66 -42.76 -34.50
C TYR B 51 22.32 -43.25 -33.97
N TRP B 52 22.25 -44.49 -33.47
CA TRP B 52 21.01 -45.03 -32.95
C TRP B 52 20.59 -44.34 -31.64
N THR B 53 21.57 -43.94 -30.83
CA THR B 53 21.24 -43.28 -29.59
C THR B 53 20.58 -41.93 -29.87
N PHE B 54 21.13 -41.21 -30.86
CA PHE B 54 20.58 -39.89 -31.15
C PHE B 54 19.23 -39.97 -31.84
N VAL B 55 18.96 -41.06 -32.58
CA VAL B 55 17.65 -41.19 -33.23
C VAL B 55 16.61 -41.82 -32.31
N THR B 56 16.99 -42.24 -31.12
CA THR B 56 16.07 -42.78 -30.14
C THR B 56 15.69 -41.76 -29.06
N ILE B 57 16.65 -40.98 -28.57
CA ILE B 57 16.33 -39.95 -27.59
C ILE B 57 15.47 -38.86 -28.22
N ALA B 58 15.80 -38.44 -29.45
CA ALA B 58 15.02 -37.45 -30.16
C ALA B 58 13.70 -37.99 -30.68
N THR B 59 13.44 -39.30 -30.54
CA THR B 59 12.20 -39.94 -30.96
C THR B 59 11.93 -39.77 -32.44
N VAL B 60 12.99 -39.68 -33.23
CA VAL B 60 12.84 -39.69 -34.68
C VAL B 60 12.38 -41.06 -35.16
N GLY B 61 13.03 -42.12 -34.69
CA GLY B 61 12.60 -43.48 -34.94
C GLY B 61 12.59 -43.90 -36.40
N TYR B 62 13.77 -43.98 -37.01
CA TYR B 62 13.84 -44.52 -38.36
C TYR B 62 13.44 -45.99 -38.40
N GLY B 63 13.84 -46.76 -37.39
CA GLY B 63 13.46 -48.15 -37.31
C GLY B 63 14.27 -49.11 -38.16
N ASP B 64 15.40 -48.68 -38.72
CA ASP B 64 16.21 -49.54 -39.55
C ASP B 64 17.22 -50.35 -38.76
N TYR B 65 17.35 -50.11 -37.46
CA TYR B 65 18.26 -50.86 -36.60
C TYR B 65 17.56 -51.25 -35.30
N SER B 66 16.35 -51.77 -35.42
CA SER B 66 15.59 -52.17 -34.24
C SER B 66 16.25 -53.38 -33.58
N PRO B 67 16.28 -53.42 -32.25
CA PRO B 67 16.89 -54.56 -31.53
C PRO B 67 15.95 -55.75 -31.48
N SER B 68 16.31 -56.81 -32.21
CA SER B 68 15.51 -58.03 -32.21
C SER B 68 15.67 -58.83 -30.92
N THR B 69 16.82 -58.72 -30.26
CA THR B 69 17.07 -59.46 -29.04
C THR B 69 16.12 -59.00 -27.93
N PRO B 70 15.45 -59.91 -27.23
CA PRO B 70 14.57 -59.47 -26.13
C PRO B 70 15.30 -58.71 -25.01
N LEU B 71 16.55 -59.06 -24.74
CA LEU B 71 17.34 -58.29 -23.79
C LEU B 71 17.54 -56.87 -24.28
N GLY B 72 17.78 -56.70 -25.59
CA GLY B 72 17.89 -55.36 -26.12
C GLY B 72 16.59 -54.58 -26.02
N MET B 73 15.45 -55.26 -26.13
CA MET B 73 14.18 -54.57 -26.00
C MET B 73 14.02 -53.98 -24.60
N TYR B 74 14.40 -54.74 -23.57
CA TYR B 74 14.38 -54.16 -22.23
C TYR B 74 15.41 -53.03 -22.07
N PHE B 75 16.52 -53.10 -22.81
CA PHE B 75 17.48 -52.01 -22.78
C PHE B 75 16.89 -50.74 -23.41
N THR B 76 16.03 -50.91 -24.40
CA THR B 76 15.38 -49.75 -24.98
C THR B 76 14.35 -49.18 -24.02
N VAL B 77 13.68 -50.04 -23.26
CA VAL B 77 12.64 -49.55 -22.33
C VAL B 77 13.26 -48.63 -21.28
N THR B 78 14.37 -49.05 -20.68
CA THR B 78 15.03 -48.20 -19.69
C THR B 78 15.68 -46.98 -20.35
N LEU B 79 16.13 -47.10 -21.60
CA LEU B 79 16.66 -45.93 -22.32
C LEU B 79 15.55 -44.92 -22.60
N ILE B 80 14.36 -45.39 -22.96
CA ILE B 80 13.23 -44.49 -23.21
C ILE B 80 12.82 -43.78 -21.93
N VAL B 81 12.80 -44.50 -20.81
CA VAL B 81 12.42 -43.89 -19.53
C VAL B 81 13.40 -42.77 -19.18
N LEU B 82 14.70 -43.01 -19.37
CA LEU B 82 15.68 -41.94 -19.16
C LEU B 82 15.52 -40.80 -20.16
N GLY B 83 15.16 -41.10 -21.40
CA GLY B 83 14.93 -40.03 -22.38
C GLY B 83 13.77 -39.13 -22.01
N ILE B 84 12.68 -39.72 -21.50
CA ILE B 84 11.56 -38.91 -21.05
C ILE B 84 11.95 -38.12 -19.80
N GLY B 85 12.73 -38.72 -18.89
CA GLY B 85 13.13 -37.98 -17.71
C GLY B 85 14.01 -36.78 -18.03
N THR B 86 14.96 -36.95 -18.97
CA THR B 86 15.80 -35.84 -19.33
C THR B 86 15.02 -34.74 -20.07
N PHE B 87 13.91 -35.11 -20.70
CA PHE B 87 13.13 -34.07 -21.36
C PHE B 87 12.36 -33.24 -20.35
N PHE B 88 11.87 -33.89 -19.29
CA PHE B 88 11.09 -33.17 -18.29
C PHE B 88 11.97 -32.28 -17.42
N VAL B 89 13.21 -32.71 -17.13
CA VAL B 89 14.11 -31.84 -16.36
C VAL B 89 14.54 -30.63 -17.20
N ALA B 90 14.69 -30.81 -18.51
CA ALA B 90 15.00 -29.67 -19.39
C ALA B 90 13.86 -28.65 -19.39
N VAL B 91 12.62 -29.12 -19.46
CA VAL B 91 11.48 -28.21 -19.35
C VAL B 91 11.37 -27.60 -17.94
N GLU B 92 11.66 -28.37 -16.89
CA GLU B 92 11.62 -27.87 -15.52
C GLU B 92 12.62 -26.72 -15.33
N ARG B 93 13.82 -26.86 -15.87
CA ARG B 93 14.81 -25.80 -15.72
C ARG B 93 14.47 -24.60 -16.62
N LEU B 94 13.98 -24.84 -17.83
CA LEU B 94 13.64 -23.74 -18.72
C LEU B 94 12.50 -22.90 -18.15
N LEU B 95 11.47 -23.57 -17.61
CA LEU B 95 10.33 -22.84 -17.04
C LEU B 95 10.77 -22.05 -15.82
N GLU B 96 11.62 -22.63 -14.97
CA GLU B 96 12.03 -21.89 -13.78
C GLU B 96 12.85 -20.65 -14.14
N PHE B 97 13.73 -20.77 -15.17
CA PHE B 97 14.53 -19.64 -15.60
C PHE B 97 13.67 -18.52 -16.17
N LEU B 98 12.65 -18.86 -16.96
CA LEU B 98 11.84 -17.84 -17.59
C LEU B 98 10.90 -17.15 -16.59
N ILE B 99 10.28 -17.93 -15.70
CA ILE B 99 9.37 -17.34 -14.72
C ILE B 99 10.14 -16.41 -13.78
N ASN B 100 11.32 -16.85 -13.30
CA ASN B 100 12.09 -15.99 -12.41
C ASN B 100 12.55 -14.72 -13.11
N ARG B 101 12.99 -14.83 -14.37
CA ARG B 101 13.49 -13.65 -15.06
C ARG B 101 12.38 -12.63 -15.31
N GLU B 102 11.19 -13.11 -15.70
CA GLU B 102 10.09 -12.19 -15.97
C GLU B 102 9.60 -11.50 -14.70
N GLN B 103 9.58 -12.22 -13.58
CA GLN B 103 9.18 -11.59 -12.32
C GLN B 103 10.17 -10.51 -11.91
N MET B 104 11.47 -10.77 -12.07
CA MET B 104 12.46 -9.75 -11.72
C MET B 104 12.34 -8.53 -12.64
N LYS B 105 12.28 -8.75 -13.96
CA LYS B 105 12.24 -7.65 -14.91
C LYS B 105 10.97 -6.81 -14.77
N LEU B 106 9.87 -7.42 -14.33
CA LEU B 106 8.61 -6.67 -14.23
C LEU B 106 8.72 -5.53 -13.22
N MET B 107 9.38 -5.77 -12.09
CA MET B 107 9.52 -4.76 -11.03
C MET B 107 10.92 -4.15 -10.99
N GLY B 108 11.54 -3.95 -12.15
CA GLY B 108 12.88 -3.38 -12.21
C GLY B 108 13.94 -4.40 -11.90
N LEU B 109 14.75 -4.14 -10.87
CA LEU B 109 15.72 -5.10 -10.37
C LEU B 109 16.64 -5.63 -11.47
N ILE B 110 17.00 -4.75 -12.40
CA ILE B 110 17.82 -5.11 -13.55
C ILE B 110 18.90 -4.05 -13.73
N ASP B 111 19.94 -4.42 -14.46
CA ASP B 111 21.08 -3.54 -14.72
C ASP B 111 21.04 -3.10 -16.17
N VAL B 112 21.19 -1.80 -16.39
CA VAL B 112 21.16 -1.23 -17.74
C VAL B 112 22.48 -1.55 -18.44
N ALA B 113 22.38 -2.07 -19.66
CA ALA B 113 23.54 -2.41 -20.47
C ALA B 113 23.80 -1.43 -21.60
N LYS B 114 22.96 -0.42 -21.77
CA LYS B 114 23.15 0.54 -22.85
C LYS B 114 24.34 1.45 -22.54
N SER B 115 24.80 2.15 -23.58
CA SER B 115 25.96 3.02 -23.44
C SER B 115 25.76 4.40 -24.07
N ARG B 116 24.57 4.71 -24.56
CA ARG B 116 24.27 6.05 -25.07
C ARG B 116 22.87 6.48 -24.67
N HIS B 117 22.38 5.99 -23.54
CA HIS B 117 21.04 6.27 -23.07
C HIS B 117 20.99 7.58 -22.29
N VAL B 118 19.77 7.97 -21.89
CA VAL B 118 19.54 9.14 -21.06
C VAL B 118 18.88 8.68 -19.77
N VAL B 119 19.46 9.08 -18.63
CA VAL B 119 18.98 8.67 -17.32
C VAL B 119 18.22 9.84 -16.70
N ILE B 120 17.01 9.55 -16.21
CA ILE B 120 16.17 10.56 -15.57
C ILE B 120 15.96 10.12 -14.13
N CYS B 121 16.34 10.99 -13.19
CA CYS B 121 16.16 10.73 -11.77
C CYS B 121 14.90 11.46 -11.30
N GLY B 122 13.94 10.70 -10.78
CA GLY B 122 12.67 11.26 -10.37
C GLY B 122 11.67 11.30 -11.50
N TRP B 123 10.43 11.64 -11.14
CA TRP B 123 9.34 11.67 -12.12
C TRP B 123 8.37 12.77 -11.73
N SER B 124 8.06 13.64 -12.68
CA SER B 124 7.10 14.73 -12.47
C SER B 124 6.50 15.10 -13.82
N GLU B 125 5.76 16.21 -13.86
CA GLU B 125 5.17 16.64 -15.12
C GLU B 125 6.23 17.19 -16.10
N SER B 126 7.27 17.86 -15.58
CA SER B 126 8.32 18.36 -16.45
C SER B 126 9.09 17.24 -17.13
N THR B 127 9.34 16.16 -16.39
CA THR B 127 10.02 15.04 -17.00
C THR B 127 9.14 14.34 -18.01
N LEU B 128 7.80 14.44 -17.86
CA LEU B 128 6.92 13.88 -18.87
C LEU B 128 6.96 14.71 -20.15
N GLU B 129 7.14 16.04 -20.01
CA GLU B 129 7.19 16.91 -21.17
C GLU B 129 8.41 16.61 -22.02
N CYS B 130 9.55 16.37 -21.38
CA CYS B 130 10.77 16.12 -22.17
C CYS B 130 10.80 14.74 -22.84
N LEU B 131 9.96 13.80 -22.42
CA LEU B 131 9.86 12.50 -23.08
C LEU B 131 9.15 12.58 -24.42
N ARG B 132 8.29 13.58 -24.63
CA ARG B 132 7.60 13.73 -25.90
C ARG B 132 8.52 14.19 -27.01
N GLU B 133 9.75 14.62 -26.69
CA GLU B 133 10.72 15.03 -27.70
C GLU B 133 11.94 14.12 -27.73
N LEU B 134 11.86 12.94 -27.11
CA LEU B 134 12.95 11.99 -27.08
C LEU B 134 12.41 10.59 -27.36
N ARG B 135 13.33 9.66 -27.62
CA ARG B 135 12.94 8.28 -27.87
C ARG B 135 12.52 7.60 -26.56
N GLY B 136 11.77 6.51 -26.71
CA GLY B 136 11.28 5.79 -25.56
C GLY B 136 12.23 4.74 -25.03
N SER B 137 12.77 3.91 -25.92
CA SER B 137 13.71 2.88 -25.51
C SER B 137 15.07 3.43 -25.12
N GLU B 138 15.35 4.70 -25.42
CA GLU B 138 16.63 5.32 -25.10
C GLU B 138 16.65 5.95 -23.72
N VAL B 139 15.51 6.06 -23.04
CA VAL B 139 15.40 6.76 -21.77
C VAL B 139 15.11 5.75 -20.67
N PHE B 140 15.88 5.81 -19.59
CA PHE B 140 15.69 4.97 -18.41
C PHE B 140 15.36 5.87 -17.23
N VAL B 141 14.31 5.51 -16.49
CA VAL B 141 13.85 6.29 -15.34
C VAL B 141 14.22 5.55 -14.08
N LEU B 142 14.94 6.23 -13.19
CA LEU B 142 15.39 5.66 -11.92
C LEU B 142 14.53 6.23 -10.80
N ALA B 143 13.64 5.41 -10.25
CA ALA B 143 12.74 5.82 -9.18
C ALA B 143 12.55 4.65 -8.23
N GLU B 144 11.75 4.88 -7.19
CA GLU B 144 11.49 3.86 -6.18
C GLU B 144 10.01 3.68 -5.85
N ASP B 145 9.15 4.63 -6.17
CA ASP B 145 7.73 4.50 -5.87
C ASP B 145 7.09 3.47 -6.78
N GLU B 146 6.03 2.82 -6.27
CA GLU B 146 5.32 1.80 -7.02
C GLU B 146 4.42 2.39 -8.09
N ASN B 147 3.81 3.55 -7.81
CA ASN B 147 2.91 4.17 -8.77
C ASN B 147 3.64 4.79 -9.94
N VAL B 148 4.90 5.18 -9.75
CA VAL B 148 5.70 5.76 -10.83
C VAL B 148 5.94 4.74 -11.94
N ARG B 149 6.12 3.46 -11.59
CA ARG B 149 6.44 2.44 -12.58
C ARG B 149 5.34 2.33 -13.64
N LYS B 150 4.07 2.37 -13.24
CA LYS B 150 3.00 2.28 -14.22
C LYS B 150 2.96 3.51 -15.15
N LYS B 151 3.24 4.71 -14.62
CA LYS B 151 3.24 5.91 -15.44
C LYS B 151 4.37 5.86 -16.46
N VAL B 152 5.52 5.35 -16.04
CA VAL B 152 6.65 5.29 -16.94
C VAL B 152 6.35 4.33 -18.07
N LEU B 153 5.74 3.18 -17.74
CA LEU B 153 5.48 2.17 -18.76
C LEU B 153 4.52 2.70 -19.82
N ARG B 154 3.49 3.44 -19.39
CA ARG B 154 2.54 4.00 -20.34
C ARG B 154 3.17 5.03 -21.25
N SER B 155 4.28 5.64 -20.82
CA SER B 155 4.94 6.64 -21.66
C SER B 155 5.93 6.03 -22.66
N GLY B 156 6.19 4.73 -22.58
CA GLY B 156 7.10 4.07 -23.50
C GLY B 156 8.56 4.06 -23.09
N ALA B 157 8.87 4.49 -21.88
CA ALA B 157 10.24 4.54 -21.37
C ALA B 157 10.52 3.26 -20.58
N ASN B 158 11.72 3.16 -20.05
CA ASN B 158 12.16 2.02 -19.25
C ASN B 158 12.30 2.44 -17.79
N PHE B 159 11.93 1.52 -16.89
CA PHE B 159 11.93 1.80 -15.46
C PHE B 159 12.99 0.96 -14.76
N VAL B 160 13.79 1.61 -13.93
CA VAL B 160 14.80 0.97 -13.10
C VAL B 160 14.50 1.28 -11.65
N HIS B 161 14.42 0.26 -10.82
CA HIS B 161 14.08 0.42 -9.41
C HIS B 161 15.34 0.66 -8.60
N GLY B 162 15.40 1.79 -7.91
CA GLY B 162 16.57 2.13 -7.12
C GLY B 162 16.40 3.49 -6.49
N ASP B 163 17.35 3.81 -5.61
CA ASP B 163 17.36 5.10 -4.94
C ASP B 163 18.32 6.04 -5.65
N PRO B 164 17.86 7.13 -6.25
CA PRO B 164 18.78 8.03 -6.96
C PRO B 164 19.84 8.66 -6.07
N THR B 165 19.58 8.80 -4.77
CA THR B 165 20.59 9.36 -3.87
C THR B 165 21.64 8.34 -3.45
N ARG B 166 21.42 7.05 -3.71
CA ARG B 166 22.39 6.01 -3.39
C ARG B 166 23.39 5.85 -4.54
N VAL B 167 24.68 5.90 -4.24
CA VAL B 167 25.70 5.75 -5.27
C VAL B 167 25.67 4.35 -5.87
N SER B 168 25.36 3.35 -5.05
CA SER B 168 25.28 1.99 -5.54
C SER B 168 24.17 1.85 -6.57
N ASP B 169 23.02 2.50 -6.34
CA ASP B 169 21.93 2.43 -7.31
C ASP B 169 22.17 3.31 -8.53
N LEU B 170 23.06 4.30 -8.43
CA LEU B 170 23.40 5.13 -9.56
C LEU B 170 24.26 4.37 -10.54
N GLU B 171 24.99 3.35 -10.06
CA GLU B 171 25.75 2.52 -11.00
C GLU B 171 24.91 1.45 -11.68
N LYS B 172 23.77 1.08 -11.09
CA LYS B 172 22.84 0.15 -11.74
C LYS B 172 22.27 0.75 -13.02
N ALA B 173 21.94 2.04 -13.00
CA ALA B 173 21.46 2.71 -14.19
C ALA B 173 22.57 3.00 -15.19
N ASN B 174 23.82 2.76 -14.83
CA ASN B 174 24.97 2.96 -15.71
C ASN B 174 25.08 4.42 -16.16
N VAL B 175 25.24 5.30 -15.17
CA VAL B 175 25.44 6.71 -15.46
C VAL B 175 26.86 7.02 -15.89
N ARG B 176 27.79 6.08 -15.74
CA ARG B 176 29.16 6.31 -16.18
C ARG B 176 29.24 6.47 -17.69
N GLY B 177 28.47 5.67 -18.43
CA GLY B 177 28.46 5.77 -19.87
C GLY B 177 27.14 6.30 -20.41
N ALA B 178 26.59 7.30 -19.76
CA ALA B 178 25.31 7.88 -20.14
C ALA B 178 25.52 9.13 -20.98
N ARG B 179 24.63 9.34 -21.94
CA ARG B 179 24.70 10.52 -22.79
C ARG B 179 24.43 11.79 -21.98
N ALA B 180 23.41 11.76 -21.13
CA ALA B 180 23.07 12.88 -20.27
C ALA B 180 22.25 12.37 -19.10
N VAL B 181 22.24 13.16 -18.02
CA VAL B 181 21.50 12.84 -16.82
C VAL B 181 20.62 14.03 -16.47
N ILE B 182 19.34 13.76 -16.19
CA ILE B 182 18.38 14.79 -15.80
C ILE B 182 17.92 14.48 -14.40
N VAL B 183 18.06 15.45 -13.49
CA VAL B 183 17.74 15.28 -12.08
C VAL B 183 16.56 16.16 -11.73
N ASP B 184 15.48 15.54 -11.25
CA ASP B 184 14.30 16.28 -10.80
C ASP B 184 13.64 15.44 -9.71
N LEU B 185 13.93 15.77 -8.46
CA LEU B 185 13.46 15.00 -7.31
C LEU B 185 12.45 15.82 -6.51
N GLU B 186 11.97 15.23 -5.42
CA GLU B 186 10.90 15.85 -4.64
C GLU B 186 11.38 17.12 -3.93
N SER B 187 12.59 17.11 -3.40
CA SER B 187 13.12 18.23 -2.63
C SER B 187 14.48 18.64 -3.18
N ASP B 188 14.86 19.88 -2.88
CA ASP B 188 16.18 20.36 -3.27
C ASP B 188 17.30 19.65 -2.50
N SER B 189 17.01 19.15 -1.30
CA SER B 189 18.00 18.39 -0.55
C SER B 189 18.38 17.11 -1.28
N GLU B 190 17.38 16.44 -1.85
CA GLU B 190 17.67 15.23 -2.61
C GLU B 190 18.30 15.56 -3.95
N THR B 191 17.95 16.68 -4.58
CA THR B 191 18.57 17.06 -5.84
C THR B 191 20.06 17.35 -5.67
N ILE B 192 20.42 18.06 -4.61
CA ILE B 192 21.82 18.34 -4.33
C ILE B 192 22.56 17.04 -4.02
N HIS B 193 21.96 16.16 -3.22
CA HIS B 193 22.64 14.92 -2.88
C HIS B 193 22.85 14.02 -4.11
N CYS B 194 21.88 14.00 -5.03
CA CYS B 194 22.01 13.20 -6.23
C CYS B 194 23.14 13.72 -7.12
N ILE B 195 23.27 15.04 -7.24
CA ILE B 195 24.33 15.56 -8.08
C ILE B 195 25.70 15.23 -7.50
N LEU B 196 25.85 15.30 -6.16
CA LEU B 196 27.13 14.97 -5.53
C LEU B 196 27.51 13.51 -5.76
N GLY B 197 26.49 12.64 -5.84
CA GLY B 197 26.79 11.25 -6.09
C GLY B 197 27.16 10.98 -7.52
N ILE B 198 26.60 11.74 -8.47
CA ILE B 198 26.93 11.52 -9.87
C ILE B 198 28.37 11.97 -10.14
N ARG B 199 28.76 13.12 -9.60
CA ARG B 199 30.13 13.61 -9.80
C ARG B 199 31.16 12.72 -9.14
N LYS B 200 30.76 11.90 -8.17
CA LYS B 200 31.71 10.94 -7.60
C LYS B 200 31.99 9.77 -8.54
N ILE B 201 31.04 9.41 -9.40
CA ILE B 201 31.19 8.30 -10.35
C ILE B 201 31.84 8.81 -11.63
N ASP B 202 31.21 9.74 -12.32
CA ASP B 202 31.72 10.29 -13.57
C ASP B 202 31.82 11.79 -13.44
N GLU B 203 32.99 12.35 -13.77
CA GLU B 203 33.24 13.77 -13.65
C GLU B 203 33.03 14.53 -14.95
N SER B 204 32.63 13.86 -16.03
CA SER B 204 32.48 14.49 -17.32
C SER B 204 31.08 14.41 -17.90
N VAL B 205 30.19 13.62 -17.30
CA VAL B 205 28.83 13.49 -17.81
C VAL B 205 28.08 14.80 -17.63
N ARG B 206 27.15 15.08 -18.54
CA ARG B 206 26.37 16.31 -18.51
C ARG B 206 25.15 16.13 -17.61
N ILE B 207 24.97 17.06 -16.68
CA ILE B 207 23.90 17.00 -15.69
C ILE B 207 22.99 18.21 -15.87
N ILE B 208 21.69 17.96 -15.97
CA ILE B 208 20.67 19.00 -16.02
C ILE B 208 19.78 18.84 -14.81
N ALA B 209 19.65 19.89 -14.01
CA ALA B 209 18.92 19.82 -12.75
C ALA B 209 17.89 20.94 -12.68
N GLU B 210 16.82 20.69 -11.95
CA GLU B 210 15.74 21.65 -11.74
C GLU B 210 15.73 22.10 -10.28
N ALA B 211 15.71 23.41 -10.07
CA ALA B 211 15.67 24.00 -8.74
C ALA B 211 14.27 24.51 -8.41
N GLU B 212 13.96 24.53 -7.13
CA GLU B 212 12.68 25.04 -6.63
C GLU B 212 12.81 26.36 -5.91
N ARG B 213 13.73 26.45 -4.95
CA ARG B 213 13.97 27.67 -4.20
C ARG B 213 15.07 28.50 -4.88
N TYR B 214 14.93 29.82 -4.78
CA TYR B 214 15.91 30.71 -5.39
C TYR B 214 17.25 30.62 -4.67
N GLU B 215 17.24 30.36 -3.37
CA GLU B 215 18.49 30.30 -2.63
C GLU B 215 19.35 29.09 -2.99
N ASN B 216 18.78 28.05 -3.59
CA ASN B 216 19.49 26.82 -3.92
C ASN B 216 20.02 26.78 -5.35
N ILE B 217 19.85 27.87 -6.09
CA ILE B 217 20.35 27.91 -7.46
C ILE B 217 21.87 27.83 -7.46
N GLU B 218 22.55 28.57 -6.58
CA GLU B 218 24.00 28.49 -6.51
C GLU B 218 24.51 27.18 -5.90
N GLN B 219 23.70 26.55 -5.07
CA GLN B 219 24.11 25.29 -4.46
C GLN B 219 24.16 24.18 -5.49
N LEU B 220 23.28 24.25 -6.50
CA LEU B 220 23.33 23.23 -7.55
C LEU B 220 24.56 23.40 -8.43
N ARG B 221 24.98 24.64 -8.68
CA ARG B 221 26.17 24.87 -9.51
C ARG B 221 27.43 24.44 -8.78
N MET B 222 27.50 24.67 -7.47
CA MET B 222 28.65 24.20 -6.70
C MET B 222 28.70 22.69 -6.65
N ALA B 223 27.55 22.02 -6.67
CA ALA B 223 27.53 20.57 -6.67
C ALA B 223 28.09 19.99 -7.96
N GLY B 224 27.92 20.70 -9.08
CA GLY B 224 28.46 20.23 -10.35
C GLY B 224 27.45 20.15 -11.48
N ALA B 225 26.32 20.82 -11.31
CA ALA B 225 25.29 20.83 -12.33
C ALA B 225 25.70 21.75 -13.47
N ASP B 226 25.61 21.23 -14.70
CA ASP B 226 26.00 22.02 -15.87
C ASP B 226 24.95 23.05 -16.23
N GLN B 227 23.67 22.71 -16.11
CA GLN B 227 22.59 23.64 -16.41
C GLN B 227 21.54 23.53 -15.32
N VAL B 228 21.09 24.69 -14.82
CA VAL B 228 20.11 24.77 -13.74
C VAL B 228 18.89 25.50 -14.27
N ILE B 229 17.71 24.92 -14.05
CA ILE B 229 16.44 25.49 -14.47
C ILE B 229 15.58 25.70 -13.23
N SER B 230 15.01 26.89 -13.08
CA SER B 230 14.19 27.25 -11.93
C SER B 230 12.81 27.71 -12.43
N PRO B 231 11.86 26.79 -12.58
CA PRO B 231 10.53 27.20 -13.07
C PRO B 231 9.69 27.94 -12.03
N PHE B 232 9.88 27.66 -10.75
CA PHE B 232 9.09 28.33 -9.71
C PHE B 232 9.48 29.79 -9.58
N VAL B 233 10.76 30.13 -9.75
CA VAL B 233 11.19 31.52 -9.66
C VAL B 233 10.66 32.34 -10.84
N ILE B 234 10.68 31.76 -12.04
CA ILE B 234 10.18 32.45 -13.22
C ILE B 234 8.68 32.69 -13.08
N SER B 235 7.95 31.66 -12.62
CA SER B 235 6.51 31.83 -12.50
C SER B 235 6.15 32.86 -11.42
N GLY B 236 6.90 32.92 -10.32
CA GLY B 236 6.57 33.86 -9.27
C GLY B 236 6.75 35.31 -9.70
N ARG B 237 7.82 35.58 -10.46
CA ARG B 237 8.04 36.96 -10.87
C ARG B 237 7.01 37.38 -11.90
N LEU B 238 6.59 36.45 -12.77
CA LEU B 238 5.58 36.82 -13.76
C LEU B 238 4.23 37.10 -13.11
N MET B 239 3.89 36.37 -12.04
CA MET B 239 2.62 36.59 -11.37
C MET B 239 2.56 37.99 -10.76
N SER B 240 3.64 38.42 -10.14
CA SER B 240 3.64 39.73 -9.46
C SER B 240 3.72 40.89 -10.43
N ARG B 241 4.17 40.68 -11.67
CA ARG B 241 4.26 41.75 -12.66
C ARG B 241 3.13 41.75 -13.68
N SER B 242 2.22 40.78 -13.61
CA SER B 242 1.06 40.70 -14.49
C SER B 242 -0.22 41.21 -13.86
N ILE B 243 -0.14 41.80 -12.67
CA ILE B 243 -1.33 42.32 -12.01
C ILE B 243 -1.92 43.49 -12.78
N ASP B 244 -1.08 44.39 -13.29
CA ASP B 244 -1.57 45.58 -13.96
C ASP B 244 -1.66 45.38 -15.47
N ASP B 245 -0.53 45.15 -16.14
CA ASP B 245 -0.50 45.01 -17.59
C ASP B 245 -0.12 43.61 -18.05
N GLY B 246 1.01 43.09 -17.58
CA GLY B 246 1.41 41.73 -17.95
C GLY B 246 1.66 41.49 -19.42
N TYR B 247 2.34 42.41 -20.11
CA TYR B 247 2.69 42.21 -21.51
C TYR B 247 3.87 41.24 -21.71
N GLU B 248 4.81 41.23 -20.76
CA GLU B 248 5.92 40.31 -20.88
C GLU B 248 5.51 38.87 -20.59
N ALA B 249 4.41 38.67 -19.87
CA ALA B 249 3.95 37.30 -19.68
C ALA B 249 3.37 36.74 -20.97
N MET B 250 2.77 37.60 -21.80
CA MET B 250 2.28 37.18 -23.10
C MET B 250 3.43 36.76 -23.99
N PHE B 251 4.53 37.50 -23.93
CA PHE B 251 5.68 37.13 -24.76
C PHE B 251 6.24 35.77 -24.35
N VAL B 252 6.38 35.55 -23.04
CA VAL B 252 6.94 34.28 -22.57
C VAL B 252 6.02 33.12 -22.92
N GLN B 253 4.71 33.28 -22.72
CA GLN B 253 3.78 32.19 -22.96
C GLN B 253 3.68 31.85 -24.44
N ASP B 254 3.72 32.84 -25.31
CA ASP B 254 3.51 32.64 -26.74
C ASP B 254 4.79 32.27 -27.49
N VAL B 255 5.95 32.33 -26.86
CA VAL B 255 7.22 32.03 -27.51
C VAL B 255 7.91 30.83 -26.89
N LEU B 256 8.01 30.80 -25.55
CA LEU B 256 8.74 29.74 -24.87
C LEU B 256 7.86 28.54 -24.54
N ALA B 257 6.56 28.74 -24.34
CA ALA B 257 5.66 27.66 -23.93
C ALA B 257 4.85 27.10 -25.10
N GLU B 258 4.12 27.96 -25.80
CA GLU B 258 3.18 27.51 -26.84
C GLU B 258 3.75 27.58 -28.24
N GLU B 259 4.64 28.54 -28.52
CA GLU B 259 5.19 28.74 -29.86
C GLU B 259 4.09 28.91 -30.90
N SER B 260 3.12 29.75 -30.56
CA SER B 260 1.97 29.96 -31.43
C SER B 260 2.37 30.56 -32.77
N THR B 261 3.20 31.61 -32.74
CA THR B 261 3.65 32.24 -33.97
C THR B 261 5.15 32.45 -34.05
N ARG B 262 5.83 32.56 -32.91
CA ARG B 262 7.28 32.73 -32.88
C ARG B 262 7.94 31.52 -32.25
N ARG B 263 9.27 31.46 -32.36
CA ARG B 263 10.05 30.37 -31.80
C ARG B 263 11.49 30.82 -31.67
N MET B 264 12.11 30.50 -30.55
CA MET B 264 13.50 30.83 -30.30
C MET B 264 14.37 29.64 -30.70
N VAL B 265 15.27 29.84 -31.66
CA VAL B 265 16.07 28.77 -32.24
C VAL B 265 17.54 29.15 -32.21
N GLU B 266 18.38 28.12 -32.25
CA GLU B 266 19.83 28.26 -32.30
C GLU B 266 20.37 27.41 -33.43
N VAL B 267 21.06 28.03 -34.39
CA VAL B 267 21.57 27.36 -35.57
C VAL B 267 23.08 27.51 -35.58
N PRO B 268 23.84 26.43 -35.74
CA PRO B 268 25.30 26.55 -35.80
C PRO B 268 25.77 27.05 -37.16
N ILE B 269 27.00 27.56 -37.17
CA ILE B 269 27.66 28.02 -38.39
C ILE B 269 28.57 26.90 -38.89
N PRO B 270 28.30 26.30 -40.04
CA PRO B 270 29.11 25.18 -40.52
C PRO B 270 30.42 25.68 -41.14
N GLU B 271 31.23 24.72 -41.60
CA GLU B 271 32.48 25.06 -42.26
C GLU B 271 32.19 25.77 -43.58
N GLY B 272 32.89 26.87 -43.81
CA GLY B 272 32.60 27.69 -44.97
C GLY B 272 31.51 28.70 -44.65
N SER B 273 30.27 28.34 -44.95
CA SER B 273 29.06 29.05 -44.57
C SER B 273 28.95 30.43 -45.23
N LYS B 274 29.84 30.76 -46.15
CA LYS B 274 29.82 31.98 -46.97
C LYS B 274 29.92 33.26 -46.16
N LEU B 275 30.05 33.16 -44.83
CA LEU B 275 30.11 34.37 -44.01
C LEU B 275 31.13 34.28 -42.88
N GLU B 276 32.06 33.33 -42.93
CA GLU B 276 33.09 33.23 -41.90
C GLU B 276 34.05 34.41 -42.03
N GLY B 277 34.06 35.27 -41.01
CA GLY B 277 34.94 36.42 -40.96
C GLY B 277 34.25 37.76 -41.08
N VAL B 278 33.05 37.80 -41.65
CA VAL B 278 32.35 39.07 -41.79
C VAL B 278 31.79 39.51 -40.44
N SER B 279 31.63 40.82 -40.29
CA SER B 279 31.12 41.38 -39.05
C SER B 279 29.60 41.25 -39.00
N VAL B 280 29.06 41.45 -37.79
CA VAL B 280 27.61 41.38 -37.62
C VAL B 280 26.93 42.54 -38.35
N LEU B 281 27.58 43.72 -38.37
CA LEU B 281 27.01 44.84 -39.10
C LEU B 281 26.96 44.58 -40.58
N ASP B 282 28.01 43.96 -41.13
CA ASP B 282 28.04 43.69 -42.57
C ASP B 282 27.01 42.62 -42.95
N ALA B 283 26.80 41.64 -42.07
CA ALA B 283 25.85 40.57 -42.38
C ALA B 283 24.43 41.10 -42.51
N ASP B 284 24.01 41.97 -41.58
CA ASP B 284 22.67 42.54 -41.56
C ASP B 284 21.61 41.44 -41.60
N ILE B 285 21.64 40.59 -40.57
CA ILE B 285 20.79 39.41 -40.53
C ILE B 285 19.32 39.82 -40.41
N HIS B 286 19.03 40.82 -39.58
CA HIS B 286 17.63 41.17 -39.31
C HIS B 286 16.92 41.65 -40.56
N ASP B 287 17.57 42.51 -41.36
CA ASP B 287 16.92 43.03 -42.55
C ASP B 287 16.84 41.99 -43.66
N VAL B 288 17.90 41.21 -43.85
CA VAL B 288 17.93 40.23 -44.93
C VAL B 288 16.97 39.08 -44.64
N THR B 289 16.98 38.56 -43.42
CA THR B 289 16.19 37.40 -43.06
C THR B 289 14.88 37.76 -42.36
N GLY B 290 14.96 38.49 -41.26
CA GLY B 290 13.80 38.83 -40.48
C GLY B 290 13.80 38.19 -39.12
N VAL B 291 14.96 37.80 -38.61
CA VAL B 291 15.11 37.15 -37.32
C VAL B 291 15.89 38.08 -36.40
N ILE B 292 15.32 38.34 -35.23
CA ILE B 292 15.97 39.20 -34.25
C ILE B 292 17.11 38.41 -33.61
N ILE B 293 18.30 38.98 -33.63
CA ILE B 293 19.48 38.31 -33.08
C ILE B 293 19.63 38.67 -31.61
N ILE B 294 19.71 37.65 -30.77
CA ILE B 294 19.82 37.83 -29.33
C ILE B 294 21.27 37.72 -28.86
N GLY B 295 21.96 36.68 -29.28
CA GLY B 295 23.34 36.51 -28.85
C GLY B 295 24.04 35.44 -29.67
N VAL B 296 25.33 35.27 -29.37
CA VAL B 296 26.18 34.31 -30.06
C VAL B 296 26.81 33.38 -29.04
N GLY B 297 26.76 32.08 -29.30
CA GLY B 297 27.30 31.09 -28.40
C GLY B 297 28.74 30.70 -28.67
N ARG B 298 29.67 31.60 -28.36
CA ARG B 298 31.09 31.38 -28.63
C ARG B 298 31.71 30.58 -27.49
N GLY B 299 31.73 29.26 -27.63
CA GLY B 299 32.44 28.41 -26.70
C GLY B 299 31.91 28.40 -25.28
N ASP B 300 30.71 27.83 -25.10
CA ASP B 300 30.10 27.64 -23.79
C ASP B 300 29.94 28.96 -23.04
N GLU B 301 29.61 30.01 -23.77
CA GLU B 301 29.25 31.29 -23.16
C GLU B 301 28.32 32.02 -24.10
N LEU B 302 27.56 32.96 -23.55
CA LEU B 302 26.57 33.70 -24.30
C LEU B 302 26.90 35.17 -24.27
N ILE B 303 26.99 35.79 -25.44
CA ILE B 303 27.25 37.22 -25.55
C ILE B 303 25.95 37.86 -26.02
N ILE B 304 25.13 38.30 -25.07
CA ILE B 304 23.85 38.91 -25.40
C ILE B 304 24.09 40.29 -25.99
N ASP B 305 23.44 40.56 -27.13
CA ASP B 305 23.61 41.78 -27.89
C ASP B 305 25.08 42.01 -28.21
N PRO B 306 25.65 41.24 -29.13
CA PRO B 306 27.07 41.39 -29.43
C PRO B 306 27.36 42.75 -30.04
N PRO B 307 28.56 43.29 -29.85
CA PRO B 307 28.90 44.58 -30.43
C PRO B 307 29.06 44.49 -31.94
N ARG B 308 29.15 45.67 -32.56
CA ARG B 308 29.23 45.72 -34.03
C ARG B 308 30.54 45.16 -34.55
N ASP B 309 31.60 45.18 -33.74
CA ASP B 309 32.91 44.69 -34.15
C ASP B 309 33.08 43.20 -33.95
N TYR B 310 31.99 42.45 -33.83
CA TYR B 310 32.04 41.00 -33.64
C TYR B 310 32.08 40.31 -34.98
N SER B 311 33.06 39.44 -35.17
CA SER B 311 33.23 38.70 -36.42
C SER B 311 32.88 37.23 -36.19
N PHE B 312 32.06 36.68 -37.08
CA PHE B 312 31.65 35.30 -36.96
C PHE B 312 32.80 34.35 -37.23
N ARG B 313 32.74 33.18 -36.60
CA ARG B 313 33.76 32.14 -36.78
C ARG B 313 33.10 30.83 -37.16
N ALA B 314 33.88 29.75 -37.20
CA ALA B 314 33.35 28.43 -37.49
C ALA B 314 32.89 27.75 -36.20
N GLY B 315 31.72 27.13 -36.25
CA GLY B 315 31.15 26.48 -35.09
C GLY B 315 30.39 27.38 -34.14
N ASP B 316 30.25 28.66 -34.45
CA ASP B 316 29.49 29.56 -33.60
C ASP B 316 28.01 29.26 -33.71
N ILE B 317 27.27 29.61 -32.67
CA ILE B 317 25.83 29.36 -32.57
C ILE B 317 25.12 30.68 -32.39
N ILE B 318 24.13 30.94 -33.24
CA ILE B 318 23.37 32.19 -33.23
C ILE B 318 22.00 31.91 -32.63
N LEU B 319 21.65 32.66 -31.59
CA LEU B 319 20.37 32.54 -30.92
C LEU B 319 19.46 33.66 -31.38
N GLY B 320 18.27 33.31 -31.88
CA GLY B 320 17.37 34.29 -32.44
C GLY B 320 15.92 33.87 -32.34
N ILE B 321 15.04 34.82 -32.62
CA ILE B 321 13.59 34.62 -32.58
C ILE B 321 13.04 34.97 -33.96
N GLY B 322 12.22 34.07 -34.51
CA GLY B 322 11.65 34.31 -35.82
C GLY B 322 10.55 33.32 -36.13
N LYS B 323 9.79 33.65 -37.16
CA LYS B 323 8.72 32.78 -37.63
C LYS B 323 9.29 31.52 -38.27
N PRO B 324 8.53 30.43 -38.30
CA PRO B 324 9.03 29.19 -38.92
C PRO B 324 9.40 29.35 -40.38
N GLU B 325 8.70 30.22 -41.11
CA GLU B 325 9.06 30.48 -42.49
C GLU B 325 10.25 31.43 -42.64
N GLU B 326 10.70 32.09 -41.56
CA GLU B 326 11.88 32.95 -41.57
C GLU B 326 13.13 32.25 -41.05
N ILE B 327 12.96 31.21 -40.22
CA ILE B 327 14.11 30.45 -39.79
C ILE B 327 14.71 29.69 -40.97
N GLU B 328 13.85 29.17 -41.85
CA GLU B 328 14.36 28.51 -43.05
C GLU B 328 15.12 29.50 -43.93
N ARG B 329 14.68 30.75 -43.98
CA ARG B 329 15.38 31.79 -44.73
C ARG B 329 16.75 32.06 -44.15
N LEU B 330 16.94 31.74 -42.86
CA LEU B 330 18.24 31.96 -42.22
C LEU B 330 19.18 30.78 -42.36
N LYS B 331 18.67 29.55 -42.25
CA LYS B 331 19.52 28.36 -42.39
C LYS B 331 20.11 28.24 -43.78
N ASN B 332 19.32 28.52 -44.83
CA ASN B 332 19.86 28.53 -46.18
C ASN B 332 20.79 29.72 -46.41
N TYR B 333 20.59 30.82 -45.68
CA TYR B 333 21.46 31.98 -45.82
C TYR B 333 22.85 31.73 -45.24
N ILE B 334 22.95 30.86 -44.23
CA ILE B 334 24.23 30.54 -43.61
C ILE B 334 24.79 29.22 -44.10
N SER B 335 24.19 28.61 -45.12
CA SER B 335 24.65 27.34 -45.66
C SER B 335 25.48 27.59 -46.92
N ALA B 336 26.67 26.99 -46.96
CA ALA B 336 27.55 27.13 -48.11
C ALA B 336 27.11 26.22 -49.26
N ALA C 20 10.82 -12.13 -31.87
CA ALA C 20 9.93 -11.51 -32.85
C ALA C 20 9.95 -12.30 -34.16
N THR C 21 10.49 -11.68 -35.20
CA THR C 21 10.56 -12.30 -36.52
C THR C 21 11.85 -13.10 -36.74
N ARG C 22 12.81 -13.06 -35.81
CA ARG C 22 14.04 -13.81 -35.96
C ARG C 22 13.82 -15.31 -35.89
N ILE C 23 12.72 -15.75 -35.28
CA ILE C 23 12.43 -17.17 -35.21
C ILE C 23 12.16 -17.74 -36.60
N LEU C 24 11.39 -17.02 -37.43
CA LEU C 24 11.07 -17.49 -38.77
C LEU C 24 12.33 -17.64 -39.63
N LEU C 25 13.24 -16.67 -39.51
CA LEU C 25 14.50 -16.75 -40.24
C LEU C 25 15.32 -17.96 -39.78
N LEU C 26 15.32 -18.24 -38.47
CA LEU C 26 16.07 -19.41 -38.00
C LEU C 26 15.47 -20.73 -38.50
N VAL C 27 14.14 -20.80 -38.56
CA VAL C 27 13.47 -22.01 -39.02
C VAL C 27 13.83 -22.28 -40.49
N LEU C 28 13.80 -21.24 -41.32
CA LEU C 28 14.18 -21.47 -42.72
C LEU C 28 15.68 -21.74 -42.87
N ALA C 29 16.52 -21.25 -41.94
CA ALA C 29 17.95 -21.46 -42.03
C ALA C 29 18.27 -22.95 -41.89
N VAL C 30 17.61 -23.60 -40.93
CA VAL C 30 17.93 -25.00 -40.72
C VAL C 30 17.31 -25.85 -41.80
N ILE C 31 16.24 -25.38 -42.44
CA ILE C 31 15.65 -26.14 -43.54
C ILE C 31 16.61 -26.20 -44.73
N ILE C 32 17.24 -25.08 -45.05
CA ILE C 32 18.20 -25.03 -46.15
C ILE C 32 19.40 -25.93 -45.87
N TYR C 33 19.92 -25.90 -44.64
CA TYR C 33 21.06 -26.76 -44.30
C TYR C 33 20.73 -28.26 -44.41
N GLY C 34 19.56 -28.67 -43.92
CA GLY C 34 19.18 -30.07 -44.02
C GLY C 34 18.91 -30.53 -45.43
N THR C 35 18.23 -29.72 -46.24
CA THR C 35 17.89 -30.12 -47.60
C THR C 35 19.14 -30.18 -48.47
N ALA C 36 20.03 -29.18 -48.39
CA ALA C 36 21.21 -29.18 -49.24
C ALA C 36 22.15 -30.34 -48.88
N GLY C 37 22.37 -30.59 -47.59
CA GLY C 37 23.28 -31.64 -47.20
C GLY C 37 22.79 -33.02 -47.62
N PHE C 38 21.49 -33.29 -47.44
CA PHE C 38 20.99 -34.60 -47.82
C PHE C 38 21.00 -34.79 -49.33
N HIS C 39 20.78 -33.70 -50.09
CA HIS C 39 20.71 -33.80 -51.53
C HIS C 39 22.06 -34.15 -52.12
N PHE C 40 23.13 -33.52 -51.63
CA PHE C 40 24.45 -33.69 -52.25
C PHE C 40 25.28 -34.79 -51.60
N ILE C 41 24.74 -35.48 -50.61
CA ILE C 41 25.43 -36.59 -49.95
C ILE C 41 24.81 -37.93 -50.30
N GLU C 42 23.48 -38.04 -50.18
CA GLU C 42 22.80 -39.29 -50.51
C GLU C 42 22.36 -39.37 -51.96
N GLY C 43 22.51 -38.30 -52.74
CA GLY C 43 22.17 -38.33 -54.15
C GLY C 43 20.70 -38.34 -54.47
N GLU C 44 19.85 -38.02 -53.51
CA GLU C 44 18.42 -38.00 -53.73
C GLU C 44 18.02 -36.69 -54.40
N SER C 45 16.81 -36.69 -54.94
CA SER C 45 16.30 -35.53 -55.65
C SER C 45 15.94 -34.40 -54.67
N TRP C 46 15.76 -33.20 -55.23
CA TRP C 46 15.39 -32.06 -54.39
C TRP C 46 14.02 -32.26 -53.75
N THR C 47 13.04 -32.80 -54.48
CA THR C 47 11.73 -33.05 -53.89
C THR C 47 11.75 -34.11 -52.80
N VAL C 48 12.77 -34.95 -52.82
CA VAL C 48 12.93 -35.95 -51.78
C VAL C 48 13.68 -35.36 -50.61
N SER C 49 14.72 -34.57 -50.85
CA SER C 49 15.47 -33.95 -49.75
C SER C 49 14.57 -33.00 -48.94
N LEU C 50 13.74 -32.22 -49.63
CA LEU C 50 12.77 -31.37 -48.93
C LEU C 50 11.77 -32.21 -48.14
N TYR C 51 11.29 -33.32 -48.73
CA TYR C 51 10.41 -34.20 -47.97
C TYR C 51 11.10 -34.83 -46.76
N TRP C 52 12.35 -35.26 -46.92
CA TRP C 52 13.07 -35.87 -45.80
C TRP C 52 13.40 -34.87 -44.70
N THR C 53 13.64 -33.61 -45.08
CA THR C 53 13.95 -32.61 -44.07
C THR C 53 12.72 -32.36 -43.20
N PHE C 54 11.54 -32.30 -43.83
CA PHE C 54 10.34 -32.01 -43.05
C PHE C 54 9.92 -33.21 -42.21
N VAL C 55 10.25 -34.44 -42.62
CA VAL C 55 9.90 -35.61 -41.81
C VAL C 55 10.94 -35.92 -40.75
N THR C 56 12.06 -35.19 -40.73
CA THR C 56 13.08 -35.35 -39.70
C THR C 56 13.01 -34.28 -38.63
N ILE C 57 12.76 -33.02 -39.00
CA ILE C 57 12.61 -31.97 -38.00
C ILE C 57 11.35 -32.19 -37.17
N ALA C 58 10.25 -32.58 -37.81
CA ALA C 58 9.01 -32.87 -37.12
C ALA C 58 9.04 -34.20 -36.37
N THR C 59 10.12 -34.98 -36.51
CA THR C 59 10.30 -36.25 -35.82
C THR C 59 9.18 -37.24 -36.13
N VAL C 60 8.64 -37.15 -37.35
CA VAL C 60 7.69 -38.16 -37.81
C VAL C 60 8.40 -39.48 -38.04
N GLY C 61 9.53 -39.44 -38.75
CA GLY C 61 10.37 -40.61 -38.91
C GLY C 61 9.74 -41.78 -39.63
N TYR C 62 9.44 -41.62 -40.92
CA TYR C 62 8.96 -42.74 -41.71
C TYR C 62 10.04 -43.81 -41.84
N GLY C 63 11.29 -43.40 -42.03
CA GLY C 63 12.40 -44.33 -42.12
C GLY C 63 12.58 -45.00 -43.46
N ASP C 64 11.91 -44.54 -44.51
CA ASP C 64 12.04 -45.14 -45.83
C ASP C 64 13.21 -44.58 -46.63
N TYR C 65 13.89 -43.55 -46.13
CA TYR C 65 15.04 -42.94 -46.80
C TYR C 65 16.16 -42.69 -45.81
N SER C 66 16.44 -43.70 -44.99
CA SER C 66 17.49 -43.57 -43.99
C SER C 66 18.85 -43.49 -44.66
N PRO C 67 19.76 -42.64 -44.17
CA PRO C 67 21.10 -42.52 -44.77
C PRO C 67 22.01 -43.65 -44.33
N SER C 68 22.35 -44.53 -45.28
CA SER C 68 23.25 -45.65 -44.97
C SER C 68 24.70 -45.20 -44.85
N THR C 69 25.07 -44.11 -45.52
CA THR C 69 26.45 -43.63 -45.48
C THR C 69 26.79 -43.15 -44.08
N PRO C 70 27.92 -43.56 -43.51
CA PRO C 70 28.29 -43.06 -42.16
C PRO C 70 28.47 -41.53 -42.09
N LEU C 71 28.93 -40.92 -43.17
CA LEU C 71 29.00 -39.47 -43.21
C LEU C 71 27.60 -38.86 -43.12
N GLY C 72 26.63 -39.48 -43.81
CA GLY C 72 25.27 -39.00 -43.68
C GLY C 72 24.71 -39.16 -42.28
N MET C 73 25.12 -40.21 -41.57
CA MET C 73 24.66 -40.40 -40.21
C MET C 73 25.13 -39.24 -39.31
N TYR C 74 26.38 -38.82 -39.47
CA TYR C 74 26.81 -37.64 -38.72
C TYR C 74 26.08 -36.37 -39.17
N PHE C 75 25.69 -36.31 -40.44
CA PHE C 75 24.90 -35.17 -40.90
C PHE C 75 23.53 -35.15 -40.24
N THR C 76 22.97 -36.33 -39.97
CA THR C 76 21.70 -36.37 -39.28
C THR C 76 21.88 -35.97 -37.82
N VAL C 77 23.01 -36.31 -37.20
CA VAL C 77 23.21 -35.98 -35.79
C VAL C 77 23.22 -34.46 -35.59
N THR C 78 23.97 -33.76 -36.44
CA THR C 78 23.97 -32.29 -36.34
C THR C 78 22.64 -31.69 -36.76
N LEU C 79 21.92 -32.32 -37.70
CA LEU C 79 20.60 -31.84 -38.06
C LEU C 79 19.60 -32.02 -36.90
N ILE C 80 19.70 -33.13 -36.18
CA ILE C 80 18.83 -33.37 -35.02
C ILE C 80 19.11 -32.35 -33.92
N VAL C 81 20.39 -32.05 -33.68
CA VAL C 81 20.76 -31.08 -32.65
C VAL C 81 20.16 -29.72 -32.98
N LEU C 82 20.25 -29.31 -34.25
CA LEU C 82 19.61 -28.05 -34.66
C LEU C 82 18.09 -28.13 -34.56
N GLY C 83 17.48 -29.28 -34.86
CA GLY C 83 16.04 -29.42 -34.70
C GLY C 83 15.57 -29.26 -33.27
N ILE C 84 16.32 -29.83 -32.33
CA ILE C 84 15.98 -29.66 -30.93
C ILE C 84 16.20 -28.21 -30.50
N GLY C 85 17.27 -27.57 -30.98
CA GLY C 85 17.50 -26.19 -30.61
C GLY C 85 16.39 -25.26 -31.11
N THR C 86 15.93 -25.47 -32.36
CA THR C 86 14.88 -24.62 -32.88
C THR C 86 13.56 -24.88 -32.15
N PHE C 87 13.39 -26.06 -31.56
CA PHE C 87 12.16 -26.30 -30.83
C PHE C 87 12.17 -25.57 -29.50
N PHE C 88 13.33 -25.53 -28.87
CA PHE C 88 13.42 -24.88 -27.56
C PHE C 88 13.34 -23.36 -27.68
N VAL C 89 13.88 -22.78 -28.75
CA VAL C 89 13.75 -21.33 -28.93
C VAL C 89 12.30 -20.95 -29.25
N ALA C 90 11.58 -21.81 -29.97
CA ALA C 90 10.17 -21.56 -30.23
C ALA C 90 9.35 -21.58 -28.93
N VAL C 91 9.64 -22.53 -28.04
CA VAL C 91 8.98 -22.52 -26.73
C VAL C 91 9.45 -21.34 -25.86
N GLU C 92 10.72 -20.96 -25.94
CA GLU C 92 11.23 -19.82 -25.19
C GLU C 92 10.51 -18.52 -25.59
N ARG C 93 10.29 -18.32 -26.88
CA ARG C 93 9.61 -17.11 -27.33
C ARG C 93 8.12 -17.18 -27.03
N LEU C 94 7.50 -18.35 -27.17
CA LEU C 94 6.07 -18.46 -26.88
C LEU C 94 5.79 -18.21 -25.41
N LEU C 95 6.60 -18.77 -24.52
CA LEU C 95 6.40 -18.59 -23.09
C LEU C 95 6.61 -17.13 -22.71
N GLU C 96 7.62 -16.47 -23.27
CA GLU C 96 7.86 -15.08 -22.92
C GLU C 96 6.70 -14.18 -23.37
N PHE C 97 6.15 -14.45 -24.55
CA PHE C 97 5.03 -13.67 -25.05
C PHE C 97 3.78 -13.85 -24.19
N LEU C 98 3.51 -15.07 -23.76
CA LEU C 98 2.29 -15.31 -22.99
C LEU C 98 2.41 -14.76 -21.57
N ILE C 99 3.56 -14.95 -20.92
CA ILE C 99 3.73 -14.46 -19.56
C ILE C 99 3.66 -12.94 -19.52
N ASN C 100 4.33 -12.28 -20.49
CA ASN C 100 4.29 -10.82 -20.52
C ASN C 100 2.88 -10.31 -20.78
N ARG C 101 2.15 -10.94 -21.71
CA ARG C 101 0.82 -10.45 -22.04
C ARG C 101 -0.14 -10.61 -20.85
N GLU C 102 -0.07 -11.75 -20.15
CA GLU C 102 -0.98 -11.97 -19.02
C GLU C 102 -0.66 -11.01 -17.87
N GLN C 103 0.61 -10.72 -17.62
CA GLN C 103 0.95 -9.76 -16.57
C GLN C 103 0.43 -8.37 -16.90
N MET C 104 0.54 -7.95 -18.16
CA MET C 104 0.02 -6.64 -18.54
C MET C 104 -1.50 -6.59 -18.43
N LYS C 105 -2.20 -7.60 -18.97
CA LYS C 105 -3.66 -7.59 -18.97
C LYS C 105 -4.23 -7.68 -17.56
N LEU C 106 -3.51 -8.31 -16.63
CA LEU C 106 -4.04 -8.47 -15.28
C LEU C 106 -4.24 -7.12 -14.60
N MET C 107 -3.30 -6.19 -14.78
CA MET C 107 -3.37 -4.88 -14.15
C MET C 107 -3.77 -3.78 -15.13
N GLY C 108 -4.66 -4.08 -16.06
CA GLY C 108 -5.10 -3.11 -17.04
C GLY C 108 -4.10 -2.93 -18.16
N LEU C 109 -3.60 -1.71 -18.35
CA LEU C 109 -2.52 -1.44 -19.29
C LEU C 109 -2.82 -1.97 -20.70
N ILE C 110 -4.08 -1.87 -21.09
CA ILE C 110 -4.55 -2.39 -22.37
C ILE C 110 -5.44 -1.35 -23.03
N ASP C 111 -5.61 -1.48 -24.34
CA ASP C 111 -6.41 -0.56 -25.14
C ASP C 111 -7.70 -1.25 -25.55
N VAL C 112 -8.82 -0.57 -25.35
CA VAL C 112 -10.13 -1.13 -25.69
C VAL C 112 -10.31 -1.08 -27.21
N ALA C 113 -10.72 -2.21 -27.78
CA ALA C 113 -10.96 -2.32 -29.21
C ALA C 113 -12.44 -2.36 -29.58
N LYS C 114 -13.33 -2.33 -28.61
CA LYS C 114 -14.76 -2.36 -28.89
C LYS C 114 -15.22 -1.03 -29.49
N SER C 115 -16.40 -1.06 -30.09
CA SER C 115 -16.96 0.12 -30.75
C SER C 115 -18.40 0.40 -30.39
N ARG C 116 -19.00 -0.35 -29.46
CA ARG C 116 -20.35 -0.07 -28.98
C ARG C 116 -20.45 -0.29 -27.48
N HIS C 117 -19.36 -0.08 -26.76
CA HIS C 117 -19.29 -0.33 -25.34
C HIS C 117 -19.77 0.88 -24.56
N VAL C 118 -19.83 0.73 -23.23
CA VAL C 118 -20.18 1.81 -22.31
C VAL C 118 -19.01 2.04 -21.38
N VAL C 119 -18.56 3.28 -21.29
CA VAL C 119 -17.41 3.65 -20.47
C VAL C 119 -17.89 4.31 -19.20
N ILE C 120 -17.40 3.83 -18.06
CA ILE C 120 -17.76 4.39 -16.76
C ILE C 120 -16.50 4.95 -16.13
N CYS C 121 -16.53 6.24 -15.79
CA CYS C 121 -15.41 6.91 -15.14
C CYS C 121 -15.68 6.98 -13.65
N GLY C 122 -14.80 6.38 -12.86
CA GLY C 122 -14.99 6.30 -11.43
C GLY C 122 -15.79 5.08 -11.01
N TRP C 123 -15.83 4.86 -9.69
CA TRP C 123 -16.52 3.70 -9.15
C TRP C 123 -17.12 4.07 -7.81
N SER C 124 -18.41 3.80 -7.65
CA SER C 124 -19.12 4.05 -6.40
C SER C 124 -20.30 3.09 -6.32
N GLU C 125 -21.19 3.31 -5.34
CA GLU C 125 -22.36 2.45 -5.21
C GLU C 125 -23.37 2.69 -6.33
N SER C 126 -23.51 3.93 -6.80
CA SER C 126 -24.45 4.21 -7.88
C SER C 126 -24.01 3.53 -9.18
N THR C 127 -22.71 3.52 -9.44
CA THR C 127 -22.24 2.85 -10.63
C THR C 127 -22.39 1.34 -10.51
N LEU C 128 -22.41 0.81 -9.28
CA LEU C 128 -22.68 -0.61 -9.11
C LEU C 128 -24.13 -0.93 -9.39
N GLU C 129 -25.03 0.00 -9.06
CA GLU C 129 -26.46 -0.22 -9.30
C GLU C 129 -26.76 -0.30 -10.79
N CYS C 130 -26.12 0.56 -11.58
CA CYS C 130 -26.41 0.55 -13.03
C CYS C 130 -25.81 -0.65 -13.77
N LEU C 131 -24.85 -1.35 -13.18
CA LEU C 131 -24.30 -2.57 -13.78
C LEU C 131 -25.25 -3.75 -13.69
N ARG C 132 -26.16 -3.76 -12.72
CA ARG C 132 -27.13 -4.83 -12.59
C ARG C 132 -28.18 -4.81 -13.69
N GLU C 133 -28.26 -3.73 -14.46
CA GLU C 133 -29.20 -3.64 -15.56
C GLU C 133 -28.51 -3.55 -16.92
N LEU C 134 -27.22 -3.87 -16.98
CA LEU C 134 -26.44 -3.83 -18.21
C LEU C 134 -25.59 -5.08 -18.31
N ARG C 135 -25.02 -5.30 -19.49
CA ARG C 135 -24.15 -6.44 -19.71
C ARG C 135 -22.80 -6.21 -19.03
N GLY C 136 -22.08 -7.31 -18.82
CA GLY C 136 -20.80 -7.24 -18.15
C GLY C 136 -19.65 -7.00 -19.10
N SER C 137 -19.58 -7.77 -20.17
CA SER C 137 -18.51 -7.61 -21.15
C SER C 137 -18.65 -6.34 -21.98
N GLU C 138 -19.78 -5.67 -21.93
CA GLU C 138 -20.01 -4.45 -22.69
C GLU C 138 -19.59 -3.19 -21.94
N VAL C 139 -19.25 -3.30 -20.67
CA VAL C 139 -18.95 -2.14 -19.83
C VAL C 139 -17.48 -2.16 -19.45
N PHE C 140 -16.80 -1.03 -19.66
CA PHE C 140 -15.41 -0.86 -19.29
C PHE C 140 -15.31 0.23 -18.23
N VAL C 141 -14.60 -0.03 -17.16
CA VAL C 141 -14.45 0.90 -16.05
C VAL C 141 -13.05 1.49 -16.09
N LEU C 142 -12.95 2.81 -16.13
CA LEU C 142 -11.68 3.52 -16.17
C LEU C 142 -11.41 4.12 -14.80
N ALA C 143 -10.45 3.55 -14.09
CA ALA C 143 -10.09 4.00 -12.75
C ALA C 143 -8.59 3.85 -12.57
N GLU C 144 -8.10 4.22 -11.39
CA GLU C 144 -6.68 4.15 -11.09
C GLU C 144 -6.36 3.51 -9.75
N ASP C 145 -7.32 3.40 -8.84
CA ASP C 145 -7.05 2.78 -7.54
C ASP C 145 -6.89 1.27 -7.69
N GLU C 146 -6.09 0.69 -6.79
CA GLU C 146 -5.82 -0.74 -6.81
C GLU C 146 -7.00 -1.55 -6.29
N ASN C 147 -7.71 -1.04 -5.28
CA ASN C 147 -8.82 -1.77 -4.70
C ASN C 147 -10.04 -1.78 -5.61
N VAL C 148 -10.18 -0.78 -6.48
CA VAL C 148 -11.30 -0.73 -7.40
C VAL C 148 -11.25 -1.89 -8.40
N ARG C 149 -10.05 -2.31 -8.81
CA ARG C 149 -9.92 -3.35 -9.81
C ARG C 149 -10.55 -4.67 -9.35
N LYS C 150 -10.36 -5.05 -8.08
CA LYS C 150 -10.96 -6.28 -7.59
C LYS C 150 -12.49 -6.19 -7.54
N LYS C 151 -13.04 -5.02 -7.17
CA LYS C 151 -14.49 -4.87 -7.13
C LYS C 151 -15.09 -4.96 -8.52
N VAL C 152 -14.40 -4.38 -9.51
CA VAL C 152 -14.92 -4.41 -10.86
C VAL C 152 -14.93 -5.84 -11.36
N LEU C 153 -13.86 -6.60 -11.08
CA LEU C 153 -13.78 -7.95 -11.60
C LEU C 153 -14.89 -8.82 -11.04
N ARG C 154 -15.20 -8.65 -9.74
CA ARG C 154 -16.26 -9.44 -9.13
C ARG C 154 -17.62 -9.11 -9.71
N SER C 155 -17.78 -7.92 -10.29
CA SER C 155 -19.06 -7.55 -10.88
C SER C 155 -19.22 -8.02 -12.32
N GLY C 156 -18.19 -8.57 -12.93
CA GLY C 156 -18.26 -9.06 -14.29
C GLY C 156 -17.95 -8.05 -15.38
N ALA C 157 -17.48 -6.87 -15.02
CA ALA C 157 -17.15 -5.82 -15.97
C ALA C 157 -15.66 -5.89 -16.29
N ASN C 158 -15.21 -4.98 -17.14
CA ASN C 158 -13.81 -4.90 -17.56
C ASN C 158 -13.16 -3.66 -16.95
N PHE C 159 -11.90 -3.79 -16.57
CA PHE C 159 -11.16 -2.73 -15.88
C PHE C 159 -10.06 -2.21 -16.78
N VAL C 160 -9.98 -0.88 -16.92
CA VAL C 160 -8.93 -0.20 -17.67
C VAL C 160 -8.23 0.76 -16.71
N HIS C 161 -6.91 0.66 -16.64
CA HIS C 161 -6.12 1.46 -15.72
C HIS C 161 -5.74 2.78 -16.40
N GLY C 162 -6.15 3.89 -15.81
CA GLY C 162 -5.85 5.19 -16.37
C GLY C 162 -6.47 6.28 -15.53
N ASP C 163 -6.13 7.52 -15.88
CA ASP C 163 -6.66 8.70 -15.21
C ASP C 163 -7.81 9.27 -16.02
N PRO C 164 -9.04 9.27 -15.51
CA PRO C 164 -10.16 9.80 -16.30
C PRO C 164 -10.02 11.27 -16.65
N THR C 165 -9.29 12.06 -15.86
CA THR C 165 -9.09 13.46 -16.17
C THR C 165 -8.03 13.69 -17.23
N ARG C 166 -7.23 12.69 -17.57
CA ARG C 166 -6.20 12.80 -18.60
C ARG C 166 -6.81 12.49 -19.95
N VAL C 167 -6.62 13.38 -20.94
CA VAL C 167 -7.14 13.16 -22.27
C VAL C 167 -6.48 11.96 -22.95
N SER C 168 -5.19 11.76 -22.67
CA SER C 168 -4.49 10.62 -23.23
C SER C 168 -5.09 9.31 -22.75
N ASP C 169 -5.45 9.24 -21.46
CA ASP C 169 -6.07 8.02 -20.95
C ASP C 169 -7.52 7.86 -21.36
N LEU C 170 -8.18 8.95 -21.75
CA LEU C 170 -9.55 8.87 -22.25
C LEU C 170 -9.59 8.26 -23.63
N GLU C 171 -8.48 8.36 -24.38
CA GLU C 171 -8.45 7.68 -25.68
C GLU C 171 -8.10 6.21 -25.58
N LYS C 172 -7.47 5.78 -24.49
CA LYS C 172 -7.21 4.36 -24.25
C LYS C 172 -8.51 3.58 -24.09
N ALA C 173 -9.49 4.16 -23.39
CA ALA C 173 -10.79 3.54 -23.24
C ALA C 173 -11.63 3.63 -24.50
N ASN C 174 -11.18 4.37 -25.51
CA ASN C 174 -11.88 4.52 -26.78
C ASN C 174 -13.27 5.12 -26.59
N VAL C 175 -13.29 6.33 -26.04
CA VAL C 175 -14.54 7.06 -25.87
C VAL C 175 -15.03 7.70 -27.17
N ARG C 176 -14.19 7.73 -28.20
CA ARG C 176 -14.60 8.29 -29.48
C ARG C 176 -15.71 7.46 -30.11
N GLY C 177 -15.61 6.15 -30.01
CA GLY C 177 -16.63 5.27 -30.54
C GLY C 177 -17.42 4.53 -29.48
N ALA C 178 -17.76 5.24 -28.41
CA ALA C 178 -18.49 4.66 -27.29
C ALA C 178 -19.98 4.95 -27.42
N ARG C 179 -20.79 3.99 -26.98
CA ARG C 179 -22.23 4.16 -27.00
C ARG C 179 -22.67 5.25 -26.03
N ALA C 180 -22.12 5.26 -24.82
CA ALA C 180 -22.42 6.28 -23.82
C ALA C 180 -21.29 6.30 -22.80
N VAL C 181 -21.18 7.44 -22.11
CA VAL C 181 -20.16 7.64 -21.08
C VAL C 181 -20.85 8.08 -19.81
N ILE C 182 -20.51 7.45 -18.69
CA ILE C 182 -21.06 7.79 -17.38
C ILE C 182 -19.92 8.28 -16.51
N VAL C 183 -20.05 9.48 -15.96
CA VAL C 183 -19.01 10.12 -15.16
C VAL C 183 -19.48 10.23 -13.73
N ASP C 184 -18.74 9.63 -12.81
CA ASP C 184 -19.02 9.73 -11.38
C ASP C 184 -17.69 9.60 -10.64
N LEU C 185 -17.11 10.74 -10.28
CA LEU C 185 -15.80 10.80 -9.65
C LEU C 185 -15.92 11.26 -8.21
N GLU C 186 -14.78 11.36 -7.54
CA GLU C 186 -14.76 11.67 -6.11
C GLU C 186 -15.24 13.08 -5.82
N SER C 187 -14.86 14.05 -6.65
CA SER C 187 -15.18 15.45 -6.43
C SER C 187 -15.82 16.03 -7.69
N ASP C 188 -16.56 17.12 -7.49
CA ASP C 188 -17.14 17.84 -8.63
C ASP C 188 -16.07 18.50 -9.50
N SER C 189 -14.92 18.84 -8.92
CA SER C 189 -13.83 19.40 -9.71
C SER C 189 -13.32 18.39 -10.74
N GLU C 190 -13.21 17.13 -10.33
CA GLU C 190 -12.79 16.10 -11.27
C GLU C 190 -13.90 15.76 -12.26
N THR C 191 -15.16 15.82 -11.84
CA THR C 191 -16.27 15.55 -12.77
C THR C 191 -16.34 16.59 -13.88
N ILE C 192 -16.17 17.87 -13.53
CA ILE C 192 -16.17 18.92 -14.54
C ILE C 192 -14.96 18.76 -15.46
N HIS C 193 -13.79 18.46 -14.90
CA HIS C 193 -12.60 18.32 -15.74
C HIS C 193 -12.72 17.13 -16.71
N CYS C 194 -13.34 16.04 -16.26
CA CYS C 194 -13.50 14.87 -17.12
C CYS C 194 -14.45 15.18 -18.27
N ILE C 195 -15.53 15.93 -18.00
CA ILE C 195 -16.45 16.24 -19.09
C ILE C 195 -15.78 17.13 -20.13
N LEU C 196 -14.96 18.10 -19.70
CA LEU C 196 -14.27 18.97 -20.64
C LEU C 196 -13.30 18.20 -21.52
N GLY C 197 -12.72 17.13 -20.97
CA GLY C 197 -11.82 16.33 -21.78
C GLY C 197 -12.55 15.45 -22.75
N ILE C 198 -13.74 14.99 -22.41
CA ILE C 198 -14.50 14.14 -23.34
C ILE C 198 -14.98 14.96 -24.54
N ARG C 199 -15.48 16.16 -24.28
CA ARG C 199 -15.95 17.03 -25.37
C ARG C 199 -14.81 17.48 -26.27
N LYS C 200 -13.57 17.43 -25.80
CA LYS C 200 -12.45 17.74 -26.69
C LYS C 200 -12.16 16.61 -27.69
N ILE C 201 -12.48 15.36 -27.34
CA ILE C 201 -12.26 14.20 -28.21
C ILE C 201 -13.46 14.00 -29.13
N ASP C 202 -14.64 13.77 -28.57
CA ASP C 202 -15.85 13.54 -29.34
C ASP C 202 -16.90 14.55 -28.89
N GLU C 203 -17.50 15.25 -29.84
CA GLU C 203 -18.50 16.26 -29.55
C GLU C 203 -19.94 15.76 -29.65
N SER C 204 -20.13 14.48 -29.96
CA SER C 204 -21.47 13.94 -30.16
C SER C 204 -21.82 12.79 -29.21
N VAL C 205 -20.84 12.27 -28.46
CA VAL C 205 -21.12 11.16 -27.55
C VAL C 205 -22.02 11.64 -26.42
N ARG C 206 -22.84 10.74 -25.90
CA ARG C 206 -23.77 11.05 -24.82
C ARG C 206 -23.07 10.90 -23.48
N ILE C 207 -23.19 11.93 -22.64
CA ILE C 207 -22.52 11.98 -21.34
C ILE C 207 -23.57 12.08 -20.25
N ILE C 208 -23.48 11.20 -19.26
CA ILE C 208 -24.33 11.24 -18.08
C ILE C 208 -23.43 11.45 -16.87
N ALA C 209 -23.71 12.49 -16.10
CA ALA C 209 -22.86 12.88 -14.99
C ALA C 209 -23.69 13.03 -13.72
N GLU C 210 -23.04 12.81 -12.57
CA GLU C 210 -23.67 12.93 -11.27
C GLU C 210 -23.05 14.11 -10.52
N ALA C 211 -23.91 14.98 -10.00
CA ALA C 211 -23.48 16.14 -9.24
C ALA C 211 -23.70 15.93 -7.75
N GLU C 212 -22.88 16.59 -6.95
CA GLU C 212 -22.97 16.54 -5.49
C GLU C 212 -23.49 17.82 -4.88
N ARG C 213 -22.91 18.96 -5.24
CA ARG C 213 -23.35 20.26 -4.76
C ARG C 213 -24.37 20.86 -5.70
N TYR C 214 -25.32 21.61 -5.12
CA TYR C 214 -26.36 22.23 -5.92
C TYR C 214 -25.80 23.34 -6.81
N GLU C 215 -24.75 24.02 -6.37
CA GLU C 215 -24.19 25.10 -7.14
C GLU C 215 -23.48 24.62 -8.41
N ASN C 216 -23.11 23.35 -8.51
CA ASN C 216 -22.37 22.81 -9.65
C ASN C 216 -23.26 22.14 -10.68
N ILE C 217 -24.58 22.20 -10.50
CA ILE C 217 -25.49 21.61 -11.47
C ILE C 217 -25.38 22.35 -12.79
N GLU C 218 -25.35 23.69 -12.77
CA GLU C 218 -25.22 24.44 -14.02
C GLU C 218 -23.82 24.34 -14.62
N GLN C 219 -22.81 24.10 -13.80
CA GLN C 219 -21.45 23.98 -14.32
C GLN C 219 -21.29 22.71 -15.12
N LEU C 220 -22.02 21.66 -14.76
CA LEU C 220 -21.93 20.43 -15.55
C LEU C 220 -22.59 20.61 -16.91
N ARG C 221 -23.69 21.36 -16.98
CA ARG C 221 -24.38 21.58 -18.25
C ARG C 221 -23.54 22.45 -19.17
N MET C 222 -22.86 23.45 -18.62
CA MET C 222 -21.98 24.27 -19.45
C MET C 222 -20.79 23.47 -19.95
N ALA C 223 -20.33 22.48 -19.19
CA ALA C 223 -19.22 21.65 -19.65
C ALA C 223 -19.63 20.78 -20.84
N GLY C 224 -20.90 20.38 -20.92
CA GLY C 224 -21.36 19.58 -22.04
C GLY C 224 -22.06 18.30 -21.66
N ALA C 225 -22.48 18.20 -20.41
CA ALA C 225 -23.19 17.02 -19.93
C ALA C 225 -24.61 17.02 -20.46
N ASP C 226 -25.03 15.90 -21.05
CA ASP C 226 -26.38 15.80 -21.60
C ASP C 226 -27.42 15.62 -20.51
N GLN C 227 -27.12 14.83 -19.49
CA GLN C 227 -28.04 14.61 -18.38
C GLN C 227 -27.27 14.71 -17.08
N VAL C 228 -27.83 15.45 -16.12
CA VAL C 228 -27.22 15.67 -14.82
C VAL C 228 -28.15 15.13 -13.75
N ILE C 229 -27.60 14.33 -12.83
CA ILE C 229 -28.34 13.73 -11.73
C ILE C 229 -27.70 14.20 -10.43
N SER C 230 -28.53 14.68 -9.51
CA SER C 230 -28.08 15.19 -8.22
C SER C 230 -28.77 14.43 -7.10
N PRO C 231 -28.21 13.32 -6.64
CA PRO C 231 -28.86 12.55 -5.57
C PRO C 231 -28.77 13.20 -4.19
N PHE C 232 -27.71 13.95 -3.92
CA PHE C 232 -27.57 14.59 -2.61
C PHE C 232 -28.58 15.71 -2.42
N VAL C 233 -28.91 16.45 -3.47
CA VAL C 233 -29.89 17.53 -3.36
C VAL C 233 -31.29 16.96 -3.12
N ILE C 234 -31.64 15.88 -3.81
CA ILE C 234 -32.95 15.27 -3.64
C ILE C 234 -33.07 14.70 -2.23
N SER C 235 -32.02 14.04 -1.74
CA SER C 235 -32.10 13.47 -0.40
C SER C 235 -32.19 14.55 0.68
N GLY C 236 -31.49 15.69 0.50
CA GLY C 236 -31.54 16.72 1.50
C GLY C 236 -32.90 17.36 1.65
N ARG C 237 -33.57 17.58 0.51
CA ARG C 237 -34.89 18.21 0.58
C ARG C 237 -35.90 17.26 1.19
N LEU C 238 -35.77 15.96 0.90
CA LEU C 238 -36.73 15.03 1.48
C LEU C 238 -36.55 14.91 2.99
N MET C 239 -35.30 14.99 3.48
CA MET C 239 -35.06 14.89 4.92
C MET C 239 -35.72 16.04 5.66
N SER C 240 -35.62 17.25 5.12
CA SER C 240 -36.16 18.42 5.82
C SER C 240 -37.68 18.51 5.74
N ARG C 241 -38.31 17.83 4.79
CA ARG C 241 -39.77 17.85 4.65
C ARG C 241 -40.46 16.61 5.19
N SER C 242 -39.70 15.64 5.70
CA SER C 242 -40.24 14.43 6.30
C SER C 242 -40.26 14.47 7.82
N ILE C 243 -39.93 15.60 8.42
CA ILE C 243 -39.91 15.71 9.88
C ILE C 243 -41.32 15.57 10.44
N ASP C 244 -42.31 16.21 9.80
CA ASP C 244 -43.67 16.19 10.33
C ASP C 244 -44.51 15.06 9.73
N ASP C 245 -44.74 15.08 8.42
CA ASP C 245 -45.58 14.10 7.76
C ASP C 245 -44.81 13.20 6.80
N GLY C 246 -44.07 13.78 5.86
CA GLY C 246 -43.28 12.98 4.93
C GLY C 246 -44.05 12.03 4.05
N TYR C 247 -45.18 12.47 3.47
CA TYR C 247 -45.94 11.64 2.55
C TYR C 247 -45.30 11.58 1.14
N GLU C 248 -44.65 12.66 0.72
CA GLU C 248 -44.00 12.63 -0.58
C GLU C 248 -42.74 11.79 -0.57
N ALA C 249 -42.14 11.57 0.59
CA ALA C 249 -41.00 10.66 0.63
C ALA C 249 -41.43 9.23 0.43
N MET C 250 -42.64 8.88 0.89
CA MET C 250 -43.18 7.55 0.64
C MET C 250 -43.41 7.33 -0.84
N PHE C 251 -43.91 8.37 -1.53
CA PHE C 251 -44.14 8.22 -2.97
C PHE C 251 -42.84 8.00 -3.72
N VAL C 252 -41.80 8.78 -3.38
CA VAL C 252 -40.52 8.64 -4.07
C VAL C 252 -39.89 7.29 -3.80
N GLN C 253 -39.92 6.83 -2.55
CA GLN C 253 -39.27 5.58 -2.21
C GLN C 253 -39.98 4.38 -2.82
N ASP C 254 -41.31 4.41 -2.89
CA ASP C 254 -42.09 3.28 -3.36
C ASP C 254 -42.27 3.24 -4.87
N VAL C 255 -41.87 4.29 -5.60
CA VAL C 255 -42.04 4.34 -7.04
C VAL C 255 -40.70 4.43 -7.77
N LEU C 256 -39.82 5.31 -7.32
CA LEU C 256 -38.54 5.52 -8.00
C LEU C 256 -37.44 4.60 -7.51
N ALA C 257 -37.49 4.17 -6.24
CA ALA C 257 -36.43 3.35 -5.66
C ALA C 257 -36.80 1.87 -5.62
N GLU C 258 -37.93 1.52 -5.00
CA GLU C 258 -38.28 0.13 -4.76
C GLU C 258 -39.23 -0.44 -5.80
N GLU C 259 -40.13 0.38 -6.36
CA GLU C 259 -41.14 -0.08 -7.31
C GLU C 259 -41.97 -1.21 -6.74
N SER C 260 -42.42 -1.02 -5.50
CA SER C 260 -43.17 -2.05 -4.80
C SER C 260 -44.49 -2.35 -5.50
N THR C 261 -45.23 -1.31 -5.86
CA THR C 261 -46.52 -1.50 -6.54
C THR C 261 -46.68 -0.66 -7.79
N ARG C 262 -46.00 0.48 -7.88
CA ARG C 262 -46.08 1.34 -9.05
C ARG C 262 -44.73 1.39 -9.75
N ARG C 263 -44.73 1.98 -10.94
CA ARG C 263 -43.52 2.13 -11.73
C ARG C 263 -43.74 3.21 -12.77
N MET C 264 -42.73 4.07 -12.95
CA MET C 264 -42.79 5.13 -13.94
C MET C 264 -42.13 4.65 -15.22
N VAL C 265 -42.89 4.62 -16.31
CA VAL C 265 -42.43 4.05 -17.57
C VAL C 265 -42.66 5.05 -18.70
N GLU C 266 -41.89 4.86 -19.78
CA GLU C 266 -42.00 5.67 -20.98
C GLU C 266 -42.07 4.73 -22.18
N VAL C 267 -43.15 4.83 -22.95
CA VAL C 267 -43.40 3.96 -24.08
C VAL C 267 -43.48 4.82 -25.34
N PRO C 268 -42.76 4.49 -26.40
CA PRO C 268 -42.85 5.27 -27.63
C PRO C 268 -44.10 4.94 -28.43
N ILE C 269 -44.45 5.86 -29.32
CA ILE C 269 -45.59 5.68 -30.24
C ILE C 269 -45.04 5.19 -31.57
N PRO C 270 -45.35 3.98 -32.00
CA PRO C 270 -44.80 3.45 -33.25
C PRO C 270 -45.54 4.01 -34.46
N GLU C 271 -45.09 3.59 -35.64
CA GLU C 271 -45.75 4.01 -36.88
C GLU C 271 -47.15 3.42 -36.94
N GLY C 272 -48.12 4.26 -37.28
CA GLY C 272 -49.51 3.85 -37.23
C GLY C 272 -50.09 4.06 -35.85
N SER C 273 -50.04 3.02 -35.03
CA SER C 273 -50.38 3.04 -33.61
C SER C 273 -51.84 3.34 -33.33
N LYS C 274 -52.68 3.41 -34.36
CA LYS C 274 -54.13 3.57 -34.30
C LYS C 274 -54.57 4.87 -33.62
N LEU C 275 -53.62 5.73 -33.24
CA LEU C 275 -54.01 6.97 -32.57
C LEU C 275 -53.17 8.17 -33.01
N GLU C 276 -52.46 8.08 -34.12
CA GLU C 276 -51.69 9.21 -34.63
C GLU C 276 -52.63 10.30 -35.11
N GLY C 277 -52.63 11.44 -34.44
CA GLY C 277 -53.44 12.58 -34.81
C GLY C 277 -54.55 12.91 -33.84
N VAL C 278 -54.98 11.95 -33.03
CA VAL C 278 -56.05 12.21 -32.07
C VAL C 278 -55.51 13.05 -30.91
N SER C 279 -56.41 13.81 -30.29
CA SER C 279 -56.04 14.65 -29.18
C SER C 279 -55.94 13.83 -27.89
N VAL C 280 -55.32 14.43 -26.88
CA VAL C 280 -55.20 13.76 -25.58
C VAL C 280 -56.57 13.60 -24.93
N LEU C 281 -57.45 14.58 -25.11
CA LEU C 281 -58.79 14.47 -24.55
C LEU C 281 -59.57 13.33 -25.21
N ASP C 282 -59.44 13.18 -26.52
CA ASP C 282 -60.16 12.12 -27.21
C ASP C 282 -59.63 10.75 -26.84
N ALA C 283 -58.32 10.63 -26.61
CA ALA C 283 -57.73 9.34 -26.26
C ALA C 283 -58.26 8.82 -24.94
N ASP C 284 -58.32 9.70 -23.93
CA ASP C 284 -58.77 9.34 -22.59
C ASP C 284 -57.99 8.13 -22.04
N ILE C 285 -56.68 8.33 -21.93
CA ILE C 285 -55.79 7.25 -21.55
C ILE C 285 -56.05 6.79 -20.12
N HIS C 286 -56.27 7.74 -19.22
CA HIS C 286 -56.40 7.39 -17.80
C HIS C 286 -57.60 6.51 -17.53
N ASP C 287 -58.75 6.81 -18.15
CA ASP C 287 -59.94 6.01 -17.91
C ASP C 287 -59.88 4.67 -18.62
N VAL C 288 -59.38 4.66 -19.87
CA VAL C 288 -59.35 3.41 -20.63
C VAL C 288 -58.32 2.45 -20.07
N THR C 289 -57.13 2.96 -19.74
CA THR C 289 -56.02 2.11 -19.30
C THR C 289 -55.87 2.09 -17.79
N GLY C 290 -55.71 3.24 -17.17
CA GLY C 290 -55.49 3.34 -15.75
C GLY C 290 -54.11 3.84 -15.39
N VAL C 291 -53.45 4.53 -16.31
CA VAL C 291 -52.12 5.08 -16.12
C VAL C 291 -52.20 6.59 -16.12
N ILE C 292 -51.65 7.20 -15.07
CA ILE C 292 -51.64 8.65 -14.95
C ILE C 292 -50.60 9.21 -15.93
N ILE C 293 -51.01 10.14 -16.78
CA ILE C 293 -50.12 10.70 -17.77
C ILE C 293 -49.42 11.93 -17.18
N ILE C 294 -48.10 11.92 -17.24
CA ILE C 294 -47.29 13.01 -16.69
C ILE C 294 -46.87 13.99 -17.78
N GLY C 295 -46.33 13.50 -18.89
CA GLY C 295 -45.88 14.38 -19.94
C GLY C 295 -45.60 13.61 -21.21
N VAL C 296 -45.25 14.36 -22.25
CA VAL C 296 -44.95 13.82 -23.57
C VAL C 296 -43.56 14.27 -24.00
N GLY C 297 -42.75 13.33 -24.46
CA GLY C 297 -41.39 13.63 -24.89
C GLY C 297 -41.25 13.98 -26.35
N ARG C 298 -41.69 15.17 -26.73
CA ARG C 298 -41.66 15.60 -28.13
C ARG C 298 -40.30 16.21 -28.45
N GLY C 299 -39.39 15.37 -28.95
CA GLY C 299 -38.12 15.85 -29.45
C GLY C 299 -37.20 16.47 -28.43
N ASP C 300 -36.68 15.65 -27.51
CA ASP C 300 -35.69 16.06 -26.52
C ASP C 300 -36.21 17.20 -25.65
N GLU C 301 -37.50 17.17 -25.33
CA GLU C 301 -38.07 18.10 -24.37
C GLU C 301 -39.26 17.43 -23.72
N LEU C 302 -39.64 17.93 -22.55
CA LEU C 302 -40.71 17.35 -21.76
C LEU C 302 -41.80 18.39 -21.55
N ILE C 303 -43.03 18.04 -21.91
CA ILE C 303 -44.17 18.91 -21.72
C ILE C 303 -45.00 18.31 -20.60
N ILE C 304 -44.73 18.74 -19.36
CA ILE C 304 -45.44 18.22 -18.20
C ILE C 304 -46.87 18.74 -18.20
N ASP C 305 -47.83 17.83 -18.02
CA ASP C 305 -49.24 18.13 -18.09
C ASP C 305 -49.59 18.82 -19.40
N PRO C 306 -49.60 18.08 -20.52
CA PRO C 306 -49.87 18.71 -21.80
C PRO C 306 -51.29 19.24 -21.86
N PRO C 307 -51.54 20.29 -22.63
CA PRO C 307 -52.89 20.84 -22.74
C PRO C 307 -53.80 19.90 -23.51
N ARG C 308 -55.10 20.22 -23.47
CA ARG C 308 -56.09 19.36 -24.12
C ARG C 308 -55.97 19.39 -25.64
N ASP C 309 -55.43 20.45 -26.21
CA ASP C 309 -55.30 20.60 -27.65
C ASP C 309 -54.03 19.96 -28.20
N TYR C 310 -53.41 19.05 -27.45
CA TYR C 310 -52.20 18.38 -27.88
C TYR C 310 -52.55 17.14 -28.68
N SER C 311 -51.98 17.03 -29.88
CA SER C 311 -52.23 15.90 -30.78
C SER C 311 -50.99 15.03 -30.85
N PHE C 312 -51.18 13.73 -30.68
CA PHE C 312 -50.06 12.80 -30.72
C PHE C 312 -49.49 12.69 -32.12
N ARG C 313 -48.20 12.38 -32.20
CA ARG C 313 -47.50 12.21 -33.47
C ARG C 313 -46.76 10.88 -33.48
N ALA C 314 -45.96 10.64 -34.51
CA ALA C 314 -45.16 9.43 -34.60
C ALA C 314 -43.83 9.63 -33.91
N GLY C 315 -43.42 8.64 -33.12
CA GLY C 315 -42.18 8.71 -32.38
C GLY C 315 -42.26 9.44 -31.05
N ASP C 316 -43.44 9.90 -30.65
CA ASP C 316 -43.58 10.56 -29.36
C ASP C 316 -43.47 9.55 -28.23
N ILE C 317 -43.06 10.05 -27.06
CA ILE C 317 -42.85 9.21 -25.88
C ILE C 317 -43.75 9.72 -24.77
N ILE C 318 -44.52 8.81 -24.19
CA ILE C 318 -45.48 9.13 -23.13
C ILE C 318 -44.91 8.65 -21.80
N LEU C 319 -44.81 9.57 -20.84
CA LEU C 319 -44.32 9.27 -19.51
C LEU C 319 -45.49 9.13 -18.56
N GLY C 320 -45.58 7.99 -17.86
CA GLY C 320 -46.71 7.74 -16.99
C GLY C 320 -46.37 6.81 -15.85
N ILE C 321 -47.29 6.72 -14.90
CA ILE C 321 -47.15 5.88 -13.72
C ILE C 321 -48.33 4.91 -13.69
N GLY C 322 -48.03 3.63 -13.50
CA GLY C 322 -49.08 2.63 -13.47
C GLY C 322 -48.57 1.30 -12.98
N LYS C 323 -49.51 0.43 -12.63
CA LYS C 323 -49.19 -0.92 -12.18
C LYS C 323 -48.63 -1.74 -13.35
N PRO C 324 -47.85 -2.78 -13.05
CA PRO C 324 -47.30 -3.61 -14.13
C PRO C 324 -48.36 -4.27 -14.98
N GLU C 325 -49.51 -4.61 -14.41
CA GLU C 325 -50.60 -5.16 -15.19
C GLU C 325 -51.40 -4.09 -15.96
N GLU C 326 -51.17 -2.79 -15.70
CA GLU C 326 -51.80 -1.70 -16.43
C GLU C 326 -50.90 -1.13 -17.51
N ILE C 327 -49.58 -1.27 -17.37
CA ILE C 327 -48.69 -0.83 -18.43
C ILE C 327 -48.86 -1.71 -19.66
N GLU C 328 -49.07 -3.02 -19.45
CA GLU C 328 -49.35 -3.90 -20.58
C GLU C 328 -50.65 -3.50 -21.28
N ARG C 329 -51.64 -3.05 -20.51
CA ARG C 329 -52.89 -2.59 -21.09
C ARG C 329 -52.68 -1.34 -21.93
N LEU C 330 -51.61 -0.60 -21.68
CA LEU C 330 -51.31 0.61 -22.45
C LEU C 330 -50.48 0.32 -23.70
N LYS C 331 -49.49 -0.57 -23.61
CA LYS C 331 -48.67 -0.89 -24.78
C LYS C 331 -49.47 -1.55 -25.89
N ASN C 332 -50.39 -2.46 -25.55
CA ASN C 332 -51.26 -3.04 -26.55
C ASN C 332 -52.29 -2.03 -27.06
N TYR C 333 -52.65 -1.05 -26.24
CA TYR C 333 -53.60 -0.02 -26.67
C TYR C 333 -52.99 0.93 -27.70
N ILE C 334 -51.67 1.12 -27.66
CA ILE C 334 -50.99 2.01 -28.60
C ILE C 334 -50.29 1.22 -29.71
N SER C 335 -50.53 -0.08 -29.80
CA SER C 335 -49.91 -0.91 -30.83
C SER C 335 -50.88 -1.14 -31.96
N ALA C 336 -50.44 -0.90 -33.19
CA ALA C 336 -51.27 -1.09 -34.37
C ALA C 336 -51.34 -2.57 -34.75
N ALA D 20 -11.40 -21.70 -26.05
CA ALA D 20 -12.52 -22.45 -25.49
C ALA D 20 -12.79 -23.71 -26.29
N THR D 21 -13.93 -23.75 -26.98
CA THR D 21 -14.31 -24.91 -27.78
C THR D 21 -13.82 -24.84 -29.22
N ARG D 22 -13.23 -23.72 -29.65
CA ARG D 22 -12.72 -23.62 -31.01
C ARG D 22 -11.53 -24.54 -31.28
N ILE D 23 -10.84 -24.96 -30.22
CA ILE D 23 -9.72 -25.89 -30.41
C ILE D 23 -10.21 -27.23 -30.91
N LEU D 24 -11.32 -27.75 -30.36
CA LEU D 24 -11.84 -29.05 -30.79
C LEU D 24 -12.26 -29.02 -32.25
N LEU D 25 -12.89 -27.93 -32.68
CA LEU D 25 -13.28 -27.79 -34.08
C LEU D 25 -12.04 -27.75 -34.98
N LEU D 26 -10.97 -27.08 -34.55
CA LEU D 26 -9.75 -27.06 -35.38
C LEU D 26 -9.10 -28.43 -35.48
N VAL D 27 -9.11 -29.20 -34.39
CA VAL D 27 -8.53 -30.53 -34.39
C VAL D 27 -9.27 -31.44 -35.38
N LEU D 28 -10.61 -31.39 -35.36
CA LEU D 28 -11.33 -32.22 -36.32
C LEU D 28 -11.18 -31.70 -37.76
N ALA D 29 -10.92 -30.40 -37.94
CA ALA D 29 -10.79 -29.84 -39.28
C ALA D 29 -9.56 -30.42 -39.96
N VAL D 30 -8.47 -30.52 -39.22
CA VAL D 30 -7.25 -31.02 -39.86
C VAL D 30 -7.33 -32.52 -40.05
N ILE D 31 -8.14 -33.21 -39.23
CA ILE D 31 -8.30 -34.65 -39.42
C ILE D 31 -9.00 -34.95 -40.74
N ILE D 32 -10.04 -34.19 -41.05
CA ILE D 32 -10.77 -34.37 -42.31
C ILE D 32 -9.88 -34.08 -43.51
N TYR D 33 -9.09 -33.01 -43.44
CA TYR D 33 -8.19 -32.70 -44.56
C TYR D 33 -7.14 -33.79 -44.79
N GLY D 34 -6.53 -34.31 -43.74
CA GLY D 34 -5.55 -35.37 -43.89
C GLY D 34 -6.13 -36.68 -44.39
N THR D 35 -7.29 -37.08 -43.87
CA THR D 35 -7.88 -38.34 -44.26
C THR D 35 -8.37 -38.30 -45.71
N ALA D 36 -9.05 -37.21 -46.11
CA ALA D 36 -9.59 -37.16 -47.47
C ALA D 36 -8.45 -37.10 -48.50
N GLY D 37 -7.40 -36.29 -48.23
CA GLY D 37 -6.33 -36.18 -49.20
C GLY D 37 -5.57 -37.49 -49.40
N PHE D 38 -5.29 -38.19 -48.30
CA PHE D 38 -4.55 -39.44 -48.44
C PHE D 38 -5.40 -40.51 -49.13
N HIS D 39 -6.72 -40.49 -48.89
CA HIS D 39 -7.59 -41.51 -49.45
C HIS D 39 -7.68 -41.39 -50.96
N PHE D 40 -7.81 -40.15 -51.47
CA PHE D 40 -8.05 -39.97 -52.91
C PHE D 40 -6.77 -39.75 -53.71
N ILE D 41 -5.61 -39.79 -53.07
CA ILE D 41 -4.33 -39.64 -53.76
C ILE D 41 -3.56 -40.96 -53.78
N GLU D 42 -3.43 -41.63 -52.64
CA GLU D 42 -2.72 -42.90 -52.58
C GLU D 42 -3.62 -44.10 -52.83
N GLY D 43 -4.93 -43.90 -52.92
CA GLY D 43 -5.83 -45.01 -53.22
C GLY D 43 -6.08 -45.98 -52.10
N GLU D 44 -5.71 -45.62 -50.88
CA GLU D 44 -5.90 -46.48 -49.73
C GLU D 44 -7.35 -46.39 -49.25
N SER D 45 -7.74 -47.35 -48.42
CA SER D 45 -9.09 -47.40 -47.90
C SER D 45 -9.31 -46.32 -46.84
N TRP D 46 -10.59 -46.09 -46.51
CA TRP D 46 -10.92 -45.10 -45.50
C TRP D 46 -10.37 -45.50 -44.13
N THR D 47 -10.46 -46.78 -43.76
CA THR D 47 -9.94 -47.23 -42.48
C THR D 47 -8.42 -47.12 -42.40
N VAL D 48 -7.77 -47.09 -43.56
CA VAL D 48 -6.32 -46.91 -43.58
C VAL D 48 -5.98 -45.44 -43.57
N SER D 49 -6.72 -44.60 -44.29
CA SER D 49 -6.45 -43.17 -44.29
C SER D 49 -6.67 -42.57 -42.89
N LEU D 50 -7.72 -42.98 -42.20
CA LEU D 50 -7.93 -42.55 -40.82
C LEU D 50 -6.81 -43.06 -39.91
N TYR D 51 -6.36 -44.30 -40.10
CA TYR D 51 -5.23 -44.78 -39.32
C TYR D 51 -3.94 -44.01 -39.62
N TRP D 52 -3.68 -43.70 -40.89
CA TRP D 52 -2.48 -42.97 -41.26
C TRP D 52 -2.51 -41.53 -40.76
N THR D 53 -3.70 -40.92 -40.73
CA THR D 53 -3.79 -39.55 -40.26
C THR D 53 -3.44 -39.49 -38.78
N PHE D 54 -3.93 -40.46 -38.00
CA PHE D 54 -3.67 -40.42 -36.56
C PHE D 54 -2.22 -40.78 -36.25
N VAL D 55 -1.56 -41.58 -37.09
CA VAL D 55 -0.15 -41.90 -36.83
C VAL D 55 0.80 -40.86 -37.40
N THR D 56 0.29 -39.86 -38.11
CA THR D 56 1.11 -38.77 -38.63
C THR D 56 1.01 -37.50 -37.78
N ILE D 57 -0.20 -37.15 -37.32
CA ILE D 57 -0.34 -36.00 -36.44
C ILE D 57 0.34 -36.25 -35.10
N ALA D 58 0.18 -37.45 -34.54
CA ALA D 58 0.83 -37.81 -33.30
C ALA D 58 2.32 -38.06 -33.44
N THR D 59 2.84 -38.06 -34.67
CA THR D 59 4.27 -38.23 -34.96
C THR D 59 4.78 -39.58 -34.44
N VAL D 60 3.90 -40.58 -34.45
CA VAL D 60 4.35 -41.94 -34.15
C VAL D 60 5.21 -42.47 -35.27
N GLY D 61 4.74 -42.32 -36.51
CA GLY D 61 5.53 -42.65 -37.68
C GLY D 61 5.94 -44.11 -37.81
N TYR D 62 4.97 -44.99 -38.02
CA TYR D 62 5.29 -46.39 -38.29
C TYR D 62 6.04 -46.53 -39.62
N GLY D 63 5.63 -45.77 -40.62
CA GLY D 63 6.32 -45.78 -41.91
C GLY D 63 5.96 -46.93 -42.83
N ASP D 64 4.90 -47.68 -42.53
CA ASP D 64 4.50 -48.79 -43.37
C ASP D 64 3.56 -48.38 -44.51
N TYR D 65 3.14 -47.13 -44.55
CA TYR D 65 2.26 -46.62 -45.61
C TYR D 65 2.76 -45.26 -46.10
N SER D 66 4.07 -45.16 -46.32
CA SER D 66 4.64 -43.91 -46.78
C SER D 66 4.18 -43.59 -48.20
N PRO D 67 3.89 -42.33 -48.50
CA PRO D 67 3.43 -41.95 -49.85
C PRO D 67 4.60 -41.84 -50.81
N SER D 68 4.66 -42.77 -51.77
CA SER D 68 5.71 -42.75 -52.77
C SER D 68 5.50 -41.65 -53.81
N THR D 69 4.24 -41.28 -54.06
CA THR D 69 3.94 -40.27 -55.07
C THR D 69 4.51 -38.92 -54.64
N PRO D 70 5.22 -38.20 -55.51
CA PRO D 70 5.73 -36.87 -55.12
C PRO D 70 4.63 -35.87 -54.74
N LEU D 71 3.47 -35.97 -55.39
CA LEU D 71 2.34 -35.13 -55.00
C LEU D 71 1.91 -35.45 -53.57
N GLY D 72 1.91 -36.74 -53.21
CA GLY D 72 1.59 -37.09 -51.84
C GLY D 72 2.60 -36.59 -50.85
N MET D 73 3.88 -36.51 -51.25
CA MET D 73 4.90 -35.98 -50.36
C MET D 73 4.62 -34.52 -50.02
N TYR D 74 4.22 -33.72 -51.02
CA TYR D 74 3.84 -32.34 -50.71
C TYR D 74 2.57 -32.28 -49.86
N PHE D 75 1.68 -33.26 -50.02
CA PHE D 75 0.50 -33.33 -49.17
C PHE D 75 0.87 -33.61 -47.73
N THR D 76 1.93 -34.39 -47.51
CA THR D 76 2.39 -34.63 -46.15
C THR D 76 3.04 -33.37 -45.58
N VAL D 77 3.72 -32.59 -46.41
CA VAL D 77 4.40 -31.39 -45.91
C VAL D 77 3.38 -30.39 -45.35
N THR D 78 2.31 -30.16 -46.10
CA THR D 78 1.28 -29.25 -45.60
C THR D 78 0.51 -29.86 -44.43
N LEU D 79 0.35 -31.19 -44.41
CA LEU D 79 -0.27 -31.84 -43.26
C LEU D 79 0.59 -31.71 -42.00
N ILE D 80 1.90 -31.83 -42.14
CA ILE D 80 2.82 -31.68 -41.01
C ILE D 80 2.77 -30.25 -40.48
N VAL D 81 2.74 -29.26 -41.38
CA VAL D 81 2.69 -27.87 -40.96
C VAL D 81 1.42 -27.61 -40.16
N LEU D 82 0.28 -28.14 -40.61
CA LEU D 82 -0.95 -28.01 -39.83
C LEU D 82 -0.86 -28.78 -38.50
N GLY D 83 -0.21 -29.94 -38.48
CA GLY D 83 -0.04 -30.66 -37.23
C GLY D 83 0.78 -29.91 -36.19
N ILE D 84 1.83 -29.24 -36.64
CA ILE D 84 2.62 -28.42 -35.72
C ILE D 84 1.80 -27.21 -35.27
N GLY D 85 1.04 -26.60 -36.17
CA GLY D 85 0.23 -25.45 -35.77
C GLY D 85 -0.82 -25.81 -34.74
N THR D 86 -1.50 -26.96 -34.91
CA THR D 86 -2.51 -27.36 -33.95
C THR D 86 -1.86 -27.73 -32.61
N PHE D 87 -0.59 -28.12 -32.61
CA PHE D 87 0.04 -28.42 -31.33
C PHE D 87 0.36 -27.15 -30.56
N PHE D 88 0.76 -26.11 -31.28
CA PHE D 88 1.13 -24.86 -30.62
C PHE D 88 -0.10 -24.12 -30.12
N VAL D 89 -1.23 -24.19 -30.83
CA VAL D 89 -2.44 -23.55 -30.32
C VAL D 89 -2.98 -24.29 -29.09
N ALA D 90 -2.82 -25.61 -29.05
CA ALA D 90 -3.20 -26.37 -27.86
C ALA D 90 -2.36 -25.97 -26.64
N VAL D 91 -1.05 -25.79 -26.83
CA VAL D 91 -0.22 -25.29 -25.74
C VAL D 91 -0.54 -23.82 -25.40
N GLU D 92 -0.84 -22.99 -26.40
CA GLU D 92 -1.21 -21.60 -26.16
C GLU D 92 -2.46 -21.49 -25.30
N ARG D 93 -3.47 -22.32 -25.57
CA ARG D 93 -4.69 -22.26 -24.78
C ARG D 93 -4.47 -22.88 -23.40
N LEU D 94 -3.70 -23.96 -23.30
CA LEU D 94 -3.47 -24.57 -22.00
C LEU D 94 -2.71 -23.63 -21.08
N LEU D 95 -1.68 -22.97 -21.60
CA LEU D 95 -0.89 -22.05 -20.79
C LEU D 95 -1.73 -20.87 -20.34
N GLU D 96 -2.57 -20.33 -21.23
CA GLU D 96 -3.39 -19.19 -20.83
C GLU D 96 -4.39 -19.57 -19.74
N PHE D 97 -4.98 -20.77 -19.84
CA PHE D 97 -5.93 -21.22 -18.83
C PHE D 97 -5.26 -21.42 -17.47
N LEU D 98 -4.06 -21.98 -17.45
CA LEU D 98 -3.40 -22.25 -16.17
C LEU D 98 -2.89 -20.97 -15.52
N ILE D 99 -2.29 -20.07 -16.30
CA ILE D 99 -1.76 -18.83 -15.74
C ILE D 99 -2.91 -17.98 -15.19
N ASN D 100 -4.01 -17.87 -15.92
CA ASN D 100 -5.13 -17.07 -15.43
C ASN D 100 -5.73 -17.68 -14.17
N ARG D 101 -5.88 -19.01 -14.13
CA ARG D 101 -6.50 -19.62 -12.97
C ARG D 101 -5.63 -19.47 -11.72
N GLU D 102 -4.31 -19.62 -11.86
CA GLU D 102 -3.43 -19.49 -10.70
C GLU D 102 -3.38 -18.06 -10.19
N GLN D 103 -3.42 -17.07 -11.09
CA GLN D 103 -3.44 -15.68 -10.63
C GLN D 103 -4.73 -15.36 -9.88
N MET D 104 -5.86 -15.88 -10.35
CA MET D 104 -7.12 -15.64 -9.64
C MET D 104 -7.12 -16.33 -8.28
N LYS D 105 -6.74 -17.60 -8.23
CA LYS D 105 -6.77 -18.35 -6.98
C LYS D 105 -5.80 -17.79 -5.94
N LEU D 106 -4.69 -17.19 -6.38
CA LEU D 106 -3.70 -16.69 -5.44
C LEU D 106 -4.28 -15.59 -4.55
N MET D 107 -5.09 -14.70 -5.13
CA MET D 107 -5.67 -13.58 -4.39
C MET D 107 -7.15 -13.79 -4.09
N GLY D 108 -7.55 -15.02 -3.81
CA GLY D 108 -8.95 -15.32 -3.52
C GLY D 108 -9.77 -15.42 -4.77
N LEU D 109 -10.81 -14.59 -4.89
CA LEU D 109 -11.61 -14.47 -6.11
C LEU D 109 -12.13 -15.82 -6.58
N ILE D 110 -12.50 -16.68 -5.63
CA ILE D 110 -12.95 -18.03 -5.92
C ILE D 110 -14.20 -18.32 -5.09
N ASP D 111 -14.95 -19.32 -5.52
CA ASP D 111 -16.19 -19.72 -4.86
C ASP D 111 -15.97 -21.05 -4.14
N VAL D 112 -16.38 -21.11 -2.89
CA VAL D 112 -16.22 -22.32 -2.10
C VAL D 112 -17.24 -23.36 -2.53
N ALA D 113 -16.78 -24.58 -2.77
CA ALA D 113 -17.63 -25.68 -3.19
C ALA D 113 -17.88 -26.70 -2.09
N LYS D 114 -17.30 -26.52 -0.90
CA LYS D 114 -17.49 -27.46 0.18
C LYS D 114 -18.90 -27.32 0.76
N SER D 115 -19.30 -28.34 1.53
CA SER D 115 -20.64 -28.36 2.10
C SER D 115 -20.65 -28.72 3.59
N ARG D 116 -19.49 -28.86 4.22
CA ARG D 116 -19.43 -29.10 5.66
C ARG D 116 -18.29 -28.31 6.29
N HIS D 117 -17.94 -27.18 5.71
CA HIS D 117 -16.82 -26.37 6.16
C HIS D 117 -17.25 -25.43 7.28
N VAL D 118 -16.27 -24.70 7.82
CA VAL D 118 -16.49 -23.68 8.84
C VAL D 118 -16.02 -22.35 8.28
N VAL D 119 -16.89 -21.34 8.33
CA VAL D 119 -16.60 -20.02 7.79
C VAL D 119 -16.28 -19.08 8.95
N ILE D 120 -15.17 -18.36 8.83
CA ILE D 120 -14.74 -17.40 9.84
C ILE D 120 -14.73 -16.03 9.20
N CYS D 121 -15.49 -15.09 9.77
CA CYS D 121 -15.54 -13.72 9.30
C CYS D 121 -14.62 -12.87 10.15
N GLY D 122 -13.64 -12.24 9.52
CA GLY D 122 -12.65 -11.47 10.24
C GLY D 122 -11.47 -12.31 10.70
N TRP D 123 -10.45 -11.62 11.20
CA TRP D 123 -9.23 -12.29 11.64
C TRP D 123 -8.64 -11.54 12.82
N SER D 124 -8.36 -12.25 13.90
CA SER D 124 -7.76 -11.67 15.10
C SER D 124 -7.01 -12.78 15.83
N GLU D 125 -6.57 -12.49 17.06
CA GLU D 125 -5.86 -13.50 17.84
C GLU D 125 -6.79 -14.61 18.33
N SER D 126 -8.04 -14.28 18.66
CA SER D 126 -8.99 -15.29 19.10
C SER D 126 -9.30 -16.28 18.00
N THR D 127 -9.44 -15.78 16.76
CA THR D 127 -9.70 -16.68 15.66
C THR D 127 -8.47 -17.54 15.36
N LEU D 128 -7.27 -17.06 15.70
CA LEU D 128 -6.09 -17.90 15.55
C LEU D 128 -6.08 -19.02 16.57
N GLU D 129 -6.59 -18.74 17.77
CA GLU D 129 -6.60 -19.75 18.83
C GLU D 129 -7.53 -20.91 18.46
N CYS D 130 -8.69 -20.60 17.87
CA CYS D 130 -9.62 -21.68 17.52
C CYS D 130 -9.19 -22.52 16.33
N LEU D 131 -8.24 -22.05 15.51
CA LEU D 131 -7.70 -22.84 14.41
C LEU D 131 -6.78 -23.95 14.89
N ARG D 132 -6.16 -23.80 16.05
CA ARG D 132 -5.29 -24.83 16.58
C ARG D 132 -6.05 -26.07 17.04
N GLU D 133 -7.37 -26.00 17.15
CA GLU D 133 -8.19 -27.13 17.54
C GLU D 133 -9.12 -27.58 16.42
N LEU D 134 -8.89 -27.13 15.19
CA LEU D 134 -9.71 -27.50 14.04
C LEU D 134 -8.80 -27.84 12.86
N ARG D 135 -9.39 -28.43 11.84
CA ARG D 135 -8.65 -28.76 10.63
C ARG D 135 -8.34 -27.51 9.82
N GLY D 136 -7.35 -27.62 8.95
CA GLY D 136 -6.93 -26.50 8.14
C GLY D 136 -7.70 -26.36 6.84
N SER D 137 -7.83 -27.46 6.11
CA SER D 137 -8.55 -27.44 4.85
C SER D 137 -10.06 -27.31 5.03
N GLU D 138 -10.56 -27.48 6.25
CA GLU D 138 -11.99 -27.40 6.52
C GLU D 138 -12.45 -25.99 6.87
N VAL D 139 -11.53 -25.05 7.06
CA VAL D 139 -11.85 -23.70 7.52
C VAL D 139 -11.55 -22.71 6.40
N PHE D 140 -12.52 -21.85 6.10
CA PHE D 140 -12.37 -20.79 5.11
C PHE D 140 -12.51 -19.45 5.82
N VAL D 141 -11.58 -18.54 5.55
CA VAL D 141 -11.56 -17.23 6.18
C VAL D 141 -12.00 -16.20 5.14
N LEU D 142 -13.02 -15.42 5.48
CA LEU D 142 -13.57 -14.38 4.60
C LEU D 142 -13.11 -13.03 5.12
N ALA D 143 -12.18 -12.40 4.40
CA ALA D 143 -11.64 -11.10 4.77
C ALA D 143 -11.37 -10.30 3.51
N GLU D 144 -10.87 -9.08 3.70
CA GLU D 144 -10.58 -8.18 2.58
C GLU D 144 -9.21 -7.54 2.64
N ASP D 145 -8.56 -7.51 3.79
CA ASP D 145 -7.24 -6.90 3.91
C ASP D 145 -6.19 -7.76 3.21
N GLU D 146 -5.14 -7.11 2.71
CA GLU D 146 -4.07 -7.80 2.01
C GLU D 146 -3.14 -8.54 2.97
N ASN D 147 -2.89 -7.96 4.15
CA ASN D 147 -1.98 -8.57 5.11
C ASN D 147 -2.60 -9.80 5.77
N VAL D 148 -3.93 -9.86 5.85
CA VAL D 148 -4.59 -11.00 6.46
C VAL D 148 -4.37 -12.28 5.64
N ARG D 149 -4.29 -12.15 4.31
CA ARG D 149 -4.15 -13.32 3.45
C ARG D 149 -2.87 -14.11 3.76
N LYS D 150 -1.75 -13.41 3.98
CA LYS D 150 -0.52 -14.11 4.31
C LYS D 150 -0.59 -14.81 5.67
N LYS D 151 -1.24 -14.20 6.66
CA LYS D 151 -1.37 -14.82 7.97
C LYS D 151 -2.23 -16.09 7.89
N VAL D 152 -3.29 -16.02 7.09
CA VAL D 152 -4.17 -17.17 6.98
C VAL D 152 -3.42 -18.32 6.32
N LEU D 153 -2.63 -18.01 5.28
CA LEU D 153 -1.95 -19.09 4.56
C LEU D 153 -0.94 -19.79 5.47
N ARG D 154 -0.23 -19.02 6.30
CA ARG D 154 0.75 -19.64 7.20
C ARG D 154 0.07 -20.51 8.24
N SER D 155 -1.21 -20.29 8.54
CA SER D 155 -1.91 -21.12 9.50
C SER D 155 -2.49 -22.39 8.91
N GLY D 156 -2.46 -22.56 7.59
CA GLY D 156 -2.98 -23.75 6.95
C GLY D 156 -4.43 -23.71 6.56
N ALA D 157 -5.09 -22.56 6.69
CA ALA D 157 -6.48 -22.40 6.35
C ALA D 157 -6.61 -21.87 4.93
N ASN D 158 -7.85 -21.67 4.48
CA ASN D 158 -8.15 -21.16 3.15
C ASN D 158 -8.66 -19.74 3.25
N PHE D 159 -8.28 -18.91 2.27
CA PHE D 159 -8.63 -17.50 2.26
C PHE D 159 -9.58 -17.19 1.12
N VAL D 160 -10.66 -16.50 1.42
CA VAL D 160 -11.64 -16.03 0.44
C VAL D 160 -11.72 -14.52 0.53
N HIS D 161 -11.57 -13.84 -0.60
CA HIS D 161 -11.57 -12.39 -0.64
C HIS D 161 -12.99 -11.88 -0.82
N GLY D 162 -13.46 -11.09 0.14
CA GLY D 162 -14.80 -10.55 0.06
C GLY D 162 -15.10 -9.71 1.29
N ASP D 163 -16.26 -9.05 1.24
CA ASP D 163 -16.71 -8.23 2.35
C ASP D 163 -17.71 -9.01 3.19
N PRO D 164 -17.40 -9.32 4.45
CA PRO D 164 -18.35 -10.10 5.26
C PRO D 164 -19.69 -9.41 5.48
N THR D 165 -19.74 -8.09 5.42
CA THR D 165 -21.02 -7.39 5.58
C THR D 165 -21.86 -7.38 4.30
N ARG D 166 -21.28 -7.76 3.17
CA ARG D 166 -22.02 -7.82 1.91
C ARG D 166 -22.69 -9.18 1.77
N VAL D 167 -23.99 -9.20 1.50
CA VAL D 167 -24.72 -10.46 1.33
C VAL D 167 -24.23 -11.23 0.11
N SER D 168 -23.87 -10.50 -0.94
CA SER D 168 -23.35 -11.15 -2.14
C SER D 168 -22.06 -11.88 -1.85
N ASP D 169 -21.17 -11.29 -1.04
CA ASP D 169 -19.93 -11.97 -0.70
C ASP D 169 -20.12 -13.08 0.33
N LEU D 170 -21.22 -13.06 1.08
CA LEU D 170 -21.52 -14.13 2.02
C LEU D 170 -21.96 -15.37 1.31
N GLU D 171 -22.49 -15.23 0.10
CA GLU D 171 -22.84 -16.42 -0.69
C GLU D 171 -21.64 -17.02 -1.42
N LYS D 172 -20.58 -16.24 -1.65
CA LYS D 172 -19.36 -16.77 -2.23
C LYS D 172 -18.69 -17.77 -1.31
N ALA D 173 -18.70 -17.50 0.00
CA ALA D 173 -18.17 -18.44 0.97
C ALA D 173 -19.08 -19.63 1.21
N ASN D 174 -20.29 -19.61 0.65
CA ASN D 174 -21.24 -20.70 0.79
C ASN D 174 -21.60 -20.96 2.25
N VAL D 175 -22.17 -19.92 2.87
CA VAL D 175 -22.64 -20.04 4.25
C VAL D 175 -23.98 -20.76 4.34
N ARG D 176 -24.66 -20.97 3.21
CA ARG D 176 -25.94 -21.69 3.24
C ARG D 176 -25.75 -23.13 3.67
N GLY D 177 -24.68 -23.77 3.20
CA GLY D 177 -24.40 -25.14 3.57
C GLY D 177 -23.16 -25.28 4.43
N ALA D 178 -23.00 -24.37 5.39
CA ALA D 178 -21.85 -24.37 6.29
C ALA D 178 -22.20 -25.04 7.60
N ARG D 179 -21.19 -25.73 8.16
CA ARG D 179 -21.38 -26.39 9.45
C ARG D 179 -21.59 -25.38 10.57
N ALA D 180 -20.79 -24.31 10.59
CA ALA D 180 -20.91 -23.25 11.57
C ALA D 180 -20.24 -22.00 11.03
N VAL D 181 -20.64 -20.86 11.57
CA VAL D 181 -20.09 -19.56 11.19
C VAL D 181 -19.61 -18.85 12.45
N ILE D 182 -18.40 -18.32 12.40
CA ILE D 182 -17.81 -17.57 13.51
C ILE D 182 -17.58 -16.15 13.03
N VAL D 183 -18.13 -15.19 13.77
CA VAL D 183 -18.08 -13.77 13.39
C VAL D 183 -17.23 -13.04 14.43
N ASP D 184 -16.16 -12.40 13.96
CA ASP D 184 -15.30 -11.58 14.82
C ASP D 184 -14.70 -10.49 13.94
N LEU D 185 -15.30 -9.31 13.95
CA LEU D 185 -14.91 -8.20 13.10
C LEU D 185 -14.31 -7.08 13.94
N GLU D 186 -13.93 -6.00 13.27
CA GLU D 186 -13.22 -4.90 13.93
C GLU D 186 -14.13 -4.17 14.91
N SER D 187 -15.38 -3.95 14.56
CA SER D 187 -16.31 -3.18 15.38
C SER D 187 -17.58 -3.97 15.61
N ASP D 188 -18.30 -3.61 16.66
CA ASP D 188 -19.60 -4.23 16.93
C ASP D 188 -20.64 -3.85 15.88
N SER D 189 -20.49 -2.70 15.23
CA SER D 189 -21.40 -2.33 14.15
C SER D 189 -21.30 -3.30 12.99
N GLU D 190 -20.08 -3.70 12.65
CA GLU D 190 -19.90 -4.67 11.59
C GLU D 190 -20.32 -6.06 12.02
N THR D 191 -20.13 -6.42 13.29
CA THR D 191 -20.55 -7.73 13.77
C THR D 191 -22.06 -7.88 13.71
N ILE D 192 -22.79 -6.85 14.12
CA ILE D 192 -24.25 -6.89 14.05
C ILE D 192 -24.70 -6.95 12.59
N HIS D 193 -24.08 -6.15 11.72
CA HIS D 193 -24.49 -6.16 10.31
C HIS D 193 -24.23 -7.52 9.64
N CYS D 194 -23.12 -8.17 10.00
CA CYS D 194 -22.81 -9.46 9.42
C CYS D 194 -23.83 -10.52 9.86
N ILE D 195 -24.24 -10.47 11.13
CA ILE D 195 -25.21 -11.47 11.58
C ILE D 195 -26.55 -11.28 10.87
N LEU D 196 -26.97 -10.03 10.66
CA LEU D 196 -28.23 -9.77 9.97
C LEU D 196 -28.19 -10.28 8.53
N GLY D 197 -27.02 -10.24 7.92
CA GLY D 197 -26.92 -10.74 6.56
C GLY D 197 -26.91 -12.24 6.50
N ILE D 198 -26.36 -12.91 7.53
CA ILE D 198 -26.35 -14.38 7.51
C ILE D 198 -27.76 -14.92 7.71
N ARG D 199 -28.51 -14.33 8.63
CA ARG D 199 -29.89 -14.78 8.86
C ARG D 199 -30.79 -14.51 7.66
N LYS D 200 -30.41 -13.60 6.78
CA LYS D 200 -31.20 -13.42 5.56
C LYS D 200 -31.00 -14.55 4.55
N ILE D 201 -29.83 -15.21 4.56
CA ILE D 201 -29.51 -16.30 3.64
C ILE D 201 -29.99 -17.62 4.23
N ASP D 202 -29.48 -18.00 5.40
CA ASP D 202 -29.85 -19.25 6.05
C ASP D 202 -30.33 -18.93 7.45
N GLU D 203 -31.51 -19.46 7.80
CA GLU D 203 -32.11 -19.20 9.11
C GLU D 203 -31.83 -20.30 10.12
N SER D 204 -31.07 -21.33 9.76
CA SER D 204 -30.82 -22.46 10.65
C SER D 204 -29.35 -22.68 10.96
N VAL D 205 -28.43 -22.01 10.27
CA VAL D 205 -27.02 -22.19 10.51
C VAL D 205 -26.65 -21.66 11.90
N ARG D 206 -25.65 -22.26 12.52
CA ARG D 206 -25.22 -21.88 13.85
C ARG D 206 -24.20 -20.74 13.76
N ILE D 207 -24.43 -19.68 14.52
CA ILE D 207 -23.61 -18.47 14.49
C ILE D 207 -23.00 -18.27 15.87
N ILE D 208 -21.69 -18.08 15.91
CA ILE D 208 -20.96 -17.74 17.12
C ILE D 208 -20.31 -16.38 16.92
N ALA D 209 -20.60 -15.45 17.81
CA ALA D 209 -20.15 -14.07 17.66
C ALA D 209 -19.45 -13.60 18.92
N GLU D 210 -18.52 -12.67 18.76
CA GLU D 210 -17.78 -12.08 19.86
C GLU D 210 -18.17 -10.62 20.03
N ALA D 211 -18.50 -10.23 21.24
CA ALA D 211 -18.88 -8.86 21.56
C ALA D 211 -17.75 -8.14 22.28
N GLU D 212 -17.71 -6.82 22.12
CA GLU D 212 -16.72 -5.98 22.77
C GLU D 212 -17.30 -5.12 23.88
N ARG D 213 -18.39 -4.42 23.60
CA ARG D 213 -19.06 -3.58 24.58
C ARG D 213 -20.16 -4.37 25.27
N TYR D 214 -20.37 -4.07 26.56
CA TYR D 214 -21.39 -4.77 27.33
C TYR D 214 -22.79 -4.41 26.85
N GLU D 215 -22.99 -3.20 26.34
CA GLU D 215 -24.31 -2.78 25.89
C GLU D 215 -24.75 -3.51 24.62
N ASN D 216 -23.84 -4.10 23.85
CA ASN D 216 -24.16 -4.75 22.59
C ASN D 216 -24.36 -6.26 22.71
N ILE D 217 -24.31 -6.78 23.94
CA ILE D 217 -24.52 -8.21 24.13
C ILE D 217 -25.94 -8.59 23.74
N GLU D 218 -26.94 -7.79 24.15
CA GLU D 218 -28.32 -8.09 23.77
C GLU D 218 -28.60 -7.81 22.30
N GLN D 219 -27.86 -6.90 21.69
CA GLN D 219 -28.07 -6.59 20.28
C GLN D 219 -27.63 -7.75 19.41
N LEU D 220 -26.61 -8.49 19.85
CA LEU D 220 -26.21 -9.66 19.05
C LEU D 220 -27.24 -10.77 19.12
N ARG D 221 -27.88 -10.95 20.28
CA ARG D 221 -28.90 -11.99 20.43
C ARG D 221 -30.14 -11.65 19.61
N MET D 222 -30.53 -10.38 19.58
CA MET D 222 -31.66 -9.99 18.75
C MET D 222 -31.35 -10.15 17.26
N ALA D 223 -30.09 -9.99 16.86
CA ALA D 223 -29.73 -10.18 15.47
C ALA D 223 -29.86 -11.65 15.05
N GLY D 224 -29.65 -12.59 15.97
CA GLY D 224 -29.80 -13.99 15.66
C GLY D 224 -28.59 -14.85 16.01
N ALA D 225 -27.70 -14.32 16.84
CA ALA D 225 -26.52 -15.05 17.26
C ALA D 225 -26.90 -16.12 18.26
N ASP D 226 -26.45 -17.36 18.02
CA ASP D 226 -26.77 -18.46 18.92
C ASP D 226 -25.94 -18.41 20.20
N GLN D 227 -24.67 -18.03 20.10
CA GLN D 227 -23.81 -17.93 21.26
C GLN D 227 -23.01 -16.64 21.17
N VAL D 228 -22.96 -15.91 22.28
CA VAL D 228 -22.26 -14.63 22.35
C VAL D 228 -21.17 -14.73 23.40
N ILE D 229 -19.96 -14.32 23.04
CA ILE D 229 -18.81 -14.34 23.93
C ILE D 229 -18.29 -12.91 24.06
N SER D 230 -18.07 -12.48 25.30
CA SER D 230 -17.61 -11.12 25.60
C SER D 230 -16.32 -11.20 26.41
N PRO D 231 -15.15 -11.25 25.75
CA PRO D 231 -13.89 -11.34 26.51
C PRO D 231 -13.48 -10.04 27.19
N PHE D 232 -13.85 -8.89 26.64
CA PHE D 232 -13.48 -7.62 27.24
C PHE D 232 -14.23 -7.37 28.55
N VAL D 233 -15.48 -7.81 28.64
CA VAL D 233 -16.25 -7.63 29.87
C VAL D 233 -15.70 -8.51 30.99
N ILE D 234 -15.34 -9.76 30.66
CA ILE D 234 -14.80 -10.68 31.65
C ILE D 234 -13.45 -10.15 32.15
N SER D 235 -12.60 -9.68 31.23
CA SER D 235 -11.30 -9.18 31.66
C SER D 235 -11.42 -7.92 32.52
N GLY D 236 -12.37 -7.04 32.21
CA GLY D 236 -12.50 -5.82 33.00
C GLY D 236 -12.93 -6.08 34.44
N ARG D 237 -13.86 -7.02 34.61
CA ARG D 237 -14.31 -7.29 35.97
C ARG D 237 -13.22 -7.97 36.78
N LEU D 238 -12.42 -8.83 36.13
CA LEU D 238 -11.36 -9.49 36.89
C LEU D 238 -10.28 -8.50 37.31
N MET D 239 -10.00 -7.49 36.46
CA MET D 239 -8.98 -6.50 36.80
C MET D 239 -9.37 -5.72 38.04
N SER D 240 -10.64 -5.32 38.13
CA SER D 240 -11.09 -4.49 39.25
C SER D 240 -11.24 -5.27 40.54
N ARG D 241 -11.36 -6.60 40.49
CA ARG D 241 -11.52 -7.43 41.68
C ARG D 241 -10.24 -8.15 42.10
N SER D 242 -9.15 -7.99 41.35
CA SER D 242 -7.85 -8.58 41.66
C SER D 242 -6.88 -7.59 42.30
N ILE D 243 -7.35 -6.38 42.62
CA ILE D 243 -6.47 -5.38 43.23
C ILE D 243 -6.04 -5.83 44.63
N ASP D 244 -6.96 -6.38 45.41
CA ASP D 244 -6.64 -6.75 46.79
C ASP D 244 -6.20 -8.21 46.90
N ASP D 245 -7.08 -9.15 46.57
CA ASP D 245 -6.78 -10.57 46.71
C ASP D 245 -6.72 -11.31 45.37
N GLY D 246 -7.75 -11.20 44.55
CA GLY D 246 -7.73 -11.83 43.24
C GLY D 246 -7.61 -13.35 43.23
N TYR D 247 -8.34 -14.04 44.11
CA TYR D 247 -8.34 -15.50 44.11
C TYR D 247 -9.20 -16.10 42.97
N GLU D 248 -10.27 -15.42 42.59
CA GLU D 248 -11.08 -15.93 41.50
C GLU D 248 -10.41 -15.76 40.16
N ALA D 249 -9.46 -14.82 40.04
CA ALA D 249 -8.72 -14.72 38.80
C ALA D 249 -7.78 -15.90 38.62
N MET D 250 -7.25 -16.43 39.73
CA MET D 250 -6.42 -17.61 39.66
C MET D 250 -7.23 -18.81 39.19
N PHE D 251 -8.47 -18.92 39.68
CA PHE D 251 -9.30 -20.04 39.24
C PHE D 251 -9.60 -19.97 37.74
N VAL D 252 -9.94 -18.78 37.25
CA VAL D 252 -10.26 -18.62 35.84
C VAL D 252 -9.03 -18.90 34.96
N GLN D 253 -7.88 -18.38 35.34
CA GLN D 253 -6.68 -18.54 34.52
C GLN D 253 -6.21 -19.99 34.50
N ASP D 254 -6.31 -20.70 35.62
CA ASP D 254 -5.77 -22.04 35.74
C ASP D 254 -6.73 -23.13 35.27
N VAL D 255 -7.99 -22.78 34.97
CA VAL D 255 -8.99 -23.76 34.55
C VAL D 255 -9.49 -23.49 33.13
N LEU D 256 -9.84 -22.24 32.83
CA LEU D 256 -10.42 -21.90 31.54
C LEU D 256 -9.36 -21.54 30.50
N ALA D 257 -8.22 -21.00 30.91
CA ALA D 257 -7.19 -20.55 29.98
C ALA D 257 -6.05 -21.56 29.84
N GLU D 258 -5.40 -21.94 30.94
CA GLU D 258 -4.21 -22.76 30.89
C GLU D 258 -4.48 -24.25 31.11
N GLU D 259 -5.48 -24.60 31.90
CA GLU D 259 -5.80 -25.99 32.25
C GLU D 259 -4.59 -26.70 32.83
N SER D 260 -3.92 -26.03 33.77
CA SER D 260 -2.71 -26.57 34.36
C SER D 260 -2.97 -27.85 35.12
N THR D 261 -4.01 -27.88 35.94
CA THR D 261 -4.34 -29.08 36.70
C THR D 261 -5.81 -29.49 36.61
N ARG D 262 -6.71 -28.55 36.36
CA ARG D 262 -8.13 -28.84 36.22
C ARG D 262 -8.59 -28.56 34.80
N ARG D 263 -9.81 -28.99 34.51
CA ARG D 263 -10.41 -28.79 33.20
C ARG D 263 -11.92 -28.95 33.31
N MET D 264 -12.65 -28.06 32.66
CA MET D 264 -14.11 -28.12 32.64
C MET D 264 -14.56 -28.87 31.39
N VAL D 265 -15.27 -29.98 31.60
CA VAL D 265 -15.66 -30.87 30.51
C VAL D 265 -17.15 -31.14 30.56
N GLU D 266 -17.69 -31.53 29.42
CA GLU D 266 -19.09 -31.91 29.28
C GLU D 266 -19.16 -33.24 28.56
N VAL D 267 -19.77 -34.23 29.20
CA VAL D 267 -19.86 -35.59 28.68
C VAL D 267 -21.34 -35.94 28.52
N PRO D 268 -21.77 -36.44 27.35
CA PRO D 268 -23.16 -36.81 27.19
C PRO D 268 -23.46 -38.17 27.82
N ILE D 269 -24.74 -38.40 28.07
CA ILE D 269 -25.24 -39.66 28.60
C ILE D 269 -25.73 -40.51 27.45
N PRO D 270 -25.09 -41.64 27.14
CA PRO D 270 -25.50 -42.46 25.99
C PRO D 270 -26.73 -43.30 26.32
N GLU D 271 -27.18 -44.05 25.32
CA GLU D 271 -28.31 -44.95 25.51
C GLU D 271 -27.95 -46.05 26.50
N GLY D 272 -28.83 -46.29 27.47
CA GLY D 272 -28.53 -47.21 28.54
C GLY D 272 -27.79 -46.51 29.66
N SER D 273 -26.47 -46.55 29.62
CA SER D 273 -25.56 -45.80 30.48
C SER D 273 -25.66 -46.20 31.95
N LYS D 274 -26.40 -47.26 32.27
CA LYS D 274 -26.51 -47.89 33.59
C LYS D 274 -27.07 -46.94 34.66
N LEU D 275 -27.44 -45.71 34.29
CA LEU D 275 -27.95 -44.77 35.27
C LEU D 275 -29.13 -43.95 34.77
N GLU D 276 -29.77 -44.34 33.68
CA GLU D 276 -30.93 -43.62 33.18
C GLU D 276 -32.10 -43.80 34.14
N GLY D 277 -32.52 -42.71 34.77
CA GLY D 277 -33.65 -42.71 35.69
C GLY D 277 -33.29 -42.48 37.13
N VAL D 278 -32.05 -42.74 37.53
CA VAL D 278 -31.65 -42.53 38.92
C VAL D 278 -31.51 -41.04 39.20
N SER D 279 -31.70 -40.67 40.45
CA SER D 279 -31.60 -39.27 40.87
C SER D 279 -30.14 -38.87 41.04
N VAL D 280 -29.91 -37.56 41.10
CA VAL D 280 -28.56 -37.06 41.31
C VAL D 280 -28.04 -37.43 42.70
N LEU D 281 -28.93 -37.46 43.70
CA LEU D 281 -28.52 -37.85 45.04
C LEU D 281 -28.10 -39.31 45.07
N ASP D 282 -28.84 -40.18 44.37
CA ASP D 282 -28.51 -41.60 44.36
C ASP D 282 -27.21 -41.87 43.62
N ALA D 283 -26.94 -41.11 42.57
CA ALA D 283 -25.73 -41.32 41.79
C ALA D 283 -24.48 -41.03 42.61
N ASP D 284 -24.48 -39.93 43.35
CA ASP D 284 -23.34 -39.50 44.17
C ASP D 284 -22.07 -39.44 43.33
N ILE D 285 -22.10 -38.57 42.31
CA ILE D 285 -21.01 -38.49 41.35
C ILE D 285 -19.74 -37.98 42.02
N HIS D 286 -19.87 -36.98 42.89
CA HIS D 286 -18.68 -36.33 43.45
C HIS D 286 -17.87 -37.29 44.30
N ASP D 287 -18.54 -38.09 45.13
CA ASP D 287 -17.81 -39.02 45.99
C ASP D 287 -17.25 -40.20 45.21
N VAL D 288 -18.04 -40.74 44.29
CA VAL D 288 -17.60 -41.92 43.55
C VAL D 288 -16.48 -41.58 42.59
N THR D 289 -16.61 -40.47 41.86
CA THR D 289 -15.66 -40.10 40.82
C THR D 289 -14.65 -39.07 41.31
N GLY D 290 -15.11 -37.93 41.79
CA GLY D 290 -14.25 -36.86 42.20
C GLY D 290 -14.37 -35.63 41.33
N VAL D 291 -15.48 -35.48 40.62
CA VAL D 291 -15.72 -34.36 39.72
C VAL D 291 -16.87 -33.54 40.28
N ILE D 292 -16.63 -32.23 40.44
CA ILE D 292 -17.66 -31.34 40.93
C ILE D 292 -18.68 -31.10 39.83
N ILE D 293 -19.95 -31.32 40.14
CA ILE D 293 -21.02 -31.18 39.15
C ILE D 293 -21.54 -29.76 39.19
N ILE D 294 -21.54 -29.10 38.03
CA ILE D 294 -21.97 -27.72 37.91
C ILE D 294 -23.42 -27.63 37.43
N GLY D 295 -23.75 -28.35 36.35
CA GLY D 295 -25.11 -28.28 35.83
C GLY D 295 -25.34 -29.39 34.82
N VAL D 296 -26.59 -29.44 34.34
CA VAL D 296 -27.02 -30.44 33.37
C VAL D 296 -27.61 -29.73 32.17
N GLY D 297 -27.19 -30.15 30.98
CA GLY D 297 -27.65 -29.56 29.74
C GLY D 297 -28.88 -30.22 29.13
N ARG D 298 -30.03 -30.01 29.75
CA ARG D 298 -31.27 -30.64 29.29
C ARG D 298 -31.90 -29.80 28.18
N GLY D 299 -31.57 -30.13 26.94
CA GLY D 299 -32.23 -29.52 25.80
C GLY D 299 -32.01 -28.03 25.62
N ASP D 300 -30.76 -27.65 25.29
CA ASP D 300 -30.41 -26.27 24.98
C ASP D 300 -30.72 -25.33 26.14
N GLU D 301 -30.52 -25.81 27.37
CA GLU D 301 -30.61 -24.97 28.55
C GLU D 301 -29.71 -25.54 29.62
N LEU D 302 -29.33 -24.70 30.57
CA LEU D 302 -28.40 -25.08 31.62
C LEU D 302 -29.08 -24.91 32.97
N ILE D 303 -29.08 -25.99 33.76
CA ILE D 303 -29.64 -25.96 35.10
C ILE D 303 -28.47 -26.01 36.07
N ILE D 304 -28.00 -24.84 36.48
CA ILE D 304 -26.86 -24.75 37.39
C ILE D 304 -27.29 -25.20 38.78
N ASP D 305 -26.51 -26.09 39.37
CA ASP D 305 -26.81 -26.71 40.67
C ASP D 305 -28.21 -27.32 40.64
N PRO D 306 -28.38 -28.45 39.97
CA PRO D 306 -29.70 -29.06 39.88
C PRO D 306 -30.17 -29.53 41.24
N PRO D 307 -31.48 -29.56 41.48
CA PRO D 307 -32.00 -30.01 42.77
C PRO D 307 -31.82 -31.52 42.93
N ARG D 308 -32.07 -31.99 44.16
CA ARG D 308 -31.86 -33.40 44.47
C ARG D 308 -32.86 -34.29 43.76
N ASP D 309 -34.04 -33.76 43.40
CA ASP D 309 -35.08 -34.54 42.76
C ASP D 309 -34.92 -34.59 41.24
N TYR D 310 -33.73 -34.32 40.73
CA TYR D 310 -33.47 -34.34 39.30
C TYR D 310 -33.06 -35.75 38.88
N SER D 311 -33.75 -36.29 37.88
CA SER D 311 -33.49 -37.62 37.36
C SER D 311 -32.85 -37.53 35.99
N PHE D 312 -31.76 -38.26 35.79
CA PHE D 312 -31.05 -38.24 34.52
C PHE D 312 -31.87 -38.90 33.43
N ARG D 313 -31.66 -38.45 32.19
CA ARG D 313 -32.33 -39.00 31.03
C ARG D 313 -31.32 -39.38 29.96
N ALA D 314 -31.79 -39.77 28.79
CA ALA D 314 -30.91 -40.10 27.68
C ALA D 314 -30.58 -38.85 26.88
N GLY D 315 -29.30 -38.70 26.53
CA GLY D 315 -28.84 -37.55 25.79
C GLY D 315 -28.53 -36.33 26.63
N ASP D 316 -28.65 -36.41 27.95
CA ASP D 316 -28.30 -35.29 28.81
C ASP D 316 -26.80 -35.08 28.85
N ILE D 317 -26.40 -33.85 29.13
CA ILE D 317 -25.00 -33.45 29.16
C ILE D 317 -24.68 -32.92 30.54
N ILE D 318 -23.62 -33.47 31.16
CA ILE D 318 -23.21 -33.09 32.50
C ILE D 318 -21.96 -32.23 32.41
N LEU D 319 -22.02 -31.05 33.00
CA LEU D 319 -20.91 -30.11 33.01
C LEU D 319 -20.22 -30.18 34.37
N GLY D 320 -18.90 -30.43 34.36
CA GLY D 320 -18.18 -30.61 35.60
C GLY D 320 -16.72 -30.23 35.47
N ILE D 321 -16.05 -30.15 36.61
CA ILE D 321 -14.64 -29.81 36.71
C ILE D 321 -13.91 -30.94 37.41
N GLY D 322 -12.82 -31.40 36.82
CA GLY D 322 -12.07 -32.49 37.41
C GLY D 322 -10.72 -32.66 36.74
N LYS D 323 -9.87 -33.43 37.41
CA LYS D 323 -8.54 -33.74 36.89
C LYS D 323 -8.67 -34.66 35.67
N PRO D 324 -7.67 -34.66 34.79
CA PRO D 324 -7.73 -35.55 33.61
C PRO D 324 -7.82 -37.02 33.97
N GLU D 325 -7.21 -37.44 35.08
CA GLU D 325 -7.34 -38.82 35.51
C GLU D 325 -8.67 -39.10 36.22
N GLU D 326 -9.47 -38.08 36.56
CA GLU D 326 -10.79 -38.26 37.15
C GLU D 326 -11.92 -38.16 36.12
N ILE D 327 -11.68 -37.46 35.01
CA ILE D 327 -12.68 -37.42 33.96
C ILE D 327 -12.81 -38.80 33.32
N GLU D 328 -11.70 -39.51 33.16
CA GLU D 328 -11.78 -40.89 32.67
C GLU D 328 -12.57 -41.77 33.61
N ARG D 329 -12.43 -41.54 34.92
CA ARG D 329 -13.20 -42.30 35.92
C ARG D 329 -14.68 -42.03 35.79
N LEU D 330 -15.05 -40.88 35.21
CA LEU D 330 -16.46 -40.54 35.03
C LEU D 330 -17.04 -41.06 33.72
N LYS D 331 -16.28 -41.01 32.63
CA LYS D 331 -16.77 -41.51 31.35
C LYS D 331 -17.03 -43.02 31.37
N ASN D 332 -16.13 -43.78 32.00
CA ASN D 332 -16.38 -45.21 32.16
C ASN D 332 -17.50 -45.50 33.16
N TYR D 333 -17.73 -44.59 34.10
CA TYR D 333 -18.80 -44.78 35.08
C TYR D 333 -20.17 -44.58 34.44
N ILE D 334 -20.27 -43.76 33.39
CA ILE D 334 -21.53 -43.51 32.72
C ILE D 334 -21.64 -44.30 31.42
N SER D 335 -20.73 -45.22 31.15
CA SER D 335 -20.74 -46.02 29.94
C SER D 335 -21.34 -47.40 30.25
N ALA D 336 -22.32 -47.81 29.44
CA ALA D 336 -22.95 -49.10 29.62
C ALA D 336 -22.09 -50.23 29.05
N SER E 115 27.48 34.52 22.90
CA SER E 115 28.24 33.47 22.25
C SER E 115 28.44 32.27 23.16
N ARG E 116 27.37 31.89 23.87
CA ARG E 116 27.42 30.77 24.79
C ARG E 116 26.18 29.88 24.66
N HIS E 117 25.52 29.89 23.51
CA HIS E 117 24.35 29.07 23.27
C HIS E 117 24.64 28.09 22.15
N VAL E 118 24.03 26.91 22.25
CA VAL E 118 24.23 25.82 21.30
C VAL E 118 22.93 25.56 20.57
N VAL E 119 22.99 25.50 19.24
CA VAL E 119 21.83 25.26 18.40
C VAL E 119 21.89 23.82 17.92
N ILE E 120 20.77 23.10 18.05
CA ILE E 120 20.67 21.71 17.64
C ILE E 120 19.58 21.62 16.58
N CYS E 121 19.93 21.06 15.43
CA CYS E 121 18.98 20.85 14.33
C CYS E 121 18.54 19.40 14.33
N GLY E 122 17.23 19.18 14.41
CA GLY E 122 16.69 17.85 14.50
C GLY E 122 16.59 17.36 15.93
N TRP E 123 16.08 16.13 16.08
CA TRP E 123 15.89 15.54 17.39
C TRP E 123 15.88 14.03 17.27
N SER E 124 16.66 13.36 18.10
CA SER E 124 16.72 11.91 18.15
C SER E 124 17.21 11.50 19.52
N GLU E 125 17.56 10.22 19.67
CA GLU E 125 18.09 9.75 20.94
C GLU E 125 19.49 10.29 21.19
N SER E 126 20.27 10.52 20.13
CA SER E 126 21.60 11.08 20.29
C SER E 126 21.55 12.47 20.90
N THR E 127 20.62 13.30 20.45
CA THR E 127 20.46 14.63 21.02
C THR E 127 20.00 14.56 22.47
N LEU E 128 19.14 13.62 22.79
CA LEU E 128 18.69 13.45 24.17
C LEU E 128 19.86 13.06 25.07
N GLU E 129 20.73 12.17 24.59
CA GLU E 129 21.92 11.80 25.36
C GLU E 129 22.90 12.98 25.47
N CYS E 130 23.02 13.78 24.41
CA CYS E 130 23.90 14.93 24.46
C CYS E 130 23.41 15.98 25.45
N LEU E 131 22.10 16.17 25.56
CA LEU E 131 21.55 17.15 26.49
C LEU E 131 21.76 16.78 27.94
N ARG E 132 22.13 15.53 28.24
CA ARG E 132 22.32 15.11 29.62
C ARG E 132 23.47 15.84 30.30
N GLU E 133 24.56 16.07 29.57
CA GLU E 133 25.73 16.74 30.12
C GLU E 133 25.89 18.15 29.56
N LEU E 134 24.79 18.84 29.32
CA LEU E 134 24.79 20.22 28.88
C LEU E 134 23.77 21.01 29.69
N ARG E 135 24.02 22.31 29.83
CA ARG E 135 23.11 23.17 30.58
C ARG E 135 21.77 23.27 29.87
N GLY E 136 20.69 23.05 30.60
CA GLY E 136 19.37 23.03 30.01
C GLY E 136 18.70 24.38 29.90
N SER E 137 19.49 25.42 29.63
CA SER E 137 18.94 26.76 29.43
C SER E 137 19.52 27.50 28.25
N GLU E 138 20.61 27.03 27.65
CA GLU E 138 21.26 27.70 26.53
C GLU E 138 21.17 26.90 25.23
N VAL E 139 20.30 25.90 25.17
CA VAL E 139 20.19 25.03 24.00
C VAL E 139 18.88 25.33 23.29
N PHE E 140 18.96 25.61 21.99
CA PHE E 140 17.80 25.86 21.14
C PHE E 140 17.68 24.71 20.15
N VAL E 141 16.54 24.03 20.15
CA VAL E 141 16.29 22.92 19.26
C VAL E 141 15.42 23.38 18.10
N LEU E 142 15.94 23.31 16.89
CA LEU E 142 15.23 23.71 15.68
C LEU E 142 14.66 22.47 15.02
N ALA E 143 13.35 22.31 15.10
CA ALA E 143 12.67 21.16 14.52
C ALA E 143 11.39 21.62 13.84
N GLU E 144 10.92 20.82 12.90
CA GLU E 144 9.72 21.16 12.14
C GLU E 144 8.47 20.45 12.63
N ASP E 145 8.60 19.28 13.24
CA ASP E 145 7.45 18.57 13.76
C ASP E 145 7.01 19.18 15.09
N GLU E 146 5.70 19.30 15.27
CA GLU E 146 5.15 19.83 16.52
C GLU E 146 5.16 18.82 17.65
N ASN E 147 5.19 17.52 17.34
CA ASN E 147 5.25 16.51 18.39
C ASN E 147 6.57 16.51 19.14
N VAL E 148 7.58 17.19 18.62
CA VAL E 148 8.87 17.26 19.29
C VAL E 148 8.88 18.32 20.39
N ARG E 149 7.91 19.24 20.39
CA ARG E 149 7.92 20.31 21.38
C ARG E 149 7.80 19.76 22.79
N LYS E 150 6.92 18.79 23.00
CA LYS E 150 6.76 18.21 24.33
C LYS E 150 8.03 17.51 24.80
N LYS E 151 8.68 16.74 23.91
CA LYS E 151 9.92 16.05 24.29
C LYS E 151 11.03 17.04 24.62
N VAL E 152 11.13 18.11 23.83
CA VAL E 152 12.14 19.12 24.11
C VAL E 152 11.86 19.79 25.45
N LEU E 153 10.59 20.10 25.73
CA LEU E 153 10.28 20.76 27.00
C LEU E 153 10.51 19.83 28.19
N ARG E 154 10.29 18.52 28.02
CA ARG E 154 10.56 17.58 29.09
C ARG E 154 12.03 17.57 29.44
N SER E 155 12.89 17.61 28.41
CA SER E 155 14.33 17.57 28.67
C SER E 155 14.90 18.91 29.12
N GLY E 156 14.11 19.98 29.11
CA GLY E 156 14.59 21.28 29.52
C GLY E 156 15.41 22.00 28.47
N ALA E 157 14.77 22.32 27.35
CA ALA E 157 15.42 23.02 26.27
C ALA E 157 14.39 23.90 25.57
N ASN E 158 14.89 24.89 24.83
CA ASN E 158 14.05 25.85 24.13
C ASN E 158 13.75 25.32 22.73
N PHE E 159 12.48 25.30 22.36
CA PHE E 159 12.06 24.80 21.07
C PHE E 159 11.78 25.94 20.11
N VAL E 160 12.32 25.85 18.89
CA VAL E 160 12.12 26.82 17.83
C VAL E 160 11.47 26.09 16.65
N HIS E 161 10.34 26.59 16.19
CA HIS E 161 9.60 25.95 15.11
C HIS E 161 10.05 26.50 13.77
N GLY E 162 10.60 25.65 12.93
CA GLY E 162 11.06 26.09 11.62
C GLY E 162 11.64 24.92 10.84
N ASP E 163 12.08 25.23 9.62
CA ASP E 163 12.67 24.25 8.74
C ASP E 163 14.18 24.40 8.77
N PRO E 164 14.93 23.42 9.29
CA PRO E 164 16.39 23.58 9.36
C PRO E 164 17.06 23.68 7.99
N THR E 165 16.43 23.20 6.93
CA THR E 165 17.06 23.26 5.61
C THR E 165 16.90 24.63 4.95
N ARG E 166 16.02 25.48 5.46
CA ARG E 166 15.80 26.81 4.90
C ARG E 166 16.70 27.82 5.59
N VAL E 167 17.32 28.70 4.80
CA VAL E 167 18.24 29.70 5.36
C VAL E 167 17.51 30.71 6.24
N SER E 168 16.28 31.06 5.86
CA SER E 168 15.54 32.05 6.61
C SER E 168 15.24 31.54 8.02
N ASP E 169 14.88 30.26 8.16
CA ASP E 169 14.59 29.73 9.48
C ASP E 169 15.86 29.51 10.30
N LEU E 170 17.00 29.30 9.64
CA LEU E 170 18.26 29.14 10.36
C LEU E 170 18.69 30.44 10.99
N GLU E 171 18.28 31.58 10.43
CA GLU E 171 18.59 32.86 11.06
C GLU E 171 17.74 33.12 12.31
N LYS E 172 16.54 32.56 12.38
CA LYS E 172 15.71 32.69 13.58
C LYS E 172 16.34 32.02 14.78
N ALA E 173 16.98 30.87 14.57
CA ALA E 173 17.66 30.16 15.65
C ALA E 173 18.95 30.84 16.08
N ASN E 174 19.38 31.88 15.37
CA ASN E 174 20.60 32.62 15.69
C ASN E 174 21.84 31.72 15.65
N VAL E 175 22.06 31.13 14.48
CA VAL E 175 23.25 30.31 14.28
C VAL E 175 24.50 31.17 14.15
N ARG E 176 24.35 32.46 13.89
CA ARG E 176 25.49 33.36 13.80
C ARG E 176 25.93 33.76 15.21
N GLY E 177 27.18 33.47 15.55
CA GLY E 177 27.68 33.79 16.87
C GLY E 177 27.22 32.81 17.93
N ALA E 178 27.59 31.54 17.77
CA ALA E 178 27.23 30.50 18.71
C ALA E 178 28.44 29.60 18.94
N ARG E 179 28.42 28.86 20.05
CA ARG E 179 29.52 27.97 20.38
C ARG E 179 29.69 26.89 19.31
N ALA E 180 28.61 26.19 19.00
CA ALA E 180 28.64 25.12 18.00
C ALA E 180 27.22 24.83 17.56
N VAL E 181 27.11 24.19 16.40
CA VAL E 181 25.84 23.75 15.84
C VAL E 181 25.91 22.25 15.63
N ILE E 182 24.92 21.52 16.15
CA ILE E 182 24.86 20.07 16.04
C ILE E 182 23.74 19.73 15.07
N VAL E 183 24.07 18.99 14.02
CA VAL E 183 23.12 18.64 12.97
C VAL E 183 22.88 17.14 13.01
N ASP E 184 21.62 16.75 13.23
CA ASP E 184 21.24 15.33 13.21
C ASP E 184 19.81 15.26 12.71
N LEU E 185 19.64 15.03 11.42
CA LEU E 185 18.34 15.04 10.77
C LEU E 185 17.95 13.63 10.34
N GLU E 186 16.81 13.52 9.66
CA GLU E 186 16.26 12.24 9.29
C GLU E 186 16.99 11.57 8.13
N SER E 187 17.77 12.31 7.36
CA SER E 187 18.46 11.74 6.22
C SER E 187 19.73 12.54 5.96
N ASP E 188 20.64 11.94 5.20
CA ASP E 188 21.92 12.58 4.90
C ASP E 188 21.73 13.77 3.97
N SER E 189 20.76 13.71 3.07
CA SER E 189 20.53 14.83 2.16
C SER E 189 20.16 16.09 2.92
N GLU E 190 19.26 15.96 3.90
CA GLU E 190 18.88 17.10 4.72
C GLU E 190 20.06 17.62 5.53
N THR E 191 20.89 16.70 6.03
CA THR E 191 22.07 17.12 6.78
C THR E 191 23.03 17.92 5.91
N ILE E 192 23.27 17.46 4.68
CA ILE E 192 24.16 18.17 3.76
C ILE E 192 23.58 19.54 3.42
N HIS E 193 22.27 19.61 3.16
CA HIS E 193 21.65 20.89 2.85
C HIS E 193 21.73 21.85 4.02
N CYS E 194 21.52 21.35 5.24
CA CYS E 194 21.60 22.19 6.42
C CYS E 194 23.02 22.70 6.64
N ILE E 195 24.03 21.85 6.43
CA ILE E 195 25.41 22.28 6.57
C ILE E 195 25.75 23.36 5.54
N LEU E 196 25.29 23.17 4.30
CA LEU E 196 25.52 24.18 3.27
C LEU E 196 24.85 25.50 3.63
N GLY E 197 23.63 25.46 4.14
CA GLY E 197 22.97 26.68 4.57
C GLY E 197 23.67 27.38 5.72
N ILE E 198 24.14 26.60 6.71
CA ILE E 198 24.86 27.19 7.84
C ILE E 198 26.14 27.84 7.37
N ARG E 199 26.88 27.18 6.48
CA ARG E 199 28.09 27.78 5.93
C ARG E 199 27.79 29.02 5.11
N LYS E 200 26.64 29.06 4.44
CA LYS E 200 26.20 30.28 3.77
C LYS E 200 25.97 31.40 4.77
N ILE E 201 25.37 31.09 5.92
CA ILE E 201 25.10 32.12 6.93
C ILE E 201 26.40 32.52 7.64
N ASP E 202 27.03 31.58 8.32
CA ASP E 202 28.25 31.84 9.08
C ASP E 202 29.36 30.93 8.58
N GLU E 203 30.54 31.49 8.40
CA GLU E 203 31.66 30.75 7.83
C GLU E 203 32.61 30.19 8.87
N SER E 204 32.64 30.76 10.07
CA SER E 204 33.61 30.37 11.09
C SER E 204 33.00 29.59 12.24
N VAL E 205 31.70 29.33 12.22
CA VAL E 205 31.06 28.60 13.30
C VAL E 205 31.44 27.13 13.23
N ARG E 206 31.49 26.47 14.38
CA ARG E 206 31.85 25.06 14.47
C ARG E 206 30.61 24.19 14.26
N ILE E 207 30.72 23.22 13.35
CA ILE E 207 29.61 22.34 13.00
C ILE E 207 29.98 20.92 13.34
N ILE E 208 29.08 20.22 14.03
CA ILE E 208 29.24 18.81 14.37
C ILE E 208 28.06 18.08 13.75
N ALA E 209 28.34 17.17 12.83
CA ALA E 209 27.31 16.46 12.10
C ALA E 209 27.43 14.95 12.32
N GLU E 210 26.32 14.26 12.10
CA GLU E 210 26.26 12.81 12.22
C GLU E 210 25.92 12.21 10.86
N ALA E 211 26.69 11.22 10.44
CA ALA E 211 26.52 10.55 9.17
C ALA E 211 25.89 9.17 9.37
N GLU E 212 24.99 8.81 8.46
CA GLU E 212 24.35 7.51 8.48
C GLU E 212 25.02 6.50 7.56
N ARG E 213 25.21 6.87 6.29
CA ARG E 213 25.87 6.01 5.32
C ARG E 213 27.37 6.31 5.28
N TYR E 214 28.15 5.27 5.00
CA TYR E 214 29.60 5.42 4.97
C TYR E 214 30.05 6.30 3.81
N GLU E 215 29.34 6.28 2.69
CA GLU E 215 29.75 7.04 1.52
C GLU E 215 29.55 8.54 1.69
N ASN E 216 28.83 8.98 2.71
CA ASN E 216 28.52 10.38 2.90
C ASN E 216 29.43 11.08 3.90
N ILE E 217 30.47 10.40 4.39
CA ILE E 217 31.39 11.04 5.32
C ILE E 217 32.20 12.12 4.60
N GLU E 218 32.75 11.79 3.43
CA GLU E 218 33.51 12.79 2.69
C GLU E 218 32.62 13.90 2.17
N GLN E 219 31.36 13.58 1.84
CA GLN E 219 30.42 14.62 1.44
C GLN E 219 30.17 15.60 2.57
N LEU E 220 30.00 15.10 3.79
CA LEU E 220 29.82 15.98 4.94
C LEU E 220 31.08 16.80 5.21
N ARG E 221 32.25 16.20 5.06
CA ARG E 221 33.50 16.93 5.28
C ARG E 221 33.68 18.03 4.24
N MET E 222 33.34 17.77 2.98
CA MET E 222 33.43 18.81 1.96
C MET E 222 32.37 19.88 2.13
N ALA E 223 31.21 19.52 2.69
CA ALA E 223 30.15 20.50 2.89
C ALA E 223 30.56 21.58 3.89
N GLY E 224 31.42 21.24 4.84
CA GLY E 224 31.91 22.21 5.79
C GLY E 224 31.84 21.77 7.24
N ALA E 225 31.52 20.50 7.47
CA ALA E 225 31.46 19.97 8.82
C ALA E 225 32.86 19.84 9.41
N ASP E 226 33.02 20.29 10.66
CA ASP E 226 34.30 20.20 11.32
C ASP E 226 34.55 18.85 11.95
N GLN E 227 33.50 18.18 12.43
CA GLN E 227 33.62 16.85 13.00
C GLN E 227 32.47 16.00 12.51
N VAL E 228 32.76 14.78 12.08
CA VAL E 228 31.77 13.86 11.55
C VAL E 228 31.76 12.61 12.41
N ILE E 229 30.57 12.19 12.83
CA ILE E 229 30.39 11.00 13.64
C ILE E 229 29.48 10.04 12.89
N SER E 230 29.91 8.78 12.78
CA SER E 230 29.15 7.76 12.06
C SER E 230 28.92 6.56 12.97
N PRO E 231 27.85 6.57 13.79
CA PRO E 231 27.62 5.45 14.70
C PRO E 231 27.15 4.20 14.01
N PHE E 232 26.41 4.34 12.90
CA PHE E 232 25.89 3.18 12.18
C PHE E 232 27.02 2.34 11.61
N VAL E 233 28.05 2.99 11.06
CA VAL E 233 29.18 2.27 10.49
C VAL E 233 29.91 1.50 11.58
N ILE E 234 30.13 2.14 12.73
CA ILE E 234 30.82 1.47 13.83
C ILE E 234 30.01 0.28 14.32
N SER E 235 28.70 0.45 14.47
CA SER E 235 27.85 -0.65 14.92
C SER E 235 27.86 -1.81 13.92
N GLY E 236 27.79 -1.53 12.62
CA GLY E 236 27.81 -2.61 11.65
C GLY E 236 29.13 -3.38 11.61
N ARG E 237 30.26 -2.66 11.73
CA ARG E 237 31.55 -3.34 11.76
C ARG E 237 31.72 -4.16 13.04
N LEU E 238 31.19 -3.67 14.16
CA LEU E 238 31.31 -4.46 15.38
C LEU E 238 30.38 -5.66 15.34
N MET E 239 29.23 -5.56 14.65
CA MET E 239 28.31 -6.68 14.59
C MET E 239 28.94 -7.85 13.84
N SER E 240 29.61 -7.56 12.72
CA SER E 240 30.18 -8.62 11.90
C SER E 240 31.44 -9.22 12.51
N ARG E 241 32.15 -8.47 13.34
CA ARG E 241 33.37 -9.01 13.96
C ARG E 241 33.15 -9.66 15.32
N SER E 242 31.95 -9.59 15.89
CA SER E 242 31.64 -10.18 17.17
C SER E 242 31.02 -11.57 17.07
N ILE E 243 30.85 -12.11 15.86
CA ILE E 243 30.24 -13.43 15.70
C ILE E 243 31.15 -14.51 16.32
N ASP E 244 32.46 -14.43 16.07
CA ASP E 244 33.38 -15.46 16.51
C ASP E 244 34.01 -15.13 17.86
N ASP E 245 34.70 -13.99 17.96
CA ASP E 245 35.40 -13.62 19.18
C ASP E 245 34.67 -12.52 19.95
N GLY E 246 34.55 -11.33 19.37
CA GLY E 246 33.87 -10.24 20.04
C GLY E 246 34.54 -9.68 21.29
N TYR E 247 35.86 -9.48 21.27
CA TYR E 247 36.55 -8.81 22.37
C TYR E 247 36.72 -7.31 22.15
N GLU E 248 36.79 -6.89 20.89
CA GLU E 248 36.80 -5.46 20.61
C GLU E 248 35.49 -4.81 21.03
N ALA E 249 34.38 -5.51 20.83
CA ALA E 249 33.08 -4.96 21.23
C ALA E 249 33.01 -4.75 22.72
N MET E 250 33.57 -5.68 23.50
CA MET E 250 33.61 -5.53 24.95
C MET E 250 34.39 -4.28 25.33
N PHE E 251 35.55 -4.09 24.72
CA PHE E 251 36.34 -2.89 25.03
C PHE E 251 35.59 -1.61 24.68
N VAL E 252 34.97 -1.58 23.51
CA VAL E 252 34.25 -0.38 23.07
C VAL E 252 33.09 -0.08 24.02
N GLN E 253 32.29 -1.09 24.33
CA GLN E 253 31.13 -0.90 25.19
C GLN E 253 31.53 -0.54 26.62
N ASP E 254 32.71 -0.95 27.07
CA ASP E 254 33.12 -0.65 28.43
C ASP E 254 33.89 0.65 28.57
N VAL E 255 34.44 1.20 27.50
CA VAL E 255 35.23 2.44 27.60
C VAL E 255 34.59 3.63 26.89
N LEU E 256 33.56 3.42 26.08
CA LEU E 256 32.93 4.54 25.41
C LEU E 256 31.45 4.71 25.75
N ALA E 257 30.73 3.62 25.98
CA ALA E 257 29.29 3.72 26.23
C ALA E 257 28.98 3.76 27.72
N GLU E 258 29.43 2.76 28.47
CA GLU E 258 29.08 2.65 29.88
C GLU E 258 30.10 3.27 30.81
N GLU E 259 31.38 3.24 30.46
CA GLU E 259 32.45 3.78 31.30
C GLU E 259 32.43 3.15 32.69
N SER E 260 32.27 1.83 32.72
CA SER E 260 32.15 1.12 33.98
C SER E 260 33.45 1.18 34.78
N THR E 261 34.59 0.92 34.14
CA THR E 261 35.88 0.90 34.81
C THR E 261 36.81 2.00 34.32
N ARG E 262 37.08 2.06 33.02
CA ARG E 262 37.97 3.05 32.44
C ARG E 262 37.22 3.95 31.49
N ARG E 263 37.82 5.11 31.20
CA ARG E 263 37.27 6.05 30.23
C ARG E 263 38.41 6.83 29.61
N MET E 264 38.19 7.29 28.39
CA MET E 264 39.18 8.09 27.69
C MET E 264 39.15 9.52 28.18
N VAL E 265 40.32 10.05 28.54
CA VAL E 265 40.45 11.38 29.12
C VAL E 265 41.46 12.17 28.30
N GLU E 266 41.13 13.43 28.02
CA GLU E 266 42.03 14.35 27.34
C GLU E 266 42.31 15.52 28.27
N VAL E 267 43.54 15.60 28.78
CA VAL E 267 43.95 16.59 29.77
C VAL E 267 44.94 17.54 29.10
N PRO E 268 44.66 18.82 29.03
CA PRO E 268 45.62 19.77 28.46
C PRO E 268 46.84 19.95 29.36
N ILE E 269 47.96 20.26 28.73
CA ILE E 269 49.22 20.52 29.44
C ILE E 269 49.26 22.00 29.81
N PRO E 270 49.30 22.35 31.08
CA PRO E 270 49.37 23.77 31.46
C PRO E 270 50.73 24.37 31.20
N GLU E 271 50.92 25.63 31.57
CA GLU E 271 52.14 26.35 31.27
C GLU E 271 53.20 26.07 32.33
N GLY E 272 54.35 25.55 31.90
CA GLY E 272 55.47 25.34 32.78
C GLY E 272 55.20 24.38 33.92
N SER E 273 54.77 23.15 33.61
CA SER E 273 54.43 22.16 34.63
C SER E 273 55.18 20.86 34.36
N LYS E 274 56.44 20.81 34.80
CA LYS E 274 57.19 19.57 34.91
C LYS E 274 57.39 18.82 33.61
N LEU E 275 56.92 19.37 32.49
CA LEU E 275 56.93 18.62 31.23
C LEU E 275 57.34 19.44 30.02
N GLU E 276 57.78 20.68 30.18
CA GLU E 276 58.20 21.48 29.05
C GLU E 276 59.64 21.14 28.68
N GLY E 277 59.81 20.46 27.55
CA GLY E 277 61.12 20.11 27.06
C GLY E 277 61.56 18.69 27.32
N VAL E 278 60.71 17.86 27.90
CA VAL E 278 61.05 16.47 28.21
C VAL E 278 60.49 15.59 27.10
N SER E 279 61.22 14.54 26.75
CA SER E 279 60.80 13.63 25.70
C SER E 279 59.80 12.61 26.23
N VAL E 280 59.25 11.81 25.32
CA VAL E 280 58.30 10.78 25.70
C VAL E 280 58.98 9.65 26.44
N LEU E 281 60.18 9.27 25.99
CA LEU E 281 60.83 8.08 26.54
C LEU E 281 61.17 8.25 28.01
N ASP E 282 61.66 9.42 28.40
CA ASP E 282 62.01 9.68 29.79
C ASP E 282 60.86 10.25 30.60
N ALA E 283 59.72 10.55 29.96
CA ALA E 283 58.56 10.99 30.72
C ALA E 283 58.02 9.88 31.62
N ASP E 284 57.99 8.65 31.11
CA ASP E 284 57.56 7.47 31.88
C ASP E 284 56.18 7.67 32.50
N ILE E 285 55.24 8.17 31.68
CA ILE E 285 53.90 8.46 32.18
C ILE E 285 53.18 7.19 32.57
N HIS E 286 53.30 6.14 31.75
CA HIS E 286 52.54 4.91 32.00
C HIS E 286 52.99 4.22 33.28
N ASP E 287 54.28 4.21 33.58
CA ASP E 287 54.79 3.48 34.72
C ASP E 287 54.64 4.24 36.04
N VAL E 288 54.29 5.52 36.01
CA VAL E 288 54.11 6.29 37.23
C VAL E 288 52.66 6.68 37.46
N THR E 289 51.80 6.59 36.46
CA THR E 289 50.40 6.95 36.61
C THR E 289 49.44 5.84 36.21
N GLY E 290 49.86 4.90 35.37
CA GLY E 290 49.00 3.83 34.93
C GLY E 290 48.12 4.16 33.75
N VAL E 291 48.19 5.37 33.23
CA VAL E 291 47.36 5.78 32.10
C VAL E 291 48.08 5.42 30.80
N ILE E 292 47.40 4.71 29.92
CA ILE E 292 47.96 4.33 28.63
C ILE E 292 47.83 5.51 27.69
N ILE E 293 48.96 5.99 27.18
CA ILE E 293 48.99 7.19 26.33
C ILE E 293 48.66 6.76 24.90
N ILE E 294 47.44 7.02 24.47
CA ILE E 294 47.04 6.66 23.11
C ILE E 294 47.72 7.57 22.10
N GLY E 295 47.75 8.88 22.37
CA GLY E 295 48.37 9.82 21.46
C GLY E 295 48.32 11.22 22.03
N VAL E 296 49.00 12.13 21.34
CA VAL E 296 49.06 13.53 21.72
C VAL E 296 48.69 14.37 20.51
N GLY E 297 47.83 15.37 20.71
CA GLY E 297 47.39 16.20 19.62
C GLY E 297 47.70 17.67 19.78
N ARG E 298 48.20 18.29 18.71
CA ARG E 298 48.50 19.71 18.70
C ARG E 298 48.04 20.32 17.39
N GLY E 299 47.29 21.42 17.47
CA GLY E 299 46.84 22.12 16.29
C GLY E 299 45.94 21.30 15.39
N ASP E 300 44.74 20.97 15.89
CA ASP E 300 43.74 20.17 15.20
C ASP E 300 44.34 19.01 14.43
N GLU E 301 45.32 18.33 15.03
CA GLU E 301 45.96 17.17 14.42
C GLU E 301 46.35 16.21 15.53
N LEU E 302 45.94 14.96 15.39
CA LEU E 302 46.19 13.93 16.40
C LEU E 302 47.34 13.05 15.93
N ILE E 303 48.32 12.84 16.81
CA ILE E 303 49.47 11.98 16.52
C ILE E 303 49.29 10.73 17.37
N ILE E 304 48.75 9.68 16.76
CA ILE E 304 48.52 8.42 17.46
C ILE E 304 49.83 7.69 17.64
N ASP E 305 50.10 7.24 18.85
CA ASP E 305 51.33 6.54 19.23
C ASP E 305 52.54 7.38 18.85
N PRO E 306 52.81 8.49 19.55
CA PRO E 306 53.92 9.34 19.17
C PRO E 306 55.25 8.64 19.37
N PRO E 307 56.24 8.93 18.53
CA PRO E 307 57.56 8.33 18.70
C PRO E 307 58.30 8.94 19.88
N ARG E 308 59.37 8.24 20.31
CA ARG E 308 60.16 8.72 21.43
C ARG E 308 60.89 10.03 21.11
N ASP E 309 61.08 10.35 19.84
CA ASP E 309 61.69 11.62 19.44
C ASP E 309 60.59 12.69 19.32
N TYR E 310 60.02 13.02 20.48
CA TYR E 310 58.93 13.98 20.54
C TYR E 310 59.08 14.79 21.83
N SER E 311 58.76 16.08 21.75
CA SER E 311 58.88 16.99 22.88
C SER E 311 57.52 17.57 23.23
N PHE E 312 57.20 17.56 24.53
CA PHE E 312 55.95 18.11 25.01
C PHE E 312 56.06 19.63 25.16
N ARG E 313 55.01 20.31 24.72
CA ARG E 313 54.95 21.77 24.79
C ARG E 313 53.74 22.19 25.61
N ALA E 314 53.66 23.48 25.89
CA ALA E 314 52.53 24.05 26.61
C ALA E 314 51.33 24.13 25.68
N GLY E 315 50.18 23.66 26.15
CA GLY E 315 48.96 23.66 25.37
C GLY E 315 48.63 22.35 24.70
N ASP E 316 49.58 21.42 24.62
CA ASP E 316 49.32 20.13 24.02
C ASP E 316 48.33 19.33 24.88
N ILE E 317 47.58 18.46 24.22
CA ILE E 317 46.54 17.66 24.85
C ILE E 317 46.92 16.19 24.74
N ILE E 318 46.91 15.49 25.87
CA ILE E 318 47.27 14.08 25.93
C ILE E 318 45.99 13.26 25.99
N LEU E 319 45.84 12.33 25.06
CA LEU E 319 44.70 11.43 25.01
C LEU E 319 45.10 10.09 25.60
N GLY E 320 44.40 9.66 26.65
CA GLY E 320 44.76 8.43 27.34
C GLY E 320 43.55 7.73 27.93
N ILE E 321 43.78 6.49 28.33
CA ILE E 321 42.75 5.64 28.93
C ILE E 321 43.23 5.22 30.31
N GLY E 322 42.41 5.41 31.33
CA GLY E 322 42.79 5.03 32.67
C GLY E 322 41.61 5.11 33.62
N LYS E 323 41.81 4.50 34.79
CA LYS E 323 40.80 4.52 35.84
C LYS E 323 40.69 5.93 36.43
N PRO E 324 39.55 6.26 37.04
CA PRO E 324 39.42 7.57 37.67
C PRO E 324 40.43 7.82 38.78
N GLU E 325 40.90 6.78 39.44
CA GLU E 325 41.95 6.93 40.45
C GLU E 325 43.30 7.26 39.82
N GLU E 326 43.48 6.96 38.54
CA GLU E 326 44.72 7.24 37.83
C GLU E 326 44.68 8.56 37.08
N ILE E 327 43.50 9.01 36.66
CA ILE E 327 43.38 10.28 35.97
C ILE E 327 43.76 11.43 36.89
N GLU E 328 43.34 11.36 38.15
CA GLU E 328 43.71 12.39 39.11
C GLU E 328 45.22 12.39 39.38
N ARG E 329 45.83 11.21 39.44
CA ARG E 329 47.28 11.13 39.60
C ARG E 329 47.98 11.73 38.40
N LEU E 330 47.49 11.46 37.19
CA LEU E 330 48.08 12.06 36.00
C LEU E 330 47.94 13.59 36.01
N LYS E 331 46.77 14.09 36.42
CA LYS E 331 46.57 15.54 36.47
C LYS E 331 47.49 16.18 37.49
N ASN E 332 47.67 15.55 38.65
CA ASN E 332 48.63 16.06 39.63
C ASN E 332 50.06 16.01 39.10
N TYR E 333 50.41 14.95 38.38
CA TYR E 333 51.75 14.83 37.81
C TYR E 333 52.04 15.88 36.75
N ILE E 334 51.02 16.32 36.02
CA ILE E 334 51.20 17.30 34.96
C ILE E 334 50.92 18.73 35.47
N SER E 335 50.91 18.92 36.78
CA SER E 335 50.68 20.23 37.38
C SER E 335 52.00 20.83 37.83
N ALA E 336 52.05 22.16 37.85
CA ALA E 336 53.25 22.89 38.24
C ALA E 336 53.46 22.83 39.74
N SER F 115 -10.47 48.53 -3.14
CA SER F 115 -10.08 47.90 -4.40
C SER F 115 -8.57 47.91 -4.59
N ARG F 116 -7.86 47.59 -3.50
CA ARG F 116 -6.40 47.57 -3.53
C ARG F 116 -5.85 46.35 -2.81
N HIS F 117 -6.62 45.27 -2.71
CA HIS F 117 -6.19 44.04 -2.07
C HIS F 117 -6.17 42.92 -3.09
N VAL F 118 -5.23 41.99 -2.90
CA VAL F 118 -5.02 40.87 -3.81
C VAL F 118 -5.35 39.58 -3.07
N VAL F 119 -6.16 38.74 -3.69
CA VAL F 119 -6.56 37.46 -3.12
C VAL F 119 -5.77 36.36 -3.83
N ILE F 120 -5.18 35.46 -3.04
CA ILE F 120 -4.40 34.34 -3.57
C ILE F 120 -5.05 33.06 -3.10
N CYS F 121 -5.37 32.18 -4.05
CA CYS F 121 -5.95 30.87 -3.75
C CYS F 121 -4.87 29.81 -3.83
N GLY F 122 -4.68 29.07 -2.75
CA GLY F 122 -3.63 28.09 -2.68
C GLY F 122 -2.33 28.67 -2.18
N TRP F 123 -1.33 27.79 -2.08
CA TRP F 123 -0.02 28.21 -1.57
C TRP F 123 1.04 27.26 -2.09
N SER F 124 2.11 27.82 -2.65
CA SER F 124 3.24 27.04 -3.14
C SER F 124 4.47 27.95 -3.14
N GLU F 125 5.54 27.49 -3.78
CA GLU F 125 6.74 28.31 -3.88
C GLU F 125 6.54 29.51 -4.80
N SER F 126 5.68 29.36 -5.82
CA SER F 126 5.40 30.47 -6.72
C SER F 126 4.75 31.63 -5.99
N THR F 127 3.80 31.32 -5.09
CA THR F 127 3.16 32.37 -4.31
C THR F 127 4.15 33.02 -3.35
N LEU F 128 5.05 32.23 -2.78
CA LEU F 128 6.07 32.80 -1.90
C LEU F 128 6.98 33.75 -2.66
N GLU F 129 7.37 33.39 -3.89
CA GLU F 129 8.17 34.29 -4.71
C GLU F 129 7.38 35.52 -5.11
N CYS F 130 6.09 35.37 -5.38
CA CYS F 130 5.26 36.52 -5.75
C CYS F 130 5.12 37.50 -4.59
N LEU F 131 5.01 37.00 -3.37
CA LEU F 131 4.86 37.87 -2.21
C LEU F 131 6.11 38.69 -1.91
N ARG F 132 7.25 38.36 -2.52
CA ARG F 132 8.47 39.09 -2.24
C ARG F 132 8.39 40.53 -2.73
N GLU F 133 7.76 40.76 -3.88
CA GLU F 133 7.65 42.10 -4.44
C GLU F 133 6.22 42.64 -4.36
N LEU F 134 5.51 42.29 -3.28
CA LEU F 134 4.18 42.82 -3.01
C LEU F 134 4.09 43.26 -1.56
N ARG F 135 3.20 44.22 -1.30
CA ARG F 135 3.03 44.72 0.05
C ARG F 135 2.45 43.62 0.94
N GLY F 136 3.06 43.41 2.10
CA GLY F 136 2.66 42.33 2.98
C GLY F 136 1.55 42.69 3.95
N SER F 137 0.60 43.51 3.49
CA SER F 137 -0.55 43.87 4.32
C SER F 137 -1.87 43.82 3.57
N GLU F 138 -1.88 43.74 2.24
CA GLU F 138 -3.10 43.75 1.46
C GLU F 138 -3.35 42.42 0.75
N VAL F 139 -2.66 41.36 1.15
CA VAL F 139 -2.76 40.06 0.49
C VAL F 139 -3.50 39.10 1.42
N PHE F 140 -4.55 38.46 0.90
CA PHE F 140 -5.32 37.47 1.64
C PHE F 140 -5.10 36.12 0.97
N VAL F 141 -4.62 35.14 1.73
CA VAL F 141 -4.36 33.80 1.22
C VAL F 141 -5.49 32.88 1.65
N LEU F 142 -6.22 32.34 0.68
CA LEU F 142 -7.33 31.43 0.93
C LEU F 142 -6.83 30.00 0.74
N ALA F 143 -6.69 29.28 1.85
CA ALA F 143 -6.23 27.90 1.82
C ALA F 143 -7.06 27.08 2.79
N GLU F 144 -7.07 25.76 2.56
CA GLU F 144 -7.86 24.86 3.38
C GLU F 144 -7.04 24.12 4.43
N ASP F 145 -5.75 23.92 4.19
CA ASP F 145 -4.89 23.25 5.16
C ASP F 145 -4.50 24.22 6.26
N GLU F 146 -4.50 23.72 7.51
CA GLU F 146 -4.11 24.53 8.65
C GLU F 146 -2.61 24.69 8.77
N ASN F 147 -1.82 23.77 8.20
CA ASN F 147 -0.37 23.88 8.25
C ASN F 147 0.16 25.05 7.42
N VAL F 148 -0.68 25.64 6.56
CA VAL F 148 -0.26 26.78 5.76
C VAL F 148 -0.34 28.08 6.53
N ARG F 149 -1.06 28.11 7.66
CA ARG F 149 -1.22 29.35 8.41
C ARG F 149 0.12 29.88 8.90
N LYS F 150 0.97 28.99 9.43
CA LYS F 150 2.27 29.44 9.92
C LYS F 150 3.13 29.99 8.79
N LYS F 151 3.16 29.33 7.63
CA LYS F 151 3.96 29.81 6.51
C LYS F 151 3.46 31.15 6.00
N VAL F 152 2.14 31.32 5.95
CA VAL F 152 1.57 32.60 5.52
C VAL F 152 1.93 33.69 6.51
N LEU F 153 1.85 33.39 7.81
CA LEU F 153 2.18 34.40 8.81
C LEU F 153 3.67 34.77 8.79
N ARG F 154 4.53 33.80 8.49
CA ARG F 154 5.96 34.08 8.40
C ARG F 154 6.22 35.06 7.27
N SER F 155 5.55 34.87 6.14
CA SER F 155 5.79 35.76 5.00
C SER F 155 5.07 37.10 5.12
N GLY F 156 4.24 37.31 6.13
CA GLY F 156 3.54 38.55 6.31
C GLY F 156 2.34 38.71 5.42
N ALA F 157 1.35 37.85 5.61
CA ALA F 157 0.11 37.89 4.85
C ALA F 157 -1.03 37.41 5.73
N ASN F 158 -2.24 37.77 5.32
CA ASN F 158 -3.46 37.44 6.05
C ASN F 158 -3.97 36.09 5.58
N PHE F 159 -4.23 35.18 6.51
CA PHE F 159 -4.71 33.84 6.17
C PHE F 159 -6.21 33.74 6.40
N VAL F 160 -6.92 33.19 5.41
CA VAL F 160 -8.35 32.96 5.48
C VAL F 160 -8.58 31.46 5.31
N HIS F 161 -9.30 30.87 6.24
CA HIS F 161 -9.54 29.43 6.24
C HIS F 161 -10.83 29.12 5.49
N GLY F 162 -10.71 28.36 4.40
CA GLY F 162 -11.88 28.02 3.62
C GLY F 162 -11.50 27.16 2.44
N ASP F 163 -12.52 26.80 1.66
CA ASP F 163 -12.34 25.98 0.47
C ASP F 163 -12.40 26.87 -0.75
N PRO F 164 -11.31 27.03 -1.50
CA PRO F 164 -11.33 27.91 -2.68
C PRO F 164 -12.28 27.45 -3.77
N THR F 165 -12.64 26.16 -3.82
CA THR F 165 -13.53 25.69 -4.87
C THR F 165 -14.99 25.96 -4.56
N ARG F 166 -15.33 26.31 -3.32
CA ARG F 166 -16.71 26.60 -2.93
C ARG F 166 -17.00 28.08 -3.10
N VAL F 167 -18.16 28.41 -3.67
CA VAL F 167 -18.53 29.81 -3.91
C VAL F 167 -18.75 30.57 -2.60
N SER F 168 -19.29 29.88 -1.59
CA SER F 168 -19.55 30.55 -0.33
C SER F 168 -18.26 31.00 0.32
N ASP F 169 -17.21 30.17 0.29
CA ASP F 169 -15.95 30.57 0.90
C ASP F 169 -15.21 31.61 0.07
N LEU F 170 -15.45 31.66 -1.24
CA LEU F 170 -14.83 32.68 -2.07
C LEU F 170 -15.39 34.06 -1.76
N GLU F 171 -16.64 34.12 -1.28
CA GLU F 171 -17.18 35.43 -0.87
C GLU F 171 -16.59 35.93 0.44
N LYS F 172 -16.15 35.03 1.32
CA LYS F 172 -15.48 35.44 2.56
C LYS F 172 -14.17 36.16 2.28
N ALA F 173 -13.42 35.70 1.29
CA ALA F 173 -12.17 36.34 0.91
C ALA F 173 -12.37 37.67 0.21
N ASN F 174 -13.60 38.02 -0.12
CA ASN F 174 -13.93 39.28 -0.80
C ASN F 174 -13.24 39.39 -2.15
N VAL F 175 -13.55 38.42 -3.01
CA VAL F 175 -13.03 38.43 -4.38
C VAL F 175 -13.73 39.48 -5.23
N ARG F 176 -14.88 39.98 -4.79
CA ARG F 176 -15.59 41.02 -5.50
C ARG F 176 -14.97 42.38 -5.18
N GLY F 177 -14.50 43.07 -6.20
CA GLY F 177 -13.86 44.36 -6.00
C GLY F 177 -12.43 44.24 -5.49
N ALA F 178 -11.57 43.60 -6.28
CA ALA F 178 -10.17 43.43 -5.93
C ALA F 178 -9.31 43.70 -7.16
N ARG F 179 -8.04 43.97 -6.92
CA ARG F 179 -7.12 44.24 -8.03
C ARG F 179 -6.99 43.04 -8.94
N ALA F 180 -6.68 41.88 -8.37
CA ALA F 180 -6.54 40.65 -9.14
C ALA F 180 -6.64 39.47 -8.20
N VAL F 181 -6.92 38.30 -8.79
CA VAL F 181 -6.97 37.04 -8.06
C VAL F 181 -5.98 36.09 -8.70
N ILE F 182 -5.12 35.50 -7.88
CA ILE F 182 -4.10 34.56 -8.33
C ILE F 182 -4.51 33.17 -7.87
N VAL F 183 -4.62 32.24 -8.83
CA VAL F 183 -5.07 30.88 -8.55
C VAL F 183 -3.91 29.94 -8.81
N ASP F 184 -3.50 29.20 -7.77
CA ASP F 184 -2.45 28.19 -7.91
C ASP F 184 -2.77 27.08 -6.90
N LEU F 185 -3.44 26.04 -7.36
CA LEU F 185 -3.90 24.96 -6.51
C LEU F 185 -3.13 23.68 -6.80
N GLU F 186 -3.52 22.60 -6.14
CA GLU F 186 -2.80 21.33 -6.24
C GLU F 186 -3.04 20.60 -7.54
N SER F 187 -4.09 20.93 -8.29
CA SER F 187 -4.38 20.23 -9.52
C SER F 187 -5.12 21.17 -10.46
N ASP F 188 -5.14 20.82 -11.74
CA ASP F 188 -5.79 21.66 -12.74
C ASP F 188 -7.30 21.64 -12.59
N SER F 189 -7.87 20.53 -12.13
CA SER F 189 -9.31 20.47 -11.95
C SER F 189 -9.78 21.48 -10.91
N GLU F 190 -9.06 21.56 -9.79
CA GLU F 190 -9.40 22.54 -8.77
C GLU F 190 -9.23 23.96 -9.29
N THR F 191 -8.20 24.20 -10.09
CA THR F 191 -7.99 25.53 -10.66
C THR F 191 -9.15 25.92 -11.58
N ILE F 192 -9.59 24.99 -12.42
CA ILE F 192 -10.71 25.28 -13.32
C ILE F 192 -11.98 25.55 -12.53
N HIS F 193 -12.23 24.74 -11.50
CA HIS F 193 -13.42 24.93 -10.68
C HIS F 193 -13.38 26.29 -9.96
N CYS F 194 -12.21 26.66 -9.44
CA CYS F 194 -12.07 27.94 -8.76
C CYS F 194 -12.28 29.10 -9.73
N ILE F 195 -11.75 29.01 -10.95
CA ILE F 195 -11.95 30.06 -11.93
C ILE F 195 -13.42 30.19 -12.29
N LEU F 196 -14.10 29.05 -12.48
CA LEU F 196 -15.53 29.08 -12.76
C LEU F 196 -16.31 29.72 -11.62
N GLY F 197 -15.98 29.39 -10.38
CA GLY F 197 -16.64 30.02 -9.24
C GLY F 197 -16.39 31.51 -9.15
N ILE F 198 -15.16 31.94 -9.40
CA ILE F 198 -14.85 33.37 -9.37
C ILE F 198 -15.62 34.11 -10.45
N ARG F 199 -15.67 33.54 -11.66
CA ARG F 199 -16.45 34.16 -12.73
C ARG F 199 -17.94 34.19 -12.40
N LYS F 200 -18.43 33.18 -11.67
CA LYS F 200 -19.80 33.24 -11.18
C LYS F 200 -20.00 34.40 -10.20
N ILE F 201 -19.03 34.64 -9.32
CA ILE F 201 -19.16 35.73 -8.37
C ILE F 201 -18.97 37.07 -9.05
N ASP F 202 -17.79 37.32 -9.62
CA ASP F 202 -17.46 38.57 -10.28
C ASP F 202 -17.07 38.30 -11.71
N GLU F 203 -17.58 39.13 -12.63
CA GLU F 203 -17.36 38.91 -14.05
C GLU F 203 -16.23 39.76 -14.63
N SER F 204 -15.88 40.86 -13.98
CA SER F 204 -14.90 41.79 -14.51
C SER F 204 -13.57 41.76 -13.78
N VAL F 205 -13.42 40.93 -12.75
CA VAL F 205 -12.17 40.88 -12.00
C VAL F 205 -11.10 40.19 -12.84
N ARG F 206 -9.84 40.57 -12.62
CA ARG F 206 -8.72 40.01 -13.35
C ARG F 206 -8.23 38.74 -12.66
N ILE F 207 -8.08 37.67 -13.43
CA ILE F 207 -7.69 36.37 -12.91
C ILE F 207 -6.37 35.96 -13.54
N ILE F 208 -5.42 35.55 -12.71
CA ILE F 208 -4.13 35.04 -13.16
C ILE F 208 -3.99 33.62 -12.64
N ALA F 209 -3.91 32.66 -13.55
CA ALA F 209 -3.88 31.25 -13.20
C ALA F 209 -2.59 30.61 -13.69
N GLU F 210 -2.24 29.49 -13.06
CA GLU F 210 -1.06 28.71 -13.41
C GLU F 210 -1.51 27.33 -13.87
N ALA F 211 -1.01 26.89 -15.02
CA ALA F 211 -1.34 25.60 -15.61
C ALA F 211 -0.19 24.62 -15.42
N GLU F 212 -0.54 23.37 -15.15
CA GLU F 212 0.45 22.30 -15.01
C GLU F 212 0.62 21.49 -16.28
N ARG F 213 -0.47 20.99 -16.84
CA ARG F 213 -0.45 20.22 -18.08
C ARG F 213 -0.65 21.15 -19.27
N TYR F 214 -0.04 20.78 -20.39
CA TYR F 214 -0.14 21.60 -21.61
C TYR F 214 -1.55 21.59 -22.17
N GLU F 215 -2.27 20.49 -22.02
CA GLU F 215 -3.60 20.38 -22.60
C GLU F 215 -4.63 21.24 -21.88
N ASN F 216 -4.31 21.79 -20.70
CA ASN F 216 -5.27 22.54 -19.91
C ASN F 216 -5.12 24.05 -20.07
N ILE F 217 -4.26 24.51 -20.97
CA ILE F 217 -4.12 25.95 -21.17
C ILE F 217 -5.37 26.52 -21.81
N GLU F 218 -5.87 25.87 -22.87
CA GLU F 218 -7.09 26.35 -23.50
C GLU F 218 -8.30 26.19 -22.58
N GLN F 219 -8.31 25.16 -21.74
CA GLN F 219 -9.38 25.01 -20.77
C GLN F 219 -9.39 26.16 -19.79
N LEU F 220 -8.21 26.56 -19.30
CA LEU F 220 -8.14 27.70 -18.40
C LEU F 220 -8.55 28.99 -19.10
N ARG F 221 -8.15 29.16 -20.36
CA ARG F 221 -8.54 30.36 -21.10
C ARG F 221 -10.05 30.43 -21.32
N MET F 222 -10.68 29.29 -21.62
CA MET F 222 -12.13 29.28 -21.79
C MET F 222 -12.84 29.46 -20.46
N ALA F 223 -12.25 29.00 -19.36
CA ALA F 223 -12.88 29.13 -18.06
C ALA F 223 -13.03 30.60 -17.66
N GLY F 224 -12.13 31.46 -18.11
CA GLY F 224 -12.23 32.88 -17.83
C GLY F 224 -10.96 33.51 -17.33
N ALA F 225 -9.85 32.77 -17.37
CA ALA F 225 -8.57 33.30 -16.94
C ALA F 225 -8.05 34.33 -17.94
N ASP F 226 -7.57 35.46 -17.43
CA ASP F 226 -7.04 36.50 -18.30
C ASP F 226 -5.59 36.26 -18.68
N GLN F 227 -4.81 35.64 -17.80
CA GLN F 227 -3.43 35.32 -18.10
C GLN F 227 -3.14 33.92 -17.58
N VAL F 228 -2.49 33.10 -18.41
CA VAL F 228 -2.16 31.72 -18.07
C VAL F 228 -0.65 31.56 -18.11
N ILE F 229 -0.09 30.97 -17.06
CA ILE F 229 1.34 30.72 -16.95
C ILE F 229 1.55 29.22 -16.78
N SER F 230 2.44 28.65 -17.60
CA SER F 230 2.73 27.22 -17.57
C SER F 230 4.22 27.00 -17.39
N PRO F 231 4.71 26.99 -16.16
CA PRO F 231 6.15 26.81 -15.95
C PRO F 231 6.64 25.39 -16.22
N PHE F 232 5.79 24.40 -15.99
CA PHE F 232 6.19 23.01 -16.21
C PHE F 232 6.47 22.75 -17.69
N VAL F 233 5.64 23.30 -18.59
CA VAL F 233 5.85 23.11 -20.01
C VAL F 233 7.17 23.75 -20.44
N ILE F 234 7.45 24.95 -19.96
CA ILE F 234 8.68 25.64 -20.31
C ILE F 234 9.88 24.86 -19.81
N SER F 235 9.81 24.36 -18.56
CA SER F 235 10.92 23.59 -18.02
C SER F 235 11.15 22.29 -18.81
N GLY F 236 10.08 21.58 -19.17
CA GLY F 236 10.27 20.36 -19.94
C GLY F 236 10.86 20.58 -21.33
N ARG F 237 10.42 21.65 -22.01
CA ARG F 237 10.98 21.95 -23.32
C ARG F 237 12.43 22.39 -23.22
N LEU F 238 12.79 23.11 -22.16
CA LEU F 238 14.19 23.50 -22.01
C LEU F 238 15.05 22.30 -21.62
N MET F 239 14.48 21.33 -20.89
CA MET F 239 15.28 20.18 -20.48
C MET F 239 15.69 19.36 -21.71
N SER F 240 14.76 19.16 -22.63
CA SER F 240 15.03 18.31 -23.80
C SER F 240 15.91 19.02 -24.81
N ARG F 241 15.92 20.35 -24.85
CA ARG F 241 16.76 21.07 -25.81
C ARG F 241 18.13 21.44 -25.28
N SER F 242 18.41 21.23 -24.00
CA SER F 242 19.70 21.55 -23.40
C SER F 242 20.66 20.37 -23.36
N ILE F 243 20.28 19.21 -23.89
CA ILE F 243 21.16 18.05 -23.86
C ILE F 243 22.39 18.30 -24.72
N ASP F 244 22.21 18.85 -25.92
CA ASP F 244 23.31 19.02 -26.86
C ASP F 244 23.95 20.41 -26.75
N ASP F 245 23.16 21.47 -26.93
CA ASP F 245 23.71 22.82 -26.91
C ASP F 245 23.37 23.57 -25.62
N GLY F 246 22.08 23.81 -25.38
CA GLY F 246 21.67 24.51 -24.18
C GLY F 246 22.08 25.97 -24.06
N TYR F 247 21.95 26.75 -25.13
CA TYR F 247 22.18 28.19 -25.07
C TYR F 247 20.91 29.00 -24.81
N GLU F 248 19.77 28.47 -25.24
CA GLU F 248 18.50 29.11 -24.91
C GLU F 248 18.26 29.07 -23.41
N ALA F 249 18.63 27.97 -22.76
CA ALA F 249 18.44 27.86 -21.31
C ALA F 249 19.25 28.91 -20.58
N MET F 250 20.48 29.16 -21.04
CA MET F 250 21.31 30.20 -20.45
C MET F 250 20.64 31.55 -20.56
N PHE F 251 20.13 31.87 -21.74
CA PHE F 251 19.44 33.15 -21.90
C PHE F 251 18.23 33.28 -20.99
N VAL F 252 17.41 32.22 -20.92
CA VAL F 252 16.21 32.25 -20.09
C VAL F 252 16.57 32.43 -18.62
N GLN F 253 17.52 31.63 -18.13
CA GLN F 253 17.91 31.71 -16.74
C GLN F 253 18.57 33.03 -16.38
N ASP F 254 19.21 33.69 -17.34
CA ASP F 254 19.89 34.95 -17.04
C ASP F 254 19.01 36.18 -17.22
N VAL F 255 17.91 36.08 -17.96
CA VAL F 255 17.06 37.26 -18.19
C VAL F 255 15.68 37.16 -17.55
N LEU F 256 15.28 35.99 -17.07
CA LEU F 256 13.97 35.87 -16.43
C LEU F 256 14.03 35.43 -14.99
N ALA F 257 14.99 34.57 -14.61
CA ALA F 257 15.05 34.04 -13.26
C ALA F 257 15.98 34.87 -12.38
N GLU F 258 17.24 35.00 -12.77
CA GLU F 258 18.25 35.65 -11.94
C GLU F 258 18.41 37.13 -12.23
N GLU F 259 18.22 37.55 -13.48
CA GLU F 259 18.40 38.95 -13.88
C GLU F 259 19.77 39.47 -13.51
N SER F 260 20.79 38.65 -13.78
CA SER F 260 22.16 39.00 -13.39
C SER F 260 22.66 40.21 -14.16
N THR F 261 22.47 40.23 -15.47
CA THR F 261 22.95 41.33 -16.32
C THR F 261 21.83 42.12 -16.96
N ARG F 262 20.93 41.47 -17.69
CA ARG F 262 19.83 42.12 -18.38
C ARG F 262 18.51 41.64 -17.82
N ARG F 263 17.46 42.42 -18.08
CA ARG F 263 16.11 42.05 -17.71
C ARG F 263 15.14 42.69 -18.68
N MET F 264 13.98 42.06 -18.84
CA MET F 264 12.95 42.57 -19.72
C MET F 264 12.20 43.70 -19.03
N VAL F 265 12.05 44.83 -19.72
CA VAL F 265 11.43 46.03 -19.16
C VAL F 265 10.32 46.48 -20.10
N GLU F 266 9.17 46.85 -19.54
CA GLU F 266 8.05 47.40 -20.28
C GLU F 266 7.78 48.81 -19.77
N VAL F 267 8.10 49.80 -20.59
CA VAL F 267 8.00 51.21 -20.21
C VAL F 267 6.88 51.84 -21.03
N PRO F 268 5.85 52.39 -20.40
CA PRO F 268 4.78 53.07 -21.15
C PRO F 268 5.27 54.37 -21.77
N ILE F 269 4.65 54.73 -22.89
CA ILE F 269 4.94 55.96 -23.59
C ILE F 269 4.07 57.06 -23.01
N PRO F 270 4.65 58.11 -22.41
CA PRO F 270 3.82 59.19 -21.86
C PRO F 270 3.22 60.07 -22.94
N GLU F 271 2.52 61.13 -22.54
CA GLU F 271 1.80 61.98 -23.48
C GLU F 271 2.74 63.03 -24.04
N GLY F 272 2.88 63.07 -25.36
CA GLY F 272 3.66 64.09 -26.05
C GLY F 272 5.12 64.13 -25.65
N SER F 273 5.82 63.01 -25.81
CA SER F 273 7.23 62.92 -25.42
C SER F 273 8.05 62.39 -26.59
N LYS F 274 8.42 63.29 -27.50
CA LYS F 274 9.45 63.05 -28.50
C LYS F 274 9.16 61.89 -29.44
N LEU F 275 8.01 61.25 -29.31
CA LEU F 275 7.76 60.02 -30.08
C LEU F 275 6.36 59.93 -30.66
N GLU F 276 5.54 60.97 -30.57
CA GLU F 276 4.18 60.92 -31.13
C GLU F 276 4.25 61.23 -32.61
N GLY F 277 4.02 60.21 -33.44
CA GLY F 277 4.00 60.37 -34.88
C GLY F 277 5.26 59.96 -35.60
N VAL F 278 6.25 59.42 -34.91
CA VAL F 278 7.51 58.99 -35.51
C VAL F 278 7.44 57.50 -35.77
N SER F 279 8.02 57.05 -36.88
CA SER F 279 8.01 55.66 -37.24
C SER F 279 9.10 54.89 -36.49
N VAL F 280 9.09 53.57 -36.65
CA VAL F 280 10.10 52.73 -36.01
C VAL F 280 11.46 52.91 -36.66
N LEU F 281 11.49 53.02 -38.00
CA LEU F 281 12.76 53.04 -38.71
C LEU F 281 13.60 54.25 -38.35
N ASP F 282 12.98 55.42 -38.23
CA ASP F 282 13.70 56.64 -37.88
C ASP F 282 13.76 56.88 -36.39
N ALA F 283 13.10 56.06 -35.58
CA ALA F 283 13.23 56.19 -34.13
C ALA F 283 14.65 55.86 -33.66
N ASP F 284 15.24 54.81 -34.23
CA ASP F 284 16.63 54.41 -33.94
C ASP F 284 16.85 54.20 -32.44
N ILE F 285 15.91 53.49 -31.81
CA ILE F 285 15.97 53.28 -30.38
C ILE F 285 17.18 52.42 -30.00
N HIS F 286 17.44 51.36 -30.77
CA HIS F 286 18.51 50.44 -30.43
C HIS F 286 19.89 51.08 -30.51
N ASP F 287 20.11 51.94 -31.50
CA ASP F 287 21.43 52.53 -31.70
C ASP F 287 21.72 53.72 -30.80
N VAL F 288 20.72 54.25 -30.10
CA VAL F 288 20.93 55.38 -29.20
C VAL F 288 20.75 54.99 -27.74
N THR F 289 20.13 53.85 -27.44
CA THR F 289 19.93 53.43 -26.06
C THR F 289 20.48 52.05 -25.76
N GLY F 290 20.65 51.19 -26.76
CA GLY F 290 21.15 49.86 -26.55
C GLY F 290 20.11 48.84 -26.16
N VAL F 291 18.85 49.23 -26.05
CA VAL F 291 17.78 48.31 -25.67
C VAL F 291 17.23 47.65 -26.92
N ILE F 292 17.18 46.32 -26.93
CA ILE F 292 16.63 45.58 -28.06
C ILE F 292 15.11 45.59 -27.95
N ILE F 293 14.44 46.12 -28.97
CA ILE F 293 12.99 46.27 -28.95
C ILE F 293 12.37 44.94 -29.39
N ILE F 294 11.87 44.18 -28.42
CA ILE F 294 11.23 42.90 -28.75
C ILE F 294 9.90 43.13 -29.45
N GLY F 295 9.10 44.06 -28.95
CA GLY F 295 7.80 44.34 -29.55
C GLY F 295 7.12 45.47 -28.83
N VAL F 296 5.99 45.90 -29.40
CA VAL F 296 5.18 46.97 -28.85
C VAL F 296 3.74 46.49 -28.74
N GLY F 297 3.10 46.75 -27.60
CA GLY F 297 1.75 46.29 -27.40
C GLY F 297 0.75 47.39 -27.13
N ARG F 298 -0.41 47.32 -27.79
CA ARG F 298 -1.48 48.29 -27.60
C ARG F 298 -2.81 47.55 -27.54
N GLY F 299 -3.60 47.83 -26.51
CA GLY F 299 -4.92 47.25 -26.38
C GLY F 299 -4.91 45.75 -26.24
N ASP F 300 -4.37 45.26 -25.12
CA ASP F 300 -4.24 43.84 -24.79
C ASP F 300 -3.84 43.00 -26.01
N GLU F 301 -2.91 43.50 -26.81
CA GLU F 301 -2.43 42.79 -27.98
C GLU F 301 -0.96 43.14 -28.18
N LEU F 302 -0.11 42.13 -28.29
CA LEU F 302 1.33 42.32 -28.43
C LEU F 302 1.73 42.12 -29.87
N ILE F 303 2.48 43.06 -30.42
CA ILE F 303 2.96 42.99 -31.79
C ILE F 303 4.46 42.73 -31.70
N ILE F 304 4.85 41.46 -31.82
CA ILE F 304 6.25 41.07 -31.74
C ILE F 304 6.95 41.43 -33.04
N ASP F 305 8.10 42.10 -32.91
CA ASP F 305 8.89 42.58 -34.04
C ASP F 305 8.04 43.44 -34.96
N PRO F 306 7.68 44.65 -34.55
CA PRO F 306 6.81 45.48 -35.38
C PRO F 306 7.51 45.89 -36.66
N PRO F 307 6.76 46.03 -37.76
CA PRO F 307 7.36 46.49 -39.02
C PRO F 307 7.69 47.96 -38.96
N ARG F 308 8.52 48.39 -39.93
CA ARG F 308 8.91 49.79 -40.01
C ARG F 308 7.74 50.71 -40.33
N ASP F 309 6.67 50.18 -40.90
CA ASP F 309 5.46 50.97 -41.18
C ASP F 309 4.55 50.93 -39.95
N TYR F 310 5.03 51.56 -38.88
CA TYR F 310 4.32 51.59 -37.62
C TYR F 310 4.56 52.95 -36.96
N SER F 311 3.52 53.46 -36.31
CA SER F 311 3.57 54.77 -35.66
C SER F 311 3.34 54.61 -34.17
N PHE F 312 4.18 55.27 -33.37
CA PHE F 312 4.05 55.26 -31.93
C PHE F 312 3.00 56.26 -31.47
N ARG F 313 2.16 55.84 -30.53
CA ARG F 313 1.11 56.68 -29.98
C ARG F 313 1.30 56.81 -28.47
N ALA F 314 0.50 57.70 -27.88
CA ALA F 314 0.52 57.89 -26.44
C ALA F 314 -0.19 56.72 -25.76
N GLY F 315 0.44 56.16 -24.74
CA GLY F 315 -0.10 55.03 -24.01
C GLY F 315 0.45 53.69 -24.43
N ASP F 316 1.13 53.60 -25.56
CA ASP F 316 1.71 52.34 -26.01
C ASP F 316 2.84 51.92 -25.07
N ILE F 317 3.05 50.61 -24.98
CA ILE F 317 4.04 50.03 -24.08
C ILE F 317 5.09 49.32 -24.93
N ILE F 318 6.36 49.63 -24.68
CA ILE F 318 7.47 49.06 -25.42
C ILE F 318 8.10 47.96 -24.57
N LEU F 319 8.19 46.76 -25.12
CA LEU F 319 8.81 45.63 -24.45
C LEU F 319 10.22 45.45 -24.99
N GLY F 320 11.21 45.51 -24.11
CA GLY F 320 12.60 45.44 -24.52
C GLY F 320 13.48 44.80 -23.48
N ILE F 321 14.70 44.45 -23.90
CA ILE F 321 15.70 43.83 -23.05
C ILE F 321 16.94 44.72 -23.06
N GLY F 322 17.43 45.04 -21.86
CA GLY F 322 18.61 45.90 -21.76
C GLY F 322 19.14 45.93 -20.35
N LYS F 323 20.37 46.44 -20.24
CA LYS F 323 21.02 46.60 -18.95
C LYS F 323 20.34 47.72 -18.16
N PRO F 324 20.45 47.70 -16.83
CA PRO F 324 19.87 48.79 -16.03
C PRO F 324 20.43 50.16 -16.37
N GLU F 325 21.67 50.23 -16.84
CA GLU F 325 22.23 51.50 -17.28
C GLU F 325 21.61 51.98 -18.59
N GLU F 326 21.01 51.09 -19.35
CA GLU F 326 20.36 51.45 -20.62
C GLU F 326 18.87 51.69 -20.46
N ILE F 327 18.23 51.07 -19.47
CA ILE F 327 16.81 51.30 -19.25
C ILE F 327 16.56 52.74 -18.84
N GLU F 328 17.42 53.28 -17.98
CA GLU F 328 17.28 54.68 -17.58
C GLU F 328 17.49 55.62 -18.76
N ARG F 329 18.45 55.30 -19.63
CA ARG F 329 18.65 56.11 -20.83
C ARG F 329 17.42 56.05 -21.74
N LEU F 330 16.81 54.87 -21.88
CA LEU F 330 15.60 54.75 -22.68
C LEU F 330 14.46 55.56 -22.06
N LYS F 331 14.30 55.50 -20.74
CA LYS F 331 13.25 56.26 -20.08
C LYS F 331 13.44 57.76 -20.25
N ASN F 332 14.69 58.23 -20.14
CA ASN F 332 14.97 59.64 -20.39
C ASN F 332 14.69 60.01 -21.84
N TYR F 333 15.03 59.12 -22.78
CA TYR F 333 14.79 59.40 -24.19
C TYR F 333 13.32 59.45 -24.54
N ILE F 334 12.47 58.71 -23.82
CA ILE F 334 11.04 58.70 -24.09
C ILE F 334 10.29 59.69 -23.19
N SER F 335 11.00 60.62 -22.57
CA SER F 335 10.39 61.63 -21.73
C SER F 335 10.26 62.95 -22.47
N ALA F 336 9.28 63.74 -22.07
CA ALA F 336 9.01 65.03 -22.71
C ALA F 336 10.05 66.06 -22.31
N SER G 115 -38.95 20.33 23.26
CA SER G 115 -39.28 19.37 22.23
C SER G 115 -39.37 20.04 20.86
N ARG G 116 -38.40 20.92 20.58
CA ARG G 116 -38.36 21.63 19.32
C ARG G 116 -36.95 21.68 18.74
N HIS G 117 -36.10 20.73 19.10
CA HIS G 117 -34.75 20.66 18.60
C HIS G 117 -34.57 19.36 17.80
N VAL G 118 -33.73 19.44 16.77
CA VAL G 118 -33.47 18.32 15.87
C VAL G 118 -32.02 17.90 16.02
N VAL G 119 -31.82 16.59 16.21
CA VAL G 119 -30.48 16.02 16.35
C VAL G 119 -30.09 15.35 15.06
N ILE G 120 -28.89 15.63 14.57
CA ILE G 120 -28.37 15.06 13.34
C ILE G 120 -27.11 14.29 13.66
N CYS G 121 -27.08 13.02 13.27
CA CYS G 121 -25.92 12.16 13.48
C CYS G 121 -25.14 12.06 12.17
N GLY G 122 -23.87 12.42 12.21
CA GLY G 122 -23.06 12.44 11.02
C GLY G 122 -23.12 13.76 10.29
N TRP G 123 -22.38 13.85 9.20
CA TRP G 123 -22.33 15.08 8.42
C TRP G 123 -21.92 14.75 6.99
N SER G 124 -22.68 15.27 6.03
CA SER G 124 -22.39 15.09 4.61
C SER G 124 -23.04 16.24 3.86
N GLU G 125 -23.08 16.13 2.53
CA GLU G 125 -23.74 17.15 1.73
C GLU G 125 -25.25 17.14 1.91
N SER G 126 -25.83 15.97 2.18
CA SER G 126 -27.26 15.90 2.41
C SER G 126 -27.67 16.69 3.65
N THR G 127 -26.88 16.59 4.73
CA THR G 127 -27.17 17.37 5.93
C THR G 127 -27.00 18.86 5.68
N LEU G 128 -26.01 19.24 4.88
CA LEU G 128 -25.83 20.64 4.54
C LEU G 128 -27.03 21.18 3.77
N GLU G 129 -27.55 20.38 2.82
CA GLU G 129 -28.74 20.79 2.09
C GLU G 129 -29.96 20.84 3.00
N CYS G 130 -30.06 19.91 3.95
CA CYS G 130 -31.19 19.90 4.88
C CYS G 130 -31.17 21.13 5.78
N LEU G 131 -29.99 21.56 6.22
CA LEU G 131 -29.89 22.72 7.10
C LEU G 131 -30.28 24.03 6.41
N ARG G 132 -30.39 24.04 5.08
CA ARG G 132 -30.74 25.28 4.38
C ARG G 132 -32.14 25.75 4.72
N GLU G 133 -33.09 24.83 4.86
CA GLU G 133 -34.47 25.17 5.16
C GLU G 133 -34.86 24.79 6.60
N LEU G 134 -33.92 24.92 7.53
CA LEU G 134 -34.17 24.70 8.94
C LEU G 134 -33.54 25.83 9.74
N ARG G 135 -34.12 26.09 10.92
CA ARG G 135 -33.61 27.14 11.77
C ARG G 135 -32.22 26.78 12.28
N GLY G 136 -31.28 27.71 12.15
CA GLY G 136 -29.91 27.46 12.51
C GLY G 136 -29.57 27.70 13.97
N SER G 137 -30.51 27.39 14.86
CA SER G 137 -30.27 27.53 16.29
C SER G 137 -30.76 26.35 17.11
N GLU G 138 -31.57 25.45 16.55
CA GLU G 138 -32.12 24.32 17.28
C GLU G 138 -31.59 22.98 16.78
N VAL G 139 -30.51 22.98 16.00
CA VAL G 139 -29.97 21.77 15.42
C VAL G 139 -28.66 21.43 16.11
N PHE G 140 -28.54 20.20 16.60
CA PHE G 140 -27.34 19.69 17.23
C PHE G 140 -26.75 18.61 16.34
N VAL G 141 -25.50 18.77 15.92
CA VAL G 141 -24.82 17.82 15.06
C VAL G 141 -23.88 16.98 15.90
N LEU G 142 -24.12 15.68 15.95
CA LEU G 142 -23.30 14.74 16.72
C LEU G 142 -22.33 14.07 15.77
N ALA G 143 -21.06 14.42 15.85
CA ALA G 143 -20.02 13.86 15.00
C ALA G 143 -18.79 13.57 15.84
N GLU G 144 -17.96 12.67 15.34
CA GLU G 144 -16.75 12.27 16.05
C GLU G 144 -15.49 12.95 15.53
N ASP G 145 -15.45 13.33 14.26
CA ASP G 145 -14.29 14.01 13.71
C ASP G 145 -14.28 15.47 14.13
N GLU G 146 -13.10 15.97 14.47
CA GLU G 146 -12.95 17.37 14.86
C GLU G 146 -12.95 18.32 13.68
N ASN G 147 -12.61 17.84 12.48
CA ASN G 147 -12.62 18.68 11.29
C ASN G 147 -14.04 19.08 10.88
N VAL G 148 -15.05 18.44 11.44
CA VAL G 148 -16.43 18.81 11.12
C VAL G 148 -16.91 20.00 11.92
N ARG G 149 -16.21 20.36 12.99
CA ARG G 149 -16.66 21.46 13.84
C ARG G 149 -16.69 22.77 13.06
N LYS G 150 -15.66 23.04 12.27
CA LYS G 150 -15.64 24.28 11.50
C LYS G 150 -16.78 24.33 10.47
N LYS G 151 -17.04 23.22 9.77
CA LYS G 151 -18.11 23.19 8.79
C LYS G 151 -19.47 23.38 9.45
N VAL G 152 -19.68 22.76 10.60
CA VAL G 152 -20.93 22.93 11.33
C VAL G 152 -21.08 24.37 11.77
N LEU G 153 -20.01 24.99 12.27
CA LEU G 153 -20.12 26.38 12.72
C LEU G 153 -20.36 27.33 11.56
N ARG G 154 -19.80 27.04 10.39
CA ARG G 154 -20.04 27.88 9.22
C ARG G 154 -21.51 27.86 8.85
N SER G 155 -22.13 26.67 8.91
CA SER G 155 -23.54 26.58 8.53
C SER G 155 -24.50 27.06 9.62
N GLY G 156 -24.01 27.39 10.80
CA GLY G 156 -24.85 27.87 11.88
C GLY G 156 -25.59 26.76 12.60
N ALA G 157 -24.83 25.88 13.25
CA ALA G 157 -25.40 24.78 14.01
C ALA G 157 -24.49 24.48 15.19
N ASN G 158 -25.06 23.79 16.18
CA ASN G 158 -24.36 23.45 17.40
C ASN G 158 -23.67 22.10 17.22
N PHE G 159 -22.39 22.05 17.53
CA PHE G 159 -21.61 20.82 17.37
C PHE G 159 -21.42 20.13 18.72
N VAL G 160 -21.67 18.82 18.75
CA VAL G 160 -21.50 17.99 19.92
C VAL G 160 -20.48 16.91 19.57
N HIS G 161 -19.44 16.79 20.37
CA HIS G 161 -18.36 15.84 20.11
C HIS G 161 -18.66 14.52 20.81
N GLY G 162 -18.81 13.45 20.03
CA GLY G 162 -19.09 12.15 20.61
C GLY G 162 -19.21 11.10 19.53
N ASP G 163 -19.46 9.87 19.96
CA ASP G 163 -19.62 8.74 19.07
C ASP G 163 -21.10 8.45 18.91
N PRO G 164 -21.68 8.62 17.72
CA PRO G 164 -23.12 8.37 17.57
C PRO G 164 -23.51 6.92 17.78
N THR G 165 -22.59 5.96 17.65
CA THR G 165 -22.94 4.57 17.83
C THR G 165 -22.99 4.16 19.30
N ARG G 166 -22.45 4.98 20.21
CA ARG G 166 -22.44 4.68 21.63
C ARG G 166 -23.68 5.28 22.30
N VAL G 167 -24.33 4.50 23.16
CA VAL G 167 -25.55 4.95 23.83
C VAL G 167 -25.27 6.11 24.79
N SER G 168 -24.11 6.08 25.44
CA SER G 168 -23.78 7.13 26.40
C SER G 168 -23.66 8.47 25.70
N ASP G 169 -23.04 8.52 24.52
CA ASP G 169 -22.90 9.78 23.80
C ASP G 169 -24.21 10.24 23.18
N LEU G 170 -25.11 9.31 22.89
CA LEU G 170 -26.42 9.68 22.34
C LEU G 170 -27.26 10.37 23.38
N GLU G 171 -27.03 10.08 24.67
CA GLU G 171 -27.76 10.81 25.72
C GLU G 171 -27.26 12.24 25.90
N LYS G 172 -25.99 12.51 25.60
CA LYS G 172 -25.46 13.87 25.65
C LYS G 172 -26.16 14.78 24.65
N ALA G 173 -26.44 14.28 23.45
CA ALA G 173 -27.13 15.05 22.44
C ALA G 173 -28.61 15.26 22.75
N ASN G 174 -29.13 14.62 23.79
CA ASN G 174 -30.52 14.74 24.21
C ASN G 174 -31.48 14.29 23.09
N VAL G 175 -31.33 13.02 22.70
CA VAL G 175 -32.22 12.44 21.71
C VAL G 175 -33.58 12.14 22.31
N ARG G 176 -33.70 12.11 23.63
CA ARG G 176 -34.98 11.89 24.28
C ARG G 176 -35.76 13.19 24.32
N GLY G 177 -36.95 13.18 23.72
CA GLY G 177 -37.77 14.38 23.67
C GLY G 177 -37.31 15.37 22.62
N ALA G 178 -37.33 14.95 21.36
CA ALA G 178 -36.93 15.79 20.25
C ALA G 178 -37.91 15.60 19.11
N ARG G 179 -37.93 16.57 18.18
CA ARG G 179 -38.83 16.49 17.05
C ARG G 179 -38.52 15.28 16.18
N ALA G 180 -37.27 15.14 15.78
CA ALA G 180 -36.85 14.02 14.94
C ALA G 180 -35.34 13.88 15.03
N VAL G 181 -34.85 12.71 14.66
CA VAL G 181 -33.42 12.42 14.59
C VAL G 181 -33.10 11.98 13.18
N ILE G 182 -32.08 12.61 12.58
CA ILE G 182 -31.65 12.31 11.22
C ILE G 182 -30.31 11.59 11.30
N VAL G 183 -30.24 10.40 10.72
CA VAL G 183 -29.06 9.56 10.78
C VAL G 183 -28.48 9.45 9.38
N ASP G 184 -27.23 9.89 9.21
CA ASP G 184 -26.53 9.78 7.94
C ASP G 184 -25.05 9.62 8.25
N LEU G 185 -24.58 8.39 8.31
CA LEU G 185 -23.21 8.07 8.70
C LEU G 185 -22.43 7.55 7.50
N GLU G 186 -21.19 7.15 7.76
CA GLU G 186 -20.28 6.74 6.70
C GLU G 186 -20.58 5.36 6.14
N SER G 187 -21.35 4.54 6.84
CA SER G 187 -21.65 3.19 6.37
C SER G 187 -22.99 2.76 6.93
N ASP G 188 -23.57 1.73 6.31
CA ASP G 188 -24.87 1.24 6.74
C ASP G 188 -24.80 0.55 8.09
N SER G 189 -23.68 -0.10 8.40
CA SER G 189 -23.55 -0.76 9.69
C SER G 189 -23.65 0.24 10.83
N GLU G 190 -22.95 1.37 10.70
CA GLU G 190 -23.02 2.41 11.72
C GLU G 190 -24.43 2.98 11.82
N THR G 191 -25.11 3.14 10.69
CA THR G 191 -26.48 3.64 10.70
C THR G 191 -27.41 2.69 11.44
N ILE G 192 -27.28 1.39 11.19
CA ILE G 192 -28.11 0.40 11.87
C ILE G 192 -27.83 0.41 13.37
N HIS G 193 -26.54 0.46 13.75
CA HIS G 193 -26.19 0.49 15.15
C HIS G 193 -26.74 1.74 15.84
N CYS G 194 -26.65 2.89 15.18
CA CYS G 194 -27.17 4.13 15.75
C CYS G 194 -28.68 4.07 15.90
N ILE G 195 -29.39 3.51 14.92
CA ILE G 195 -30.85 3.38 15.04
C ILE G 195 -31.20 2.47 16.19
N LEU G 196 -30.49 1.35 16.34
CA LEU G 196 -30.74 0.45 17.46
C LEU G 196 -30.49 1.14 18.80
N GLY G 197 -29.41 1.92 18.91
CA GLY G 197 -29.17 2.66 20.13
C GLY G 197 -30.23 3.70 20.44
N ILE G 198 -30.68 4.43 19.42
CA ILE G 198 -31.72 5.43 19.62
C ILE G 198 -33.02 4.76 20.08
N ARG G 199 -33.39 3.65 19.45
CA ARG G 199 -34.57 2.92 19.90
C ARG G 199 -34.41 2.37 21.30
N LYS G 200 -33.20 2.00 21.70
CA LYS G 200 -32.94 1.64 23.09
C LYS G 200 -33.18 2.81 24.02
N ILE G 201 -32.77 4.02 23.63
CA ILE G 201 -32.96 5.19 24.48
C ILE G 201 -34.42 5.63 24.48
N ASP G 202 -34.94 6.00 23.31
CA ASP G 202 -36.30 6.48 23.17
C ASP G 202 -37.04 5.61 22.17
N GLU G 203 -38.28 5.24 22.50
CA GLU G 203 -39.05 4.32 21.67
C GLU G 203 -40.02 5.02 20.74
N SER G 204 -40.43 6.25 21.05
CA SER G 204 -41.46 6.95 20.30
C SER G 204 -40.91 8.09 19.44
N VAL G 205 -39.61 8.34 19.47
CA VAL G 205 -39.05 9.42 18.68
C VAL G 205 -39.04 9.06 17.21
N ARG G 206 -39.16 10.06 16.34
CA ARG G 206 -39.18 9.86 14.90
C ARG G 206 -37.76 9.82 14.35
N ILE G 207 -37.45 8.79 13.58
CA ILE G 207 -36.12 8.58 13.03
C ILE G 207 -36.20 8.63 11.51
N ILE G 208 -35.32 9.41 10.89
CA ILE G 208 -35.19 9.49 9.45
C ILE G 208 -33.77 9.08 9.10
N ALA G 209 -33.65 7.99 8.34
CA ALA G 209 -32.35 7.43 8.00
C ALA G 209 -32.15 7.41 6.49
N GLU G 210 -30.89 7.35 6.08
CA GLU G 210 -30.50 7.29 4.69
C GLU G 210 -29.77 5.97 4.43
N ALA G 211 -30.19 5.25 3.41
CA ALA G 211 -29.61 3.96 3.04
C ALA G 211 -28.72 4.11 1.81
N GLU G 212 -27.61 3.40 1.81
CA GLU G 212 -26.68 3.38 0.69
C GLU G 212 -26.90 2.19 -0.24
N ARG G 213 -26.93 0.99 0.30
CA ARG G 213 -27.16 -0.23 -0.45
C ARG G 213 -28.64 -0.57 -0.46
N TYR G 214 -29.09 -1.17 -1.57
CA TYR G 214 -30.49 -1.52 -1.71
C TYR G 214 -30.90 -2.62 -0.73
N GLU G 215 -29.99 -3.52 -0.40
CA GLU G 215 -30.32 -4.65 0.46
C GLU G 215 -30.54 -4.23 1.91
N ASN G 216 -30.16 -3.00 2.30
CA ASN G 216 -30.24 -2.55 3.67
C ASN G 216 -31.47 -1.71 3.98
N ILE G 217 -32.38 -1.58 3.02
CA ILE G 217 -33.60 -0.81 3.27
C ILE G 217 -34.49 -1.54 4.28
N GLU G 218 -34.70 -2.84 4.07
CA GLU G 218 -35.51 -3.59 5.02
C GLU G 218 -34.82 -3.73 6.36
N GLN G 219 -33.49 -3.79 6.37
CA GLN G 219 -32.77 -3.81 7.64
C GLN G 219 -32.99 -2.52 8.42
N LEU G 220 -32.94 -1.38 7.74
CA LEU G 220 -33.21 -0.11 8.40
C LEU G 220 -34.65 -0.03 8.89
N ARG G 221 -35.59 -0.54 8.09
CA ARG G 221 -36.99 -0.51 8.51
C ARG G 221 -37.24 -1.40 9.74
N MET G 222 -36.59 -2.56 9.79
CA MET G 222 -36.73 -3.42 10.96
C MET G 222 -36.01 -2.85 12.17
N ALA G 223 -34.92 -2.10 11.95
CA ALA G 223 -34.19 -1.52 13.07
C ALA G 223 -35.04 -0.51 13.83
N GLY G 224 -35.96 0.16 13.15
CA GLY G 224 -36.84 1.10 13.80
C GLY G 224 -36.96 2.45 13.12
N ALA G 225 -36.40 2.56 11.92
CA ALA G 225 -36.48 3.80 11.16
C ALA G 225 -37.90 4.02 10.66
N ASP G 226 -38.40 5.24 10.81
CA ASP G 226 -39.74 5.56 10.34
C ASP G 226 -39.78 5.92 8.87
N GLN G 227 -38.71 6.53 8.35
CA GLN G 227 -38.63 6.87 6.94
C GLN G 227 -37.22 6.55 6.45
N VAL G 228 -37.13 5.89 5.30
CA VAL G 228 -35.86 5.48 4.71
C VAL G 228 -35.72 6.14 3.35
N ILE G 229 -34.58 6.77 3.10
CA ILE G 229 -34.28 7.43 1.84
C ILE G 229 -33.04 6.78 1.25
N SER G 230 -33.12 6.40 -0.02
CA SER G 230 -32.02 5.74 -0.72
C SER G 230 -31.69 6.50 -1.99
N PRO G 231 -30.85 7.54 -1.92
CA PRO G 231 -30.54 8.31 -3.13
C PRO G 231 -29.65 7.58 -4.11
N PHE G 232 -28.77 6.71 -3.62
CA PHE G 232 -27.86 5.98 -4.49
C PHE G 232 -28.62 5.04 -5.41
N VAL G 233 -29.64 4.36 -4.88
CA VAL G 233 -30.43 3.44 -5.70
C VAL G 233 -31.16 4.21 -6.80
N ILE G 234 -31.74 5.36 -6.45
CA ILE G 234 -32.46 6.16 -7.43
C ILE G 234 -31.51 6.65 -8.51
N SER G 235 -30.32 7.13 -8.11
CA SER G 235 -29.35 7.60 -9.08
C SER G 235 -28.89 6.48 -10.01
N GLY G 236 -28.62 5.28 -9.48
CA GLY G 236 -28.20 4.19 -10.34
C GLY G 236 -29.26 3.74 -11.33
N ARG G 237 -30.53 3.69 -10.90
CA ARG G 237 -31.60 3.31 -11.82
C ARG G 237 -31.82 4.39 -12.88
N LEU G 238 -31.65 5.66 -12.51
CA LEU G 238 -31.82 6.69 -13.52
C LEU G 238 -30.64 6.71 -14.49
N MET G 239 -29.44 6.33 -14.02
CA MET G 239 -28.29 6.32 -14.91
C MET G 239 -28.46 5.29 -16.02
N SER G 240 -28.94 4.10 -15.66
CA SER G 240 -29.06 3.03 -16.64
C SER G 240 -30.24 3.23 -17.58
N ARG G 241 -31.26 3.97 -17.16
CA ARG G 241 -32.43 4.20 -18.04
C ARG G 241 -32.32 5.47 -18.89
N SER G 242 -31.31 6.31 -18.67
CA SER G 242 -31.11 7.53 -19.43
C SER G 242 -30.17 7.39 -20.62
N ILE G 243 -29.65 6.18 -20.87
CA ILE G 243 -28.74 6.00 -22.00
C ILE G 243 -29.46 6.22 -23.32
N ASP G 244 -30.67 5.68 -23.47
CA ASP G 244 -31.38 5.75 -24.73
C ASP G 244 -32.34 6.94 -24.79
N ASP G 245 -33.28 7.03 -23.85
CA ASP G 245 -34.28 8.10 -23.87
C ASP G 245 -34.00 9.17 -22.82
N GLY G 246 -34.06 8.81 -21.55
CA GLY G 246 -33.81 9.76 -20.48
C GLY G 246 -34.82 10.88 -20.32
N TYR G 247 -36.12 10.58 -20.38
CA TYR G 247 -37.15 11.57 -20.09
C TYR G 247 -37.62 11.53 -18.64
N GLU G 248 -37.54 10.36 -18.01
CA GLU G 248 -37.84 10.29 -16.58
C GLU G 248 -36.83 11.10 -15.79
N ALA G 249 -35.56 11.06 -16.19
CA ALA G 249 -34.53 11.83 -15.48
C ALA G 249 -34.82 13.32 -15.54
N MET G 250 -35.29 13.81 -16.70
CA MET G 250 -35.65 15.21 -16.83
C MET G 250 -36.76 15.57 -15.87
N PHE G 251 -37.80 14.73 -15.80
CA PHE G 251 -38.89 15.01 -14.87
C PHE G 251 -38.40 15.03 -13.42
N VAL G 252 -37.59 14.05 -13.03
CA VAL G 252 -37.10 13.98 -11.66
C VAL G 252 -36.26 15.21 -11.32
N GLN G 253 -35.32 15.56 -12.19
CA GLN G 253 -34.44 16.68 -11.94
C GLN G 253 -35.19 18.00 -11.93
N ASP G 254 -36.30 18.10 -12.66
CA ASP G 254 -37.02 19.36 -12.71
C ASP G 254 -38.10 19.50 -11.64
N VAL G 255 -38.54 18.41 -11.02
CA VAL G 255 -39.60 18.50 -10.01
C VAL G 255 -39.14 18.13 -8.61
N LEU G 256 -37.95 17.57 -8.43
CA LEU G 256 -37.49 17.22 -7.11
C LEU G 256 -36.19 17.93 -6.71
N ALA G 257 -35.29 18.16 -7.66
CA ALA G 257 -33.99 18.76 -7.33
C ALA G 257 -34.00 20.28 -7.50
N GLU G 258 -34.35 20.75 -8.69
CA GLU G 258 -34.25 22.17 -9.01
C GLU G 258 -35.56 22.92 -8.79
N GLU G 259 -36.70 22.26 -9.00
CA GLU G 259 -38.02 22.89 -8.87
C GLU G 259 -38.12 24.15 -9.74
N SER G 260 -37.66 24.03 -10.98
CA SER G 260 -37.63 25.18 -11.87
C SER G 260 -39.03 25.64 -12.23
N THR G 261 -39.92 24.72 -12.59
CA THR G 261 -41.28 25.06 -12.99
C THR G 261 -42.33 24.53 -12.03
N ARG G 262 -42.35 23.22 -11.78
CA ARG G 262 -43.32 22.60 -10.90
C ARG G 262 -42.63 21.99 -9.68
N ARG G 263 -43.41 21.73 -8.66
CA ARG G 263 -42.93 21.07 -7.45
C ARG G 263 -44.07 20.31 -6.81
N MET G 264 -43.72 19.25 -6.09
CA MET G 264 -44.73 18.44 -5.39
C MET G 264 -45.14 19.15 -4.11
N VAL G 265 -46.45 19.28 -3.90
CA VAL G 265 -47.00 19.99 -2.76
C VAL G 265 -47.99 19.08 -2.04
N GLU G 266 -47.92 19.07 -0.72
CA GLU G 266 -48.86 18.32 0.12
C GLU G 266 -49.59 19.33 1.01
N VAL G 267 -50.88 19.54 0.74
CA VAL G 267 -51.70 20.52 1.42
C VAL G 267 -52.74 19.79 2.25
N PRO G 268 -52.75 19.97 3.57
CA PRO G 268 -53.79 19.33 4.39
C PRO G 268 -55.16 19.93 4.15
N ILE G 269 -56.18 19.10 4.34
CA ILE G 269 -57.57 19.53 4.20
C ILE G 269 -58.04 20.08 5.54
N PRO G 270 -58.42 21.35 5.63
CA PRO G 270 -58.89 21.90 6.90
C PRO G 270 -60.28 21.40 7.26
N GLU G 271 -60.83 21.90 8.37
CA GLU G 271 -62.11 21.43 8.88
C GLU G 271 -63.25 22.16 8.18
N GLY G 272 -64.14 21.40 7.54
CA GLY G 272 -65.33 21.95 6.93
C GLY G 272 -65.07 22.98 5.85
N SER G 273 -64.31 22.60 4.82
CA SER G 273 -63.95 23.53 3.75
C SER G 273 -64.29 22.91 2.40
N LYS G 274 -65.56 23.03 2.01
CA LYS G 274 -66.02 22.79 0.64
C LYS G 274 -65.77 21.38 0.13
N LEU G 275 -65.22 20.49 0.97
CA LEU G 275 -64.82 19.18 0.49
C LEU G 275 -65.17 18.02 1.41
N GLU G 276 -65.90 18.26 2.49
CA GLU G 276 -66.27 17.18 3.39
C GLU G 276 -67.48 16.44 2.85
N GLY G 277 -67.26 15.22 2.38
CA GLY G 277 -68.33 14.38 1.87
C GLY G 277 -68.46 14.33 0.36
N VAL G 278 -67.58 14.98 -0.37
CA VAL G 278 -67.62 14.99 -1.83
C VAL G 278 -66.65 13.94 -2.36
N SER G 279 -67.04 13.28 -3.46
CA SER G 279 -66.21 12.23 -4.04
C SER G 279 -65.12 12.85 -4.92
N VAL G 280 -64.23 11.98 -5.40
CA VAL G 280 -63.14 12.43 -6.27
C VAL G 280 -63.68 12.83 -7.64
N LEU G 281 -64.64 12.05 -8.17
CA LEU G 281 -65.08 12.25 -9.54
C LEU G 281 -65.74 13.62 -9.72
N ASP G 282 -66.56 14.04 -8.77
CA ASP G 282 -67.23 15.33 -8.85
C ASP G 282 -66.43 16.46 -8.22
N ALA G 283 -65.30 16.16 -7.60
CA ALA G 283 -64.43 17.23 -7.08
C ALA G 283 -63.85 18.05 -8.21
N ASP G 284 -63.42 17.40 -9.29
CA ASP G 284 -62.88 18.08 -10.48
C ASP G 284 -61.74 19.02 -10.13
N ILE G 285 -60.81 18.53 -9.31
CA ILE G 285 -59.71 19.36 -8.84
C ILE G 285 -58.77 19.73 -10.00
N HIS G 286 -58.48 18.77 -10.88
CA HIS G 286 -57.54 19.01 -11.95
C HIS G 286 -58.04 20.03 -12.96
N ASP G 287 -59.33 20.01 -13.27
CA ASP G 287 -59.86 20.90 -14.30
C ASP G 287 -60.16 22.31 -13.79
N VAL G 288 -60.12 22.54 -12.49
CA VAL G 288 -60.38 23.86 -11.94
C VAL G 288 -59.14 24.48 -11.31
N THR G 289 -58.10 23.71 -11.03
CA THR G 289 -56.88 24.23 -10.44
C THR G 289 -55.63 23.92 -11.24
N GLY G 290 -55.64 22.88 -12.07
CA GLY G 290 -54.48 22.50 -12.84
C GLY G 290 -53.48 21.63 -12.12
N VAL G 291 -53.73 21.28 -10.87
CA VAL G 291 -52.82 20.44 -10.09
C VAL G 291 -53.17 18.98 -10.33
N ILE G 292 -52.17 18.20 -10.72
CA ILE G 292 -52.36 16.76 -10.95
C ILE G 292 -52.34 16.05 -9.60
N ILE G 293 -53.42 15.36 -9.27
CA ILE G 293 -53.57 14.71 -7.97
C ILE G 293 -52.88 13.35 -8.05
N ILE G 294 -51.68 13.26 -7.48
CA ILE G 294 -50.95 12.00 -7.47
C ILE G 294 -51.62 10.99 -6.53
N GLY G 295 -52.01 11.44 -5.35
CA GLY G 295 -52.65 10.55 -4.39
C GLY G 295 -53.04 11.30 -3.16
N VAL G 296 -53.77 10.61 -2.28
CA VAL G 296 -54.23 11.16 -1.02
C VAL G 296 -53.84 10.19 0.10
N GLY G 297 -53.31 10.74 1.18
CA GLY G 297 -52.86 9.91 2.28
C GLY G 297 -53.54 10.20 3.61
N ARG G 298 -53.95 9.14 4.30
CA ARG G 298 -54.59 9.26 5.61
C ARG G 298 -54.03 8.19 6.54
N GLY G 299 -53.58 8.60 7.72
CA GLY G 299 -53.10 7.67 8.72
C GLY G 299 -51.87 6.90 8.29
N ASP G 300 -50.75 7.62 8.11
CA ASP G 300 -49.47 7.07 7.68
C ASP G 300 -49.62 6.02 6.58
N GLU G 301 -50.50 6.29 5.62
CA GLU G 301 -50.72 5.38 4.49
C GLU G 301 -51.07 6.22 3.28
N LEU G 302 -50.36 6.00 2.18
CA LEU G 302 -50.56 6.76 0.96
C LEU G 302 -51.35 5.92 -0.03
N ILE G 303 -52.39 6.51 -0.60
CA ILE G 303 -53.23 5.85 -1.59
C ILE G 303 -52.93 6.52 -2.93
N ILE G 304 -52.04 5.92 -3.71
CA ILE G 304 -51.66 6.47 -5.00
C ILE G 304 -52.78 6.22 -6.01
N ASP G 305 -53.16 7.27 -6.74
CA ASP G 305 -54.24 7.25 -7.71
C ASP G 305 -55.52 6.71 -7.08
N PRO G 306 -56.17 7.48 -6.21
CA PRO G 306 -57.37 6.98 -5.53
C PRO G 306 -58.50 6.75 -6.52
N PRO G 307 -59.34 5.75 -6.28
CA PRO G 307 -60.49 5.52 -7.16
C PRO G 307 -61.57 6.57 -6.94
N ARG G 308 -62.49 6.64 -7.89
CA ARG G 308 -63.59 7.59 -7.82
C ARG G 308 -64.53 7.30 -6.65
N ASP G 309 -64.54 6.08 -6.12
CA ASP G 309 -65.34 5.73 -4.95
C ASP G 309 -64.53 6.02 -3.70
N TYR G 310 -64.29 7.31 -3.47
CA TYR G 310 -63.50 7.77 -2.34
C TYR G 310 -64.08 9.08 -1.84
N SER G 311 -64.08 9.26 -0.52
CA SER G 311 -64.62 10.45 0.11
C SER G 311 -63.53 11.19 0.87
N PHE G 312 -63.50 12.51 0.68
CA PHE G 312 -62.53 13.36 1.37
C PHE G 312 -63.02 13.67 2.78
N ARG G 313 -62.11 13.61 3.75
CA ARG G 313 -62.41 13.90 5.14
C ARG G 313 -61.51 15.02 5.63
N ALA G 314 -61.81 15.49 6.83
CA ALA G 314 -61.00 16.53 7.47
C ALA G 314 -59.70 15.93 7.97
N GLY G 315 -58.59 16.59 7.65
CA GLY G 315 -57.28 16.12 8.05
C GLY G 315 -56.52 15.37 6.98
N ASP G 316 -57.19 14.94 5.91
CA ASP G 316 -56.51 14.24 4.83
C ASP G 316 -55.55 15.18 4.11
N ILE G 317 -54.49 14.60 3.55
CA ILE G 317 -53.44 15.35 2.86
C ILE G 317 -53.44 14.94 1.40
N ILE G 318 -53.47 15.93 0.52
CA ILE G 318 -53.50 15.71 -0.92
C ILE G 318 -52.10 15.95 -1.47
N LEU G 319 -51.55 14.95 -2.17
CA LEU G 319 -50.24 15.05 -2.79
C LEU G 319 -50.43 15.34 -4.27
N GLY G 320 -49.86 16.45 -4.74
CA GLY G 320 -50.04 16.85 -6.12
C GLY G 320 -48.84 17.60 -6.66
N ILE G 321 -48.83 17.76 -7.98
CA ILE G 321 -47.78 18.47 -8.70
C ILE G 321 -48.42 19.61 -9.47
N GLY G 322 -47.87 20.81 -9.31
CA GLY G 322 -48.41 21.97 -10.00
C GLY G 322 -47.50 23.17 -9.87
N LYS G 323 -47.78 24.16 -10.71
CA LYS G 323 -47.03 25.41 -10.69
C LYS G 323 -47.37 26.20 -9.43
N PRO G 324 -46.48 27.10 -9.00
CA PRO G 324 -46.81 27.93 -7.84
C PRO G 324 -48.04 28.78 -8.01
N GLU G 325 -48.37 29.17 -9.24
CA GLU G 325 -49.60 29.91 -9.48
C GLU G 325 -50.84 29.03 -9.32
N GLU G 326 -50.69 27.71 -9.41
CA GLU G 326 -51.79 26.79 -9.25
C GLU G 326 -51.92 26.26 -7.84
N ILE G 327 -50.82 26.19 -7.09
CA ILE G 327 -50.89 25.73 -5.70
C ILE G 327 -51.70 26.69 -4.86
N GLU G 328 -51.53 28.00 -5.08
CA GLU G 328 -52.31 28.98 -4.34
C GLU G 328 -53.80 28.87 -4.70
N ARG G 329 -54.11 28.64 -5.97
CA ARG G 329 -55.50 28.43 -6.37
C ARG G 329 -56.08 27.20 -5.70
N LEU G 330 -55.30 26.12 -5.62
CA LEU G 330 -55.77 24.92 -4.94
C LEU G 330 -56.01 25.18 -3.46
N LYS G 331 -55.10 25.91 -2.81
CA LYS G 331 -55.26 26.21 -1.40
C LYS G 331 -56.49 27.07 -1.15
N ASN G 332 -56.75 28.05 -2.02
CA ASN G 332 -57.97 28.84 -1.90
C ASN G 332 -59.22 27.99 -2.14
N TYR G 333 -59.15 27.06 -3.09
CA TYR G 333 -60.29 26.19 -3.37
C TYR G 333 -60.59 25.24 -2.22
N ILE G 334 -59.59 24.85 -1.44
CA ILE G 334 -59.78 23.92 -0.33
C ILE G 334 -59.96 24.67 0.99
N SER G 335 -60.25 25.97 0.93
CA SER G 335 -60.47 26.77 2.12
C SER G 335 -61.96 26.99 2.35
N ALA G 336 -62.31 27.19 3.62
CA ALA G 336 -63.71 27.38 4.00
C ALA G 336 -64.20 28.76 3.60
N SER H 115 -1.06 6.24 49.32
CA SER H 115 -1.02 4.84 48.88
C SER H 115 -2.42 4.31 48.61
N ARG H 116 -3.24 5.13 47.97
CA ARG H 116 -4.61 4.76 47.65
C ARG H 116 -4.99 5.15 46.23
N HIS H 117 -4.02 5.28 45.33
CA HIS H 117 -4.27 5.62 43.94
C HIS H 117 -3.80 4.48 43.05
N VAL H 118 -4.51 4.31 41.94
CA VAL H 118 -4.26 3.22 40.99
C VAL H 118 -3.80 3.83 39.67
N VAL H 119 -2.70 3.32 39.14
CA VAL H 119 -2.13 3.78 37.89
C VAL H 119 -2.46 2.77 36.80
N ILE H 120 -2.97 3.25 35.67
CA ILE H 120 -3.34 2.41 34.55
C ILE H 120 -2.51 2.83 33.34
N CYS H 121 -1.81 1.88 32.75
CA CYS H 121 -1.00 2.12 31.56
C CYS H 121 -1.75 1.63 30.34
N GLY H 122 -1.98 2.53 29.38
CA GLY H 122 -2.76 2.20 28.21
C GLY H 122 -4.24 2.47 28.40
N TRP H 123 -5.00 2.20 27.35
CA TRP H 123 -6.44 2.43 27.39
C TRP H 123 -7.12 1.54 26.36
N SER H 124 -8.15 0.84 26.79
CA SER H 124 -8.94 -0.02 25.90
C SER H 124 -10.33 -0.18 26.53
N GLU H 125 -11.10 -1.12 25.99
CA GLU H 125 -12.43 -1.38 26.56
C GLU H 125 -12.33 -2.06 27.92
N SER H 126 -11.28 -2.85 28.15
CA SER H 126 -11.10 -3.49 29.44
C SER H 126 -10.90 -2.47 30.54
N THR H 127 -10.09 -1.43 30.28
CA THR H 127 -9.90 -0.38 31.26
C THR H 127 -11.19 0.40 31.51
N LEU H 128 -11.98 0.62 30.45
CA LEU H 128 -13.26 1.31 30.63
C LEU H 128 -14.19 0.49 31.51
N GLU H 129 -14.23 -0.84 31.31
CA GLU H 129 -15.04 -1.69 32.17
C GLU H 129 -14.51 -1.73 33.60
N CYS H 130 -13.19 -1.70 33.76
CA CYS H 130 -12.61 -1.69 35.10
C CYS H 130 -12.93 -0.41 35.85
N LEU H 131 -12.95 0.73 35.16
CA LEU H 131 -13.25 2.00 35.80
C LEU H 131 -14.69 2.10 36.29
N ARG H 132 -15.58 1.20 35.85
CA ARG H 132 -16.97 1.27 36.26
C ARG H 132 -17.14 1.02 37.76
N GLU H 133 -16.38 0.10 38.32
CA GLU H 133 -16.46 -0.23 39.74
C GLU H 133 -15.25 0.26 40.53
N LEU H 134 -14.71 1.42 40.14
CA LEU H 134 -13.63 2.06 40.85
C LEU H 134 -13.95 3.54 41.01
N ARG H 135 -13.38 4.14 42.07
CA ARG H 135 -13.60 5.55 42.33
C ARG H 135 -12.97 6.40 41.22
N GLY H 136 -13.74 7.33 40.68
CA GLY H 136 -13.28 8.13 39.56
C GLY H 136 -12.50 9.37 39.95
N SER H 137 -11.70 9.28 41.01
CA SER H 137 -10.87 10.38 41.43
C SER H 137 -9.45 9.99 41.80
N GLU H 138 -9.15 8.70 41.97
CA GLU H 138 -7.84 8.24 42.37
C GLU H 138 -7.14 7.42 41.28
N VAL H 139 -7.63 7.50 40.05
CA VAL H 139 -7.08 6.72 38.95
C VAL H 139 -6.34 7.65 37.99
N PHE H 140 -5.09 7.32 37.69
CA PHE H 140 -4.27 8.06 36.74
C PHE H 140 -4.02 7.18 35.53
N VAL H 141 -4.39 7.66 34.36
CA VAL H 141 -4.22 6.92 33.12
C VAL H 141 -3.01 7.48 32.38
N LEU H 142 -1.99 6.64 32.18
CA LEU H 142 -0.77 7.03 31.49
C LEU H 142 -0.86 6.53 30.05
N ALA H 143 -1.04 7.46 29.12
CA ALA H 143 -1.16 7.13 27.71
C ALA H 143 -0.36 8.15 26.90
N GLU H 144 0.01 7.75 25.69
CA GLU H 144 0.81 8.61 24.82
C GLU H 144 -0.01 9.31 23.74
N ASP H 145 -1.13 8.74 23.33
CA ASP H 145 -1.98 9.38 22.33
C ASP H 145 -2.81 10.48 22.97
N GLU H 146 -2.94 11.60 22.27
CA GLU H 146 -3.73 12.72 22.75
C GLU H 146 -5.23 12.50 22.59
N ASN H 147 -5.64 11.65 21.64
CA ASN H 147 -7.05 11.35 21.45
C ASN H 147 -7.66 10.60 22.62
N VAL H 148 -6.84 10.06 23.52
CA VAL H 148 -7.34 9.33 24.67
C VAL H 148 -7.74 10.28 25.80
N ARG H 149 -7.29 11.53 25.76
CA ARG H 149 -7.58 12.46 26.84
C ARG H 149 -9.08 12.69 26.99
N LYS H 150 -9.79 12.88 25.87
CA LYS H 150 -11.22 13.10 25.94
C LYS H 150 -11.95 11.88 26.52
N LYS H 151 -11.58 10.67 26.08
CA LYS H 151 -12.23 9.47 26.59
C LYS H 151 -11.97 9.29 28.10
N VAL H 152 -10.75 9.57 28.53
CA VAL H 152 -10.43 9.47 29.95
C VAL H 152 -11.23 10.49 30.73
N LEU H 153 -11.34 11.73 30.22
CA LEU H 153 -12.10 12.74 30.94
C LEU H 153 -13.58 12.42 30.99
N ARG H 154 -14.12 11.80 29.94
CA ARG H 154 -15.53 11.40 29.95
C ARG H 154 -15.78 10.39 31.05
N SER H 155 -14.87 9.43 31.21
CA SER H 155 -15.08 8.40 32.23
C SER H 155 -14.75 8.88 33.65
N GLY H 156 -14.21 10.08 33.81
CA GLY H 156 -13.89 10.59 35.12
C GLY H 156 -12.60 10.04 35.69
N ALA H 157 -11.49 10.35 35.02
CA ALA H 157 -10.17 9.91 35.46
C ALA H 157 -9.15 10.96 35.06
N ASN H 158 -7.99 10.91 35.73
CA ASN H 158 -6.92 11.86 35.51
C ASN H 158 -6.00 11.34 34.41
N PHE H 159 -5.72 12.17 33.42
CA PHE H 159 -4.89 11.77 32.29
C PHE H 159 -3.49 12.34 32.45
N VAL H 160 -2.49 11.48 32.25
CA VAL H 160 -1.08 11.85 32.31
C VAL H 160 -0.47 11.54 30.95
N HIS H 161 0.17 12.53 30.34
CA HIS H 161 0.74 12.38 29.01
C HIS H 161 2.19 11.92 29.11
N GLY H 162 2.47 10.75 28.57
CA GLY H 162 3.83 10.23 28.63
C GLY H 162 3.91 8.88 27.95
N ASP H 163 5.12 8.33 27.93
CA ASP H 163 5.38 7.02 27.34
C ASP H 163 5.47 5.98 28.44
N PRO H 164 4.54 5.02 28.51
CA PRO H 164 4.61 4.04 29.59
C PRO H 164 5.84 3.14 29.54
N THR H 165 6.48 3.00 28.40
CA THR H 165 7.66 2.14 28.31
C THR H 165 8.92 2.83 28.82
N ARG H 166 8.91 4.15 28.98
CA ARG H 166 10.07 4.88 29.47
C ARG H 166 10.02 5.00 30.98
N VAL H 167 11.17 4.77 31.64
CA VAL H 167 11.23 4.83 33.10
C VAL H 167 10.99 6.24 33.63
N SER H 168 11.47 7.24 32.89
CA SER H 168 11.31 8.61 33.34
C SER H 168 9.84 9.00 33.40
N ASP H 169 9.05 8.60 32.39
CA ASP H 169 7.63 8.93 32.41
C ASP H 169 6.84 8.11 33.42
N LEU H 170 7.33 6.92 33.76
CA LEU H 170 6.66 6.11 34.77
C LEU H 170 6.80 6.73 36.15
N GLU H 171 7.88 7.50 36.37
CA GLU H 171 7.99 8.20 37.65
C GLU H 171 7.05 9.40 37.78
N LYS H 172 6.67 10.01 36.66
CA LYS H 172 5.69 11.10 36.68
C LYS H 172 4.33 10.61 37.16
N ALA H 173 3.92 9.42 36.75
CA ALA H 173 2.66 8.84 37.18
C ALA H 173 2.67 8.40 38.64
N ASN H 174 3.83 8.43 39.29
CA ASN H 174 3.98 8.03 40.69
C ASN H 174 3.56 6.58 40.91
N VAL H 175 4.26 5.69 40.21
CA VAL H 175 4.05 4.26 40.37
C VAL H 175 4.63 3.76 41.69
N ARG H 176 5.51 4.52 42.31
CA ARG H 176 6.08 4.14 43.59
C ARG H 176 5.10 4.50 44.70
N GLY H 177 4.69 3.49 45.48
CA GLY H 177 3.73 3.72 46.54
C GLY H 177 2.31 3.85 46.04
N ALA H 178 1.80 2.80 45.40
CA ALA H 178 0.44 2.77 44.90
C ALA H 178 -0.19 1.43 45.21
N ARG H 179 -1.52 1.39 45.16
CA ARG H 179 -2.23 0.15 45.44
C ARG H 179 -1.87 -0.93 44.44
N ALA H 180 -2.00 -0.62 43.15
CA ALA H 180 -1.69 -1.56 42.09
C ALA H 180 -1.50 -0.80 40.80
N VAL H 181 -0.85 -1.46 39.84
CA VAL H 181 -0.63 -0.93 38.50
C VAL H 181 -1.23 -1.91 37.51
N ILE H 182 -2.07 -1.40 36.61
CA ILE H 182 -2.72 -2.21 35.58
C ILE H 182 -2.10 -1.87 34.25
N VAL H 183 -1.57 -2.88 33.56
CA VAL H 183 -0.88 -2.69 32.29
C VAL H 183 -1.69 -3.36 31.19
N ASP H 184 -2.12 -2.57 30.21
CA ASP H 184 -2.85 -3.08 29.06
C ASP H 184 -2.49 -2.19 27.87
N LEU H 185 -1.50 -2.62 27.09
CA LEU H 185 -0.98 -1.84 25.97
C LEU H 185 -1.35 -2.48 24.65
N GLU H 186 -0.85 -1.90 23.56
CA GLU H 186 -1.22 -2.34 22.22
C GLU H 186 -0.55 -3.64 21.81
N SER H 187 0.51 -4.06 22.48
CA SER H 187 1.21 -5.28 22.10
C SER H 187 1.88 -5.86 23.34
N ASP H 188 2.24 -7.14 23.24
CA ASP H 188 2.86 -7.84 24.37
C ASP H 188 4.26 -7.33 24.63
N SER H 189 4.98 -6.91 23.59
CA SER H 189 6.33 -6.39 23.79
C SER H 189 6.32 -5.15 24.65
N GLU H 190 5.39 -4.23 24.38
CA GLU H 190 5.28 -3.03 25.19
C GLU H 190 4.88 -3.37 26.62
N THR H 191 4.00 -4.36 26.79
CA THR H 191 3.60 -4.78 28.13
C THR H 191 4.79 -5.32 28.92
N ILE H 192 5.61 -6.16 28.27
CA ILE H 192 6.78 -6.72 28.95
C ILE H 192 7.76 -5.61 29.31
N HIS H 193 7.99 -4.68 28.38
CA HIS H 193 8.91 -3.58 28.68
C HIS H 193 8.40 -2.71 29.81
N CYS H 194 7.09 -2.44 29.84
CA CYS H 194 6.53 -1.64 30.93
C CYS H 194 6.63 -2.36 32.26
N ILE H 195 6.40 -3.67 32.29
CA ILE H 195 6.53 -4.42 33.53
C ILE H 195 7.98 -4.40 34.02
N LEU H 196 8.93 -4.57 33.09
CA LEU H 196 10.34 -4.50 33.47
C LEU H 196 10.71 -3.12 34.04
N GLY H 197 10.22 -2.06 33.41
CA GLY H 197 10.46 -0.73 33.93
C GLY H 197 9.85 -0.49 35.30
N ILE H 198 8.62 -0.96 35.51
CA ILE H 198 7.97 -0.81 36.81
C ILE H 198 8.75 -1.56 37.88
N ARG H 199 9.18 -2.79 37.58
CA ARG H 199 9.99 -3.54 38.53
C ARG H 199 11.33 -2.86 38.79
N LYS H 200 11.90 -2.19 37.79
CA LYS H 200 13.08 -1.38 38.03
C LYS H 200 12.80 -0.23 38.99
N ILE H 201 11.65 0.41 38.87
CA ILE H 201 11.31 1.51 39.76
C ILE H 201 10.95 1.00 41.15
N ASP H 202 9.90 0.20 41.24
CA ASP H 202 9.40 -0.33 42.51
C ASP H 202 9.38 -1.84 42.45
N GLU H 203 9.86 -2.49 43.52
CA GLU H 203 9.99 -3.94 43.52
C GLU H 203 8.83 -4.64 44.22
N SER H 204 8.10 -3.95 45.10
CA SER H 204 7.05 -4.57 45.89
C SER H 204 5.65 -4.19 45.45
N VAL H 205 5.50 -3.34 44.43
CA VAL H 205 4.18 -2.94 43.99
C VAL H 205 3.49 -4.08 43.26
N ARG H 206 2.17 -4.13 43.34
CA ARG H 206 1.38 -5.18 42.71
C ARG H 206 1.07 -4.80 41.26
N ILE H 207 1.35 -5.72 40.34
CA ILE H 207 1.18 -5.50 38.91
C ILE H 207 0.15 -6.49 38.38
N ILE H 208 -0.82 -5.97 37.64
CA ILE H 208 -1.84 -6.77 36.97
C ILE H 208 -1.72 -6.51 35.47
N ALA H 209 -1.39 -7.53 34.71
CA ALA H 209 -1.16 -7.40 33.28
C ALA H 209 -2.12 -8.27 32.50
N GLU H 210 -2.32 -7.90 31.24
CA GLU H 210 -3.18 -8.63 30.31
C GLU H 210 -2.33 -9.15 29.16
N ALA H 211 -2.48 -10.44 28.86
CA ALA H 211 -1.73 -11.10 27.80
C ALA H 211 -2.63 -11.34 26.59
N GLU H 212 -2.06 -11.16 25.40
CA GLU H 212 -2.77 -11.41 24.15
C GLU H 212 -2.47 -12.78 23.58
N ARG H 213 -1.20 -13.14 23.43
CA ARG H 213 -0.79 -14.43 22.92
C ARG H 213 -0.58 -15.41 24.07
N TYR H 214 -0.86 -16.68 23.81
CA TYR H 214 -0.71 -17.70 24.84
C TYR H 214 0.74 -17.92 25.22
N GLU H 215 1.67 -17.75 24.29
CA GLU H 215 3.07 -18.01 24.56
C GLU H 215 3.70 -16.95 25.46
N ASN H 216 3.03 -15.82 25.69
CA ASN H 216 3.60 -14.73 26.46
C ASN H 216 3.13 -14.70 27.91
N ILE H 217 2.38 -15.71 28.35
CA ILE H 217 1.94 -15.74 29.74
C ILE H 217 3.12 -15.98 30.66
N GLU H 218 3.97 -16.96 30.34
CA GLU H 218 5.14 -17.21 31.17
C GLU H 218 6.14 -16.06 31.09
N GLN H 219 6.22 -15.40 29.94
CA GLN H 219 7.09 -14.23 29.83
C GLN H 219 6.61 -13.12 30.75
N LEU H 220 5.30 -12.88 30.81
CA LEU H 220 4.78 -11.87 31.71
C LEU H 220 5.00 -12.27 33.17
N ARG H 221 4.85 -13.56 33.49
CA ARG H 221 5.07 -14.00 34.86
C ARG H 221 6.53 -13.84 35.28
N MET H 222 7.46 -14.15 34.36
CA MET H 222 8.87 -13.96 34.68
C MET H 222 9.25 -12.49 34.74
N ALA H 223 8.57 -11.63 33.98
CA ALA H 223 8.88 -10.21 33.99
C ALA H 223 8.59 -9.59 35.35
N GLY H 224 7.62 -10.12 36.08
CA GLY H 224 7.32 -9.63 37.41
C GLY H 224 5.85 -9.37 37.67
N ALA H 225 5.00 -9.78 36.75
CA ALA H 225 3.57 -9.59 36.91
C ALA H 225 3.02 -10.53 37.98
N ASP H 226 2.20 -10.00 38.87
CA ASP H 226 1.62 -10.81 39.93
C ASP H 226 0.38 -11.56 39.47
N GLN H 227 -0.40 -11.00 38.56
CA GLN H 227 -1.57 -11.66 38.03
C GLN H 227 -1.63 -11.42 36.53
N VAL H 228 -1.87 -12.48 35.76
CA VAL H 228 -1.92 -12.43 34.31
C VAL H 228 -3.31 -12.85 33.86
N ILE H 229 -3.91 -12.05 32.98
CA ILE H 229 -5.23 -12.33 32.43
C ILE H 229 -5.11 -12.43 30.92
N SER H 230 -5.65 -13.50 30.34
CA SER H 230 -5.59 -13.75 28.91
C SER H 230 -6.99 -13.96 28.35
N PRO H 231 -7.71 -12.88 28.01
CA PRO H 231 -9.08 -13.05 27.51
C PRO H 231 -9.14 -13.63 26.11
N PHE H 232 -8.14 -13.35 25.27
CA PHE H 232 -8.14 -13.85 23.90
C PHE H 232 -8.05 -15.37 23.87
N VAL H 233 -7.22 -15.95 24.73
CA VAL H 233 -7.08 -17.40 24.78
C VAL H 233 -8.39 -18.04 25.22
N ILE H 234 -9.04 -17.47 26.23
CA ILE H 234 -10.32 -18.01 26.70
C ILE H 234 -11.37 -17.92 25.60
N SER H 235 -11.43 -16.79 24.92
CA SER H 235 -12.41 -16.63 23.84
C SER H 235 -12.16 -17.62 22.71
N GLY H 236 -10.91 -17.82 22.30
CA GLY H 236 -10.63 -18.77 21.23
C GLY H 236 -10.96 -20.21 21.60
N ARG H 237 -10.68 -20.62 22.83
CA ARG H 237 -11.01 -21.98 23.26
C ARG H 237 -12.52 -22.16 23.37
N LEU H 238 -13.24 -21.12 23.79
CA LEU H 238 -14.69 -21.26 23.85
C LEU H 238 -15.30 -21.26 22.47
N MET H 239 -14.68 -20.55 21.50
CA MET H 239 -15.24 -20.51 20.15
C MET H 239 -15.18 -21.90 19.52
N SER H 240 -14.07 -22.60 19.68
CA SER H 240 -13.89 -23.90 19.04
C SER H 240 -14.69 -24.99 19.72
N ARG H 241 -15.01 -24.84 21.01
CA ARG H 241 -15.79 -25.86 21.72
C ARG H 241 -17.29 -25.63 21.71
N SER H 242 -17.76 -24.49 21.20
CA SER H 242 -19.18 -24.19 21.13
C SER H 242 -19.82 -24.54 19.80
N ILE H 243 -19.07 -25.11 18.85
CA ILE H 243 -19.64 -25.46 17.56
C ILE H 243 -20.70 -26.54 17.71
N ASP H 244 -20.41 -27.58 18.51
CA ASP H 244 -21.30 -28.72 18.62
C ASP H 244 -22.27 -28.58 19.80
N ASP H 245 -21.75 -28.41 21.02
CA ASP H 245 -22.58 -28.33 22.21
C ASP H 245 -22.70 -26.92 22.75
N GLY H 246 -21.59 -26.34 23.20
CA GLY H 246 -21.61 -24.98 23.73
C GLY H 246 -22.37 -24.76 25.02
N TYR H 247 -22.21 -25.65 26.00
CA TYR H 247 -22.79 -25.45 27.33
C TYR H 247 -21.82 -24.79 28.31
N GLU H 248 -20.53 -25.00 28.12
CA GLU H 248 -19.55 -24.30 28.93
C GLU H 248 -19.61 -22.81 28.65
N ALA H 249 -19.83 -22.42 27.38
CA ALA H 249 -19.91 -21.00 27.06
C ALA H 249 -21.08 -20.34 27.76
N MET H 250 -22.22 -21.05 27.85
CA MET H 250 -23.37 -20.52 28.56
C MET H 250 -23.04 -20.28 30.02
N PHE H 251 -22.39 -21.25 30.65
CA PHE H 251 -22.01 -21.07 32.06
C PHE H 251 -21.07 -19.88 32.23
N VAL H 252 -20.06 -19.77 31.38
CA VAL H 252 -19.09 -18.68 31.50
C VAL H 252 -19.78 -17.33 31.32
N GLN H 253 -20.59 -17.20 30.27
CA GLN H 253 -21.25 -15.93 29.99
C GLN H 253 -22.27 -15.57 31.07
N ASP H 254 -22.84 -16.55 31.76
CA ASP H 254 -23.85 -16.25 32.77
C ASP H 254 -23.27 -16.06 34.16
N VAL H 255 -22.05 -16.51 34.43
CA VAL H 255 -21.49 -16.36 35.78
C VAL H 255 -20.28 -15.43 35.83
N LEU H 256 -19.71 -15.02 34.70
CA LEU H 256 -18.57 -14.13 34.73
C LEU H 256 -18.81 -12.82 34.02
N ALA H 257 -19.59 -12.80 32.94
CA ALA H 257 -19.79 -11.59 32.16
C ALA H 257 -21.05 -10.85 32.60
N GLU H 258 -22.20 -11.51 32.55
CA GLU H 258 -23.48 -10.86 32.81
C GLU H 258 -23.93 -10.97 34.26
N GLU H 259 -23.60 -12.07 34.94
CA GLU H 259 -24.02 -12.31 36.32
C GLU H 259 -25.53 -12.20 36.47
N SER H 260 -26.25 -12.83 35.53
CA SER H 260 -27.70 -12.73 35.52
C SER H 260 -28.32 -13.41 36.73
N THR H 261 -27.87 -14.63 37.03
CA THR H 261 -28.43 -15.40 38.14
C THR H 261 -27.42 -15.64 39.26
N ARG H 262 -26.27 -16.23 38.94
CA ARG H 262 -25.24 -16.53 39.92
C ARG H 262 -23.98 -15.75 39.63
N ARG H 263 -23.11 -15.64 40.63
CA ARG H 263 -21.82 -15.01 40.48
C ARG H 263 -20.85 -15.62 41.47
N MET H 264 -19.56 -15.58 41.13
CA MET H 264 -18.53 -16.11 42.01
C MET H 264 -18.23 -15.11 43.11
N VAL H 265 -18.22 -15.59 44.35
CA VAL H 265 -18.02 -14.74 45.51
C VAL H 265 -16.90 -15.31 46.36
N GLU H 266 -16.02 -14.44 46.83
CA GLU H 266 -14.92 -14.81 47.73
C GLU H 266 -15.11 -14.07 49.05
N VAL H 267 -15.48 -14.79 50.10
CA VAL H 267 -15.80 -14.22 51.40
C VAL H 267 -14.72 -14.64 52.39
N PRO H 268 -14.00 -13.71 53.01
CA PRO H 268 -13.00 -14.09 54.00
C PRO H 268 -13.64 -14.62 55.28
N ILE H 269 -12.92 -15.50 55.96
CA ILE H 269 -13.36 -16.07 57.22
C ILE H 269 -12.90 -15.15 58.34
N PRO H 270 -13.82 -14.56 59.12
CA PRO H 270 -13.41 -13.68 60.22
C PRO H 270 -12.83 -14.47 61.38
N GLU H 271 -12.49 -13.76 62.47
CA GLU H 271 -11.83 -14.37 63.61
C GLU H 271 -12.87 -14.99 64.54
N GLY H 272 -12.73 -16.30 64.79
CA GLY H 272 -13.58 -16.99 65.75
C GLY H 272 -15.05 -16.96 65.42
N SER H 273 -15.42 -17.44 64.23
CA SER H 273 -16.82 -17.41 63.79
C SER H 273 -17.24 -18.80 63.33
N LYS H 274 -17.61 -19.64 64.29
CA LYS H 274 -18.34 -20.88 64.05
C LYS H 274 -17.60 -21.89 63.17
N LEU H 275 -16.37 -21.58 62.76
CA LEU H 275 -15.69 -22.41 61.78
C LEU H 275 -14.21 -22.65 62.08
N GLU H 276 -13.71 -22.22 63.23
CA GLU H 276 -12.30 -22.44 63.55
C GLU H 276 -12.13 -23.85 64.12
N GLY H 277 -11.51 -24.73 63.34
CA GLY H 277 -11.24 -26.08 63.78
C GLY H 277 -12.19 -27.14 63.26
N VAL H 278 -13.15 -26.77 62.42
CA VAL H 278 -14.10 -27.73 61.87
C VAL H 278 -13.64 -28.16 60.49
N SER H 279 -13.87 -29.43 60.15
CA SER H 279 -13.44 -29.96 58.87
C SER H 279 -14.45 -29.62 57.78
N VAL H 280 -14.09 -29.94 56.54
CA VAL H 280 -14.98 -29.68 55.41
C VAL H 280 -16.18 -30.62 55.44
N LEU H 281 -15.96 -31.88 55.79
CA LEU H 281 -17.03 -32.87 55.68
C LEU H 281 -18.20 -32.56 56.62
N ASP H 282 -17.90 -32.13 57.84
CA ASP H 282 -18.95 -31.81 58.79
C ASP H 282 -19.38 -30.35 58.74
N ALA H 283 -18.71 -29.52 57.93
CA ALA H 283 -19.16 -28.14 57.76
C ALA H 283 -20.51 -28.08 57.06
N ASP H 284 -20.72 -28.92 56.04
CA ASP H 284 -21.99 -29.02 55.32
C ASP H 284 -22.45 -27.66 54.79
N ILE H 285 -21.51 -26.93 54.18
CA ILE H 285 -21.82 -25.59 53.69
C ILE H 285 -22.84 -25.64 52.55
N HIS H 286 -22.67 -26.59 51.63
CA HIS H 286 -23.54 -26.65 50.46
C HIS H 286 -24.98 -26.96 50.82
N ASP H 287 -25.21 -27.85 51.79
CA ASP H 287 -26.56 -28.27 52.12
C ASP H 287 -27.30 -27.31 53.03
N VAL H 288 -26.62 -26.33 53.61
CA VAL H 288 -27.26 -25.35 54.49
C VAL H 288 -27.30 -23.96 53.88
N THR H 289 -26.50 -23.68 52.85
CA THR H 289 -26.48 -22.37 52.23
C THR H 289 -26.74 -22.40 50.73
N GLY H 290 -26.50 -23.53 50.07
CA GLY H 290 -26.68 -23.63 48.63
C GLY H 290 -25.53 -23.15 47.79
N VAL H 291 -24.46 -22.68 48.39
CA VAL H 291 -23.30 -22.19 47.66
C VAL H 291 -22.36 -23.36 47.39
N ILE H 292 -22.00 -23.54 46.12
CA ILE H 292 -21.07 -24.59 45.73
C ILE H 292 -19.66 -24.12 46.02
N ILE H 293 -18.94 -24.88 46.85
CA ILE H 293 -17.60 -24.48 47.29
C ILE H 293 -16.61 -24.94 46.22
N ILE H 294 -16.13 -24.00 45.40
CA ILE H 294 -15.16 -24.34 44.37
C ILE H 294 -13.81 -24.66 45.00
N GLY H 295 -13.37 -23.86 45.95
CA GLY H 295 -12.09 -24.09 46.59
C GLY H 295 -11.85 -23.07 47.69
N VAL H 296 -10.78 -23.30 48.43
CA VAL H 296 -10.38 -22.42 49.52
C VAL H 296 -8.91 -22.05 49.33
N GLY H 297 -8.60 -20.77 49.49
CA GLY H 297 -7.24 -20.31 49.28
C GLY H 297 -6.60 -19.66 50.49
N ARG H 298 -5.36 -20.03 50.79
CA ARG H 298 -4.60 -19.45 51.89
C ARG H 298 -3.18 -19.18 51.44
N GLY H 299 -2.71 -17.96 51.68
CA GLY H 299 -1.34 -17.60 51.37
C GLY H 299 -1.01 -17.67 49.89
N ASP H 300 -1.64 -16.81 49.10
CA ASP H 300 -1.49 -16.72 47.65
C ASP H 300 -1.42 -18.09 46.98
N GLU H 301 -2.27 -19.02 47.43
CA GLU H 301 -2.32 -20.36 46.87
C GLU H 301 -3.76 -20.84 46.95
N LEU H 302 -4.30 -21.29 45.82
CA LEU H 302 -5.68 -21.74 45.76
C LEU H 302 -5.72 -23.26 45.75
N ILE H 303 -6.55 -23.83 46.60
CA ILE H 303 -6.72 -25.27 46.69
C ILE H 303 -8.10 -25.59 46.12
N ILE H 304 -8.13 -25.97 44.85
CA ILE H 304 -9.39 -26.28 44.18
C ILE H 304 -9.88 -27.64 44.64
N ASP H 305 -11.16 -27.71 45.01
CA ASP H 305 -11.80 -28.91 45.53
C ASP H 305 -11.01 -29.47 46.70
N PRO H 306 -11.04 -28.82 47.87
CA PRO H 306 -10.24 -29.29 48.99
C PRO H 306 -10.75 -30.64 49.49
N PRO H 307 -9.85 -31.49 49.98
CA PRO H 307 -10.28 -32.79 50.53
C PRO H 307 -10.96 -32.61 51.88
N ARG H 308 -11.65 -33.67 52.31
CA ARG H 308 -12.34 -33.65 53.58
C ARG H 308 -11.38 -33.55 54.76
N ASP H 309 -10.12 -33.92 54.59
CA ASP H 309 -9.11 -33.79 55.63
C ASP H 309 -8.48 -32.40 55.55
N TYR H 310 -9.30 -31.40 55.86
CA TYR H 310 -8.89 -30.00 55.79
C TYR H 310 -9.56 -29.24 56.92
N SER H 311 -8.85 -28.30 57.50
CA SER H 311 -9.34 -27.50 58.62
C SER H 311 -9.37 -26.03 58.24
N PHE H 312 -10.49 -25.38 58.56
CA PHE H 312 -10.65 -23.96 58.29
C PHE H 312 -9.99 -23.14 59.38
N ARG H 313 -9.28 -22.09 58.98
CA ARG H 313 -8.60 -21.19 59.88
C ARG H 313 -9.11 -19.77 59.69
N ALA H 314 -8.68 -18.89 60.59
CA ALA H 314 -9.03 -17.48 60.50
C ALA H 314 -8.22 -16.82 59.39
N GLY H 315 -8.90 -16.07 58.53
CA GLY H 315 -8.26 -15.40 57.42
C GLY H 315 -8.37 -16.12 56.10
N ASP H 316 -8.76 -17.38 56.09
CA ASP H 316 -8.93 -18.12 54.84
C ASP H 316 -10.09 -17.55 54.04
N ILE H 317 -9.99 -17.68 52.72
CA ILE H 317 -10.98 -17.16 51.79
C ILE H 317 -11.63 -18.31 51.05
N ILE H 318 -12.96 -18.34 51.05
CA ILE H 318 -13.73 -19.39 50.41
C ILE H 318 -14.24 -18.87 49.07
N LEU H 319 -13.93 -19.60 48.01
CA LEU H 319 -14.38 -19.26 46.67
C LEU H 319 -15.58 -20.13 46.31
N GLY H 320 -16.71 -19.51 46.00
CA GLY H 320 -17.91 -20.25 45.73
C GLY H 320 -18.81 -19.55 44.73
N ILE H 321 -19.80 -20.29 44.24
CA ILE H 321 -20.78 -19.80 43.28
C ILE H 321 -22.16 -19.98 43.89
N GLY H 322 -22.96 -18.90 43.87
CA GLY H 322 -24.30 -18.98 44.43
C GLY H 322 -25.10 -17.73 44.09
N LYS H 323 -26.41 -17.85 44.32
CA LYS H 323 -27.31 -16.73 44.10
C LYS H 323 -27.09 -15.67 45.17
N PRO H 324 -27.47 -14.42 44.87
CA PRO H 324 -27.34 -13.36 45.89
C PRO H 324 -28.12 -13.63 47.15
N GLU H 325 -29.24 -14.37 47.06
CA GLU H 325 -29.98 -14.75 48.25
C GLU H 325 -29.24 -15.78 49.09
N GLU H 326 -28.30 -16.51 48.49
CA GLU H 326 -27.51 -17.52 49.20
C GLU H 326 -26.19 -16.98 49.71
N ILE H 327 -25.63 -15.96 49.06
CA ILE H 327 -24.38 -15.37 49.52
C ILE H 327 -24.57 -14.71 50.87
N GLU H 328 -25.69 -14.02 51.06
CA GLU H 328 -25.97 -13.41 52.35
C GLU H 328 -26.16 -14.47 53.44
N ARG H 329 -26.82 -15.58 53.11
CA ARG H 329 -26.96 -16.67 54.07
C ARG H 329 -25.60 -17.25 54.44
N LEU H 330 -24.71 -17.41 53.45
CA LEU H 330 -23.37 -17.90 53.74
C LEU H 330 -22.60 -16.93 54.62
N LYS H 331 -22.72 -15.63 54.35
CA LYS H 331 -22.02 -14.64 55.15
C LYS H 331 -22.53 -14.64 56.60
N ASN H 332 -23.85 -14.76 56.77
CA ASN H 332 -24.40 -14.87 58.12
C ASN H 332 -23.94 -16.15 58.81
N TYR H 333 -23.85 -17.26 58.07
CA TYR H 333 -23.41 -18.52 58.64
C TYR H 333 -21.94 -18.48 59.06
N ILE H 334 -21.11 -17.70 58.39
CA ILE H 334 -19.69 -17.62 58.71
C ILE H 334 -19.40 -16.44 59.64
N SER H 335 -20.43 -15.89 60.28
CA SER H 335 -20.26 -14.78 61.21
C SER H 335 -20.30 -15.29 62.64
N ALA H 336 -19.62 -14.56 63.53
CA ALA H 336 -19.55 -14.94 64.94
C ALA H 336 -20.88 -14.65 65.65
#